data_8XYU
# 
_entry.id   8XYU 
# 
_audit_conform.dict_name       mmcif_pdbx.dic 
_audit_conform.dict_version    5.403 
_audit_conform.dict_location   http://mmcif.pdb.org/dictionaries/ascii/mmcif_pdbx.dic 
# 
loop_
_database_2.database_id 
_database_2.database_code 
_database_2.pdbx_database_accession 
_database_2.pdbx_DOI 
PDB   8XYU         pdb_00008xyu 10.2210/pdb8xyu/pdb 
WWPDB D_1300044373 ?            ?                   
# 
loop_
_pdbx_audit_revision_history.ordinal 
_pdbx_audit_revision_history.data_content_type 
_pdbx_audit_revision_history.major_revision 
_pdbx_audit_revision_history.minor_revision 
_pdbx_audit_revision_history.revision_date 
_pdbx_audit_revision_history.part_number 
1 'Structure model' 1 0 2024-10-02 ? 
2 'Structure model' 1 1 2024-12-18 ? 
3 'Structure model' 1 2 2025-04-23 ? 
# 
_pdbx_audit_revision_details.ordinal             1 
_pdbx_audit_revision_details.revision_ordinal    1 
_pdbx_audit_revision_details.data_content_type   'Structure model' 
_pdbx_audit_revision_details.provider            repository 
_pdbx_audit_revision_details.type                'Initial release' 
_pdbx_audit_revision_details.description         ? 
_pdbx_audit_revision_details.details             ? 
# 
loop_
_pdbx_audit_revision_group.ordinal 
_pdbx_audit_revision_group.revision_ordinal 
_pdbx_audit_revision_group.data_content_type 
_pdbx_audit_revision_group.group 
1 2 'Structure model' 'Database references' 
2 2 'Structure model' 'Structure summary'   
3 3 'Structure model' 'Database references' 
# 
loop_
_pdbx_audit_revision_category.ordinal 
_pdbx_audit_revision_category.revision_ordinal 
_pdbx_audit_revision_category.data_content_type 
_pdbx_audit_revision_category.category 
1 2 'Structure model' citation           
2 2 'Structure model' pdbx_entry_details 
3 3 'Structure model' citation           
4 3 'Structure model' citation_author    
# 
loop_
_pdbx_audit_revision_item.ordinal 
_pdbx_audit_revision_item.revision_ordinal 
_pdbx_audit_revision_item.data_content_type 
_pdbx_audit_revision_item.item 
1 2 'Structure model' '_citation.journal_volume'          
2 2 'Structure model' '_citation.page_first'              
3 2 'Structure model' '_citation.page_last'               
4 3 'Structure model' '_citation.page_first'              
5 3 'Structure model' '_citation.page_last'               
6 3 'Structure model' '_citation_author.identifier_ORCID' 
# 
_pdbx_database_status.status_code                     REL 
_pdbx_database_status.status_code_sf                  REL 
_pdbx_database_status.status_code_mr                  ? 
_pdbx_database_status.entry_id                        8XYU 
_pdbx_database_status.recvd_initial_deposition_date   2024-01-20 
_pdbx_database_status.SG_entry                        N 
_pdbx_database_status.deposit_site                    PDBJ 
_pdbx_database_status.process_site                    PDBJ 
_pdbx_database_status.status_code_cs                  ? 
_pdbx_database_status.status_code_nmr_data            ? 
_pdbx_database_status.methods_development_category    ? 
_pdbx_database_status.pdb_format_compatible           Y 
# 
_pdbx_contact_author.id                 2 
_pdbx_contact_author.email              lhlai@pku.edu.cn 
_pdbx_contact_author.name_first         Luhua 
_pdbx_contact_author.name_last          Lai 
_pdbx_contact_author.name_mi            ? 
_pdbx_contact_author.role               'principal investigator/group leader' 
_pdbx_contact_author.identifier_ORCID   0000-0002-8343-7587 
# 
loop_
_audit_author.name 
_audit_author.pdbx_ordinal 
_audit_author.identifier_ORCID 
'Guo, Z.'   1 0009-0008-1461-1781 
'Liu, J.L.' 2 ?                   
'Lai, L.H.' 3 0000-0002-8343-7587 
# 
_citation.abstract                  ? 
_citation.abstract_id_CAS           ? 
_citation.book_id_ISBN              ? 
_citation.book_publisher            ? 
_citation.book_publisher_city       ? 
_citation.book_title                ? 
_citation.coordinate_linkage        ? 
_citation.country                   GE 
_citation.database_id_Medline       ? 
_citation.details                   ? 
_citation.id                        primary 
_citation.journal_abbrev            Angew.Chem.Int.Ed.Engl. 
_citation.journal_id_ASTM           ACIEAY 
_citation.journal_id_CSD            0179 
_citation.journal_id_ISSN           1521-3773 
_citation.journal_full              ? 
_citation.journal_issue             ? 
_citation.journal_volume            63 
_citation.language                  ? 
_citation.page_first                e202411461 
_citation.page_last                 e202411461 
_citation.title                     'All-Atom Protein Sequence Design Based on Geometric Deep Learning.' 
_citation.year                      2024 
_citation.database_id_CSD           ? 
_citation.pdbx_database_id_DOI      10.1002/anie.202411461 
_citation.pdbx_database_id_PubMed   39295564 
_citation.pdbx_database_id_patent   ? 
_citation.unpublished_flag          ? 
# 
loop_
_citation_author.citation_id 
_citation_author.name 
_citation_author.ordinal 
_citation_author.identifier_ORCID 
primary 'Liu, J.'   1 ?                   
primary 'Guo, Z.'   2 ?                   
primary 'You, H.'   3 ?                   
primary 'Zhang, C.' 4 ?                   
primary 'Lai, L.'   5 0000-0002-8343-7587 
# 
loop_
_entity.id 
_entity.type 
_entity.src_method 
_entity.pdbx_description 
_entity.formula_weight 
_entity.pdbx_number_of_molecules 
_entity.pdbx_ec 
_entity.pdbx_mutation 
_entity.pdbx_fragment 
_entity.details 
1 polymer man 'De novo designed GPX4-3' 20261.252 1   ? ? ? ? 
2 water   nat water                     18.015    171 ? ? ? ? 
# 
_entity_poly.entity_id                      1 
_entity_poly.type                           'polypeptide(L)' 
_entity_poly.nstd_linkage                   no 
_entity_poly.nstd_monomer                   no 
_entity_poly.pdbx_seq_one_letter_code       
;MAHHHHHHVGTDDWRCARSMHEFSAKDIDGHMVNLDKYRGFVCIVTNVASQCGKTEVNYTQLVDLHARYAECGLRILAFP
CNQFGKQEPGSNEEIKEFFAGYNFKGDLFSKICVNGDDAHPLWKWMKIQPKGKGILGNAIKWNFTKFLIDKNGCVVKRYG
PMEEPLVIEKDLPHYF
;
_entity_poly.pdbx_seq_one_letter_code_can   
;MAHHHHHHVGTDDWRCARSMHEFSAKDIDGHMVNLDKYRGFVCIVTNVASQCGKTEVNYTQLVDLHARYAECGLRILAFP
CNQFGKQEPGSNEEIKEFFAGYNFKGDLFSKICVNGDDAHPLWKWMKIQPKGKGILGNAIKWNFTKFLIDKNGCVVKRYG
PMEEPLVIEKDLPHYF
;
_entity_poly.pdbx_strand_id                 A 
_entity_poly.pdbx_target_identifier         ? 
# 
_pdbx_entity_nonpoly.entity_id   2 
_pdbx_entity_nonpoly.name        water 
_pdbx_entity_nonpoly.comp_id     HOH 
# 
loop_
_entity_poly_seq.entity_id 
_entity_poly_seq.num 
_entity_poly_seq.mon_id 
_entity_poly_seq.hetero 
1 1   MET n 
1 2   ALA n 
1 3   HIS n 
1 4   HIS n 
1 5   HIS n 
1 6   HIS n 
1 7   HIS n 
1 8   HIS n 
1 9   VAL n 
1 10  GLY n 
1 11  THR n 
1 12  ASP n 
1 13  ASP n 
1 14  TRP n 
1 15  ARG n 
1 16  CYS n 
1 17  ALA n 
1 18  ARG n 
1 19  SER n 
1 20  MET n 
1 21  HIS n 
1 22  GLU n 
1 23  PHE n 
1 24  SER n 
1 25  ALA n 
1 26  LYS n 
1 27  ASP n 
1 28  ILE n 
1 29  ASP n 
1 30  GLY n 
1 31  HIS n 
1 32  MET n 
1 33  VAL n 
1 34  ASN n 
1 35  LEU n 
1 36  ASP n 
1 37  LYS n 
1 38  TYR n 
1 39  ARG n 
1 40  GLY n 
1 41  PHE n 
1 42  VAL n 
1 43  CYS n 
1 44  ILE n 
1 45  VAL n 
1 46  THR n 
1 47  ASN n 
1 48  VAL n 
1 49  ALA n 
1 50  SER n 
1 51  GLN n 
1 52  CYS n 
1 53  GLY n 
1 54  LYS n 
1 55  THR n 
1 56  GLU n 
1 57  VAL n 
1 58  ASN n 
1 59  TYR n 
1 60  THR n 
1 61  GLN n 
1 62  LEU n 
1 63  VAL n 
1 64  ASP n 
1 65  LEU n 
1 66  HIS n 
1 67  ALA n 
1 68  ARG n 
1 69  TYR n 
1 70  ALA n 
1 71  GLU n 
1 72  CYS n 
1 73  GLY n 
1 74  LEU n 
1 75  ARG n 
1 76  ILE n 
1 77  LEU n 
1 78  ALA n 
1 79  PHE n 
1 80  PRO n 
1 81  CYS n 
1 82  ASN n 
1 83  GLN n 
1 84  PHE n 
1 85  GLY n 
1 86  LYS n 
1 87  GLN n 
1 88  GLU n 
1 89  PRO n 
1 90  GLY n 
1 91  SER n 
1 92  ASN n 
1 93  GLU n 
1 94  GLU n 
1 95  ILE n 
1 96  LYS n 
1 97  GLU n 
1 98  PHE n 
1 99  PHE n 
1 100 ALA n 
1 101 GLY n 
1 102 TYR n 
1 103 ASN n 
1 104 PHE n 
1 105 LYS n 
1 106 GLY n 
1 107 ASP n 
1 108 LEU n 
1 109 PHE n 
1 110 SER n 
1 111 LYS n 
1 112 ILE n 
1 113 CYS n 
1 114 VAL n 
1 115 ASN n 
1 116 GLY n 
1 117 ASP n 
1 118 ASP n 
1 119 ALA n 
1 120 HIS n 
1 121 PRO n 
1 122 LEU n 
1 123 TRP n 
1 124 LYS n 
1 125 TRP n 
1 126 MET n 
1 127 LYS n 
1 128 ILE n 
1 129 GLN n 
1 130 PRO n 
1 131 LYS n 
1 132 GLY n 
1 133 LYS n 
1 134 GLY n 
1 135 ILE n 
1 136 LEU n 
1 137 GLY n 
1 138 ASN n 
1 139 ALA n 
1 140 ILE n 
1 141 LYS n 
1 142 TRP n 
1 143 ASN n 
1 144 PHE n 
1 145 THR n 
1 146 LYS n 
1 147 PHE n 
1 148 LEU n 
1 149 ILE n 
1 150 ASP n 
1 151 LYS n 
1 152 ASN n 
1 153 GLY n 
1 154 CYS n 
1 155 VAL n 
1 156 VAL n 
1 157 LYS n 
1 158 ARG n 
1 159 TYR n 
1 160 GLY n 
1 161 PRO n 
1 162 MET n 
1 163 GLU n 
1 164 GLU n 
1 165 PRO n 
1 166 LEU n 
1 167 VAL n 
1 168 ILE n 
1 169 GLU n 
1 170 LYS n 
1 171 ASP n 
1 172 LEU n 
1 173 PRO n 
1 174 HIS n 
1 175 TYR n 
1 176 PHE n 
# 
_entity_src_gen.entity_id                          1 
_entity_src_gen.pdbx_src_id                        1 
_entity_src_gen.pdbx_alt_source_flag               sample 
_entity_src_gen.pdbx_seq_type                      'Biological sequence' 
_entity_src_gen.pdbx_beg_seq_num                   1 
_entity_src_gen.pdbx_end_seq_num                   176 
_entity_src_gen.gene_src_common_name               ? 
_entity_src_gen.gene_src_genus                     ? 
_entity_src_gen.pdbx_gene_src_gene                 ? 
_entity_src_gen.gene_src_species                   ? 
_entity_src_gen.gene_src_strain                    ? 
_entity_src_gen.gene_src_tissue                    ? 
_entity_src_gen.gene_src_tissue_fraction           ? 
_entity_src_gen.gene_src_details                   ? 
_entity_src_gen.pdbx_gene_src_fragment             ? 
_entity_src_gen.pdbx_gene_src_scientific_name      'synthetic construct' 
_entity_src_gen.pdbx_gene_src_ncbi_taxonomy_id     32630 
_entity_src_gen.pdbx_gene_src_variant              ? 
_entity_src_gen.pdbx_gene_src_cell_line            ? 
_entity_src_gen.pdbx_gene_src_atcc                 ? 
_entity_src_gen.pdbx_gene_src_organ                ? 
_entity_src_gen.pdbx_gene_src_organelle            ? 
_entity_src_gen.pdbx_gene_src_cell                 ? 
_entity_src_gen.pdbx_gene_src_cellular_location    ? 
_entity_src_gen.host_org_common_name               ? 
_entity_src_gen.pdbx_host_org_scientific_name      'Escherichia coli BL21(DE3)' 
_entity_src_gen.pdbx_host_org_ncbi_taxonomy_id     469008 
_entity_src_gen.host_org_genus                     ? 
_entity_src_gen.pdbx_host_org_gene                 ? 
_entity_src_gen.pdbx_host_org_organ                ? 
_entity_src_gen.host_org_species                   ? 
_entity_src_gen.pdbx_host_org_tissue               ? 
_entity_src_gen.pdbx_host_org_tissue_fraction      ? 
_entity_src_gen.pdbx_host_org_strain               ? 
_entity_src_gen.pdbx_host_org_variant              ? 
_entity_src_gen.pdbx_host_org_cell_line            ? 
_entity_src_gen.pdbx_host_org_atcc                 ? 
_entity_src_gen.pdbx_host_org_culture_collection   ? 
_entity_src_gen.pdbx_host_org_cell                 ? 
_entity_src_gen.pdbx_host_org_organelle            ? 
_entity_src_gen.pdbx_host_org_cellular_location    ? 
_entity_src_gen.pdbx_host_org_vector_type          ? 
_entity_src_gen.pdbx_host_org_vector               ? 
_entity_src_gen.host_org_details                   ? 
_entity_src_gen.expression_system_id               ? 
_entity_src_gen.plasmid_name                       ? 
_entity_src_gen.plasmid_details                    ? 
_entity_src_gen.pdbx_description                   ? 
# 
loop_
_chem_comp.id 
_chem_comp.type 
_chem_comp.mon_nstd_flag 
_chem_comp.name 
_chem_comp.pdbx_synonyms 
_chem_comp.formula 
_chem_comp.formula_weight 
ALA 'L-peptide linking' y ALANINE         ? 'C3 H7 N O2'     89.093  
ARG 'L-peptide linking' y ARGININE        ? 'C6 H15 N4 O2 1' 175.209 
ASN 'L-peptide linking' y ASPARAGINE      ? 'C4 H8 N2 O3'    132.118 
ASP 'L-peptide linking' y 'ASPARTIC ACID' ? 'C4 H7 N O4'     133.103 
CYS 'L-peptide linking' y CYSTEINE        ? 'C3 H7 N O2 S'   121.158 
GLN 'L-peptide linking' y GLUTAMINE       ? 'C5 H10 N2 O3'   146.144 
GLU 'L-peptide linking' y 'GLUTAMIC ACID' ? 'C5 H9 N O4'     147.129 
GLY 'peptide linking'   y GLYCINE         ? 'C2 H5 N O2'     75.067  
HIS 'L-peptide linking' y HISTIDINE       ? 'C6 H10 N3 O2 1' 156.162 
HOH non-polymer         . WATER           ? 'H2 O'           18.015  
ILE 'L-peptide linking' y ISOLEUCINE      ? 'C6 H13 N O2'    131.173 
LEU 'L-peptide linking' y LEUCINE         ? 'C6 H13 N O2'    131.173 
LYS 'L-peptide linking' y LYSINE          ? 'C6 H15 N2 O2 1' 147.195 
MET 'L-peptide linking' y METHIONINE      ? 'C5 H11 N O2 S'  149.211 
PHE 'L-peptide linking' y PHENYLALANINE   ? 'C9 H11 N O2'    165.189 
PRO 'L-peptide linking' y PROLINE         ? 'C5 H9 N O2'     115.130 
SER 'L-peptide linking' y SERINE          ? 'C3 H7 N O3'     105.093 
THR 'L-peptide linking' y THREONINE       ? 'C4 H9 N O3'     119.119 
TRP 'L-peptide linking' y TRYPTOPHAN      ? 'C11 H12 N2 O2'  204.225 
TYR 'L-peptide linking' y TYROSINE        ? 'C9 H11 N O3'    181.189 
VAL 'L-peptide linking' y VALINE          ? 'C5 H11 N O2'    117.146 
# 
loop_
_pdbx_poly_seq_scheme.asym_id 
_pdbx_poly_seq_scheme.entity_id 
_pdbx_poly_seq_scheme.seq_id 
_pdbx_poly_seq_scheme.mon_id 
_pdbx_poly_seq_scheme.ndb_seq_num 
_pdbx_poly_seq_scheme.pdb_seq_num 
_pdbx_poly_seq_scheme.auth_seq_num 
_pdbx_poly_seq_scheme.pdb_mon_id 
_pdbx_poly_seq_scheme.auth_mon_id 
_pdbx_poly_seq_scheme.pdb_strand_id 
_pdbx_poly_seq_scheme.pdb_ins_code 
_pdbx_poly_seq_scheme.hetero 
A 1 1   MET 1   -7  ?   ?   ?   A . n 
A 1 2   ALA 2   -6  ?   ?   ?   A . n 
A 1 3   HIS 3   -5  ?   ?   ?   A . n 
A 1 4   HIS 4   -4  ?   ?   ?   A . n 
A 1 5   HIS 5   -3  ?   ?   ?   A . n 
A 1 6   HIS 6   -2  ?   ?   ?   A . n 
A 1 7   HIS 7   -1  ?   ?   ?   A . n 
A 1 8   HIS 8   0   0   HIS HIS A . n 
A 1 9   VAL 9   1   1   VAL VAL A . n 
A 1 10  GLY 10  2   2   GLY GLY A . n 
A 1 11  THR 11  3   3   THR THR A . n 
A 1 12  ASP 12  4   4   ASP ASP A . n 
A 1 13  ASP 13  5   5   ASP ASP A . n 
A 1 14  TRP 14  6   6   TRP TRP A . n 
A 1 15  ARG 15  7   7   ARG ARG A . n 
A 1 16  CYS 16  8   8   CYS CYS A . n 
A 1 17  ALA 17  9   9   ALA ALA A . n 
A 1 18  ARG 18  10  10  ARG ARG A . n 
A 1 19  SER 19  11  11  SER SER A . n 
A 1 20  MET 20  12  12  MET MET A . n 
A 1 21  HIS 21  13  13  HIS HIS A . n 
A 1 22  GLU 22  14  14  GLU GLU A . n 
A 1 23  PHE 23  15  15  PHE PHE A . n 
A 1 24  SER 24  16  16  SER SER A . n 
A 1 25  ALA 25  17  17  ALA ALA A . n 
A 1 26  LYS 26  18  18  LYS LYS A . n 
A 1 27  ASP 27  19  19  ASP ASP A . n 
A 1 28  ILE 28  20  20  ILE ILE A . n 
A 1 29  ASP 29  21  21  ASP ASP A . n 
A 1 30  GLY 30  22  22  GLY GLY A . n 
A 1 31  HIS 31  23  23  HIS HIS A . n 
A 1 32  MET 32  24  24  MET MET A . n 
A 1 33  VAL 33  25  25  VAL VAL A . n 
A 1 34  ASN 34  26  26  ASN ASN A . n 
A 1 35  LEU 35  27  27  LEU LEU A . n 
A 1 36  ASP 36  28  28  ASP ASP A . n 
A 1 37  LYS 37  29  29  LYS LYS A . n 
A 1 38  TYR 38  30  30  TYR TYR A . n 
A 1 39  ARG 39  31  31  ARG ARG A . n 
A 1 40  GLY 40  32  32  GLY GLY A . n 
A 1 41  PHE 41  33  33  PHE PHE A . n 
A 1 42  VAL 42  34  34  VAL VAL A . n 
A 1 43  CYS 43  35  35  CYS CYS A . n 
A 1 44  ILE 44  36  36  ILE ILE A . n 
A 1 45  VAL 45  37  37  VAL VAL A . n 
A 1 46  THR 46  38  38  THR THR A . n 
A 1 47  ASN 47  39  39  ASN ASN A . n 
A 1 48  VAL 48  40  40  VAL VAL A . n 
A 1 49  ALA 49  41  41  ALA ALA A . n 
A 1 50  SER 50  42  42  SER SER A . n 
A 1 51  GLN 51  43  43  GLN GLN A . n 
A 1 52  CYS 52  44  44  CYS CYS A . n 
A 1 53  GLY 53  45  45  GLY GLY A . n 
A 1 54  LYS 54  46  46  LYS LYS A . n 
A 1 55  THR 55  47  47  THR THR A . n 
A 1 56  GLU 56  48  48  GLU GLU A . n 
A 1 57  VAL 57  49  49  VAL VAL A . n 
A 1 58  ASN 58  50  50  ASN ASN A . n 
A 1 59  TYR 59  51  51  TYR TYR A . n 
A 1 60  THR 60  52  52  THR THR A . n 
A 1 61  GLN 61  53  53  GLN GLN A . n 
A 1 62  LEU 62  54  54  LEU LEU A . n 
A 1 63  VAL 63  55  55  VAL VAL A . n 
A 1 64  ASP 64  56  56  ASP ASP A . n 
A 1 65  LEU 65  57  57  LEU LEU A . n 
A 1 66  HIS 66  58  58  HIS HIS A . n 
A 1 67  ALA 67  59  59  ALA ALA A . n 
A 1 68  ARG 68  60  60  ARG ARG A . n 
A 1 69  TYR 69  61  61  TYR TYR A . n 
A 1 70  ALA 70  62  62  ALA ALA A . n 
A 1 71  GLU 71  63  63  GLU GLU A . n 
A 1 72  CYS 72  64  64  CYS CYS A . n 
A 1 73  GLY 73  65  65  GLY GLY A . n 
A 1 74  LEU 74  66  66  LEU LEU A . n 
A 1 75  ARG 75  67  67  ARG ARG A . n 
A 1 76  ILE 76  68  68  ILE ILE A . n 
A 1 77  LEU 77  69  69  LEU LEU A . n 
A 1 78  ALA 78  70  70  ALA ALA A . n 
A 1 79  PHE 79  71  71  PHE PHE A . n 
A 1 80  PRO 80  72  72  PRO PRO A . n 
A 1 81  CYS 81  73  73  CYS CYS A . n 
A 1 82  ASN 82  74  74  ASN ASN A . n 
A 1 83  GLN 83  75  75  GLN GLN A . n 
A 1 84  PHE 84  76  76  PHE PHE A . n 
A 1 85  GLY 85  77  77  GLY GLY A . n 
A 1 86  LYS 86  78  78  LYS LYS A . n 
A 1 87  GLN 87  79  79  GLN GLN A . n 
A 1 88  GLU 88  80  80  GLU GLU A . n 
A 1 89  PRO 89  81  81  PRO PRO A . n 
A 1 90  GLY 90  82  82  GLY GLY A . n 
A 1 91  SER 91  83  83  SER SER A . n 
A 1 92  ASN 92  84  84  ASN ASN A . n 
A 1 93  GLU 93  85  85  GLU GLU A . n 
A 1 94  GLU 94  86  86  GLU GLU A . n 
A 1 95  ILE 95  87  87  ILE ILE A . n 
A 1 96  LYS 96  88  88  LYS LYS A . n 
A 1 97  GLU 97  89  89  GLU GLU A . n 
A 1 98  PHE 98  90  90  PHE PHE A . n 
A 1 99  PHE 99  91  91  PHE PHE A . n 
A 1 100 ALA 100 92  92  ALA ALA A . n 
A 1 101 GLY 101 93  93  GLY GLY A . n 
A 1 102 TYR 102 94  94  TYR TYR A . n 
A 1 103 ASN 103 95  95  ASN ASN A . n 
A 1 104 PHE 104 96  96  PHE PHE A . n 
A 1 105 LYS 105 97  97  LYS LYS A . n 
A 1 106 GLY 106 98  98  GLY GLY A . n 
A 1 107 ASP 107 99  99  ASP ASP A . n 
A 1 108 LEU 108 100 100 LEU LEU A . n 
A 1 109 PHE 109 101 101 PHE PHE A . n 
A 1 110 SER 110 102 102 SER SER A . n 
A 1 111 LYS 111 103 103 LYS LYS A . n 
A 1 112 ILE 112 104 104 ILE ILE A . n 
A 1 113 CYS 113 105 105 CYS CYS A . n 
A 1 114 VAL 114 106 106 VAL VAL A . n 
A 1 115 ASN 115 107 107 ASN ASN A . n 
A 1 116 GLY 116 108 108 GLY GLY A . n 
A 1 117 ASP 117 109 109 ASP ASP A . n 
A 1 118 ASP 118 110 110 ASP ASP A . n 
A 1 119 ALA 119 111 111 ALA ALA A . n 
A 1 120 HIS 120 112 112 HIS HIS A . n 
A 1 121 PRO 121 113 113 PRO PRO A . n 
A 1 122 LEU 122 114 114 LEU LEU A . n 
A 1 123 TRP 123 115 115 TRP TRP A . n 
A 1 124 LYS 124 116 116 LYS LYS A . n 
A 1 125 TRP 125 117 117 TRP TRP A . n 
A 1 126 MET 126 118 118 MET MET A . n 
A 1 127 LYS 127 119 119 LYS LYS A . n 
A 1 128 ILE 128 120 120 ILE ILE A . n 
A 1 129 GLN 129 121 121 GLN GLN A . n 
A 1 130 PRO 130 122 122 PRO PRO A . n 
A 1 131 LYS 131 123 123 LYS LYS A . n 
A 1 132 GLY 132 124 124 GLY GLY A . n 
A 1 133 LYS 133 125 125 LYS LYS A . n 
A 1 134 GLY 134 126 126 GLY GLY A . n 
A 1 135 ILE 135 127 127 ILE ILE A . n 
A 1 136 LEU 136 128 128 LEU LEU A . n 
A 1 137 GLY 137 129 129 GLY GLY A . n 
A 1 138 ASN 138 130 130 ASN ASN A . n 
A 1 139 ALA 139 131 131 ALA ALA A . n 
A 1 140 ILE 140 132 132 ILE ILE A . n 
A 1 141 LYS 141 133 133 LYS LYS A . n 
A 1 142 TRP 142 134 134 TRP TRP A . n 
A 1 143 ASN 143 135 135 ASN ASN A . n 
A 1 144 PHE 144 136 136 PHE PHE A . n 
A 1 145 THR 145 137 137 THR THR A . n 
A 1 146 LYS 146 138 138 LYS LYS A . n 
A 1 147 PHE 147 139 139 PHE PHE A . n 
A 1 148 LEU 148 140 140 LEU LEU A . n 
A 1 149 ILE 149 141 141 ILE ILE A . n 
A 1 150 ASP 150 142 142 ASP ASP A . n 
A 1 151 LYS 151 143 143 LYS LYS A . n 
A 1 152 ASN 152 144 144 ASN ASN A . n 
A 1 153 GLY 153 145 145 GLY GLY A . n 
A 1 154 CYS 154 146 146 CYS CYS A . n 
A 1 155 VAL 155 147 147 VAL VAL A . n 
A 1 156 VAL 156 148 148 VAL VAL A . n 
A 1 157 LYS 157 149 149 LYS LYS A . n 
A 1 158 ARG 158 150 150 ARG ARG A . n 
A 1 159 TYR 159 151 151 TYR TYR A . n 
A 1 160 GLY 160 152 152 GLY GLY A . n 
A 1 161 PRO 161 153 153 PRO PRO A . n 
A 1 162 MET 162 154 154 MET MET A . n 
A 1 163 GLU 163 155 155 GLU GLU A . n 
A 1 164 GLU 164 156 156 GLU GLU A . n 
A 1 165 PRO 165 157 157 PRO PRO A . n 
A 1 166 LEU 166 158 158 LEU LEU A . n 
A 1 167 VAL 167 159 159 VAL VAL A . n 
A 1 168 ILE 168 160 160 ILE ILE A . n 
A 1 169 GLU 169 161 161 GLU GLU A . n 
A 1 170 LYS 170 162 162 LYS LYS A . n 
A 1 171 ASP 171 163 163 ASP ASP A . n 
A 1 172 LEU 172 164 164 LEU LEU A . n 
A 1 173 PRO 173 165 165 PRO PRO A . n 
A 1 174 HIS 174 166 166 HIS HIS A . n 
A 1 175 TYR 175 167 167 TYR TYR A . n 
A 1 176 PHE 176 168 168 PHE PHE A . n 
# 
loop_
_pdbx_nonpoly_scheme.asym_id 
_pdbx_nonpoly_scheme.entity_id 
_pdbx_nonpoly_scheme.mon_id 
_pdbx_nonpoly_scheme.ndb_seq_num 
_pdbx_nonpoly_scheme.pdb_seq_num 
_pdbx_nonpoly_scheme.auth_seq_num 
_pdbx_nonpoly_scheme.pdb_mon_id 
_pdbx_nonpoly_scheme.auth_mon_id 
_pdbx_nonpoly_scheme.pdb_strand_id 
_pdbx_nonpoly_scheme.pdb_ins_code 
B 2 HOH 1   201 138 HOH HOH A . 
B 2 HOH 2   202 28  HOH HOH A . 
B 2 HOH 3   203 19  HOH HOH A . 
B 2 HOH 4   204 95  HOH HOH A . 
B 2 HOH 5   205 152 HOH HOH A . 
B 2 HOH 6   206 137 HOH HOH A . 
B 2 HOH 7   207 70  HOH HOH A . 
B 2 HOH 8   208 77  HOH HOH A . 
B 2 HOH 9   209 35  HOH HOH A . 
B 2 HOH 10  210 86  HOH HOH A . 
B 2 HOH 11  211 37  HOH HOH A . 
B 2 HOH 12  212 102 HOH HOH A . 
B 2 HOH 13  213 149 HOH HOH A . 
B 2 HOH 14  214 175 HOH HOH A . 
B 2 HOH 15  215 11  HOH HOH A . 
B 2 HOH 16  216 44  HOH HOH A . 
B 2 HOH 17  217 71  HOH HOH A . 
B 2 HOH 18  218 3   HOH HOH A . 
B 2 HOH 19  219 47  HOH HOH A . 
B 2 HOH 20  220 13  HOH HOH A . 
B 2 HOH 21  221 104 HOH HOH A . 
B 2 HOH 22  222 90  HOH HOH A . 
B 2 HOH 23  223 33  HOH HOH A . 
B 2 HOH 24  224 180 HOH HOH A . 
B 2 HOH 25  225 7   HOH HOH A . 
B 2 HOH 26  226 16  HOH HOH A . 
B 2 HOH 27  227 57  HOH HOH A . 
B 2 HOH 28  228 160 HOH HOH A . 
B 2 HOH 29  229 114 HOH HOH A . 
B 2 HOH 30  230 27  HOH HOH A . 
B 2 HOH 31  231 111 HOH HOH A . 
B 2 HOH 32  232 36  HOH HOH A . 
B 2 HOH 33  233 25  HOH HOH A . 
B 2 HOH 34  234 63  HOH HOH A . 
B 2 HOH 35  235 165 HOH HOH A . 
B 2 HOH 36  236 143 HOH HOH A . 
B 2 HOH 37  237 52  HOH HOH A . 
B 2 HOH 38  238 40  HOH HOH A . 
B 2 HOH 39  239 1   HOH HOH A . 
B 2 HOH 40  240 17  HOH HOH A . 
B 2 HOH 41  241 64  HOH HOH A . 
B 2 HOH 42  242 2   HOH HOH A . 
B 2 HOH 43  243 50  HOH HOH A . 
B 2 HOH 44  244 185 HOH HOH A . 
B 2 HOH 45  245 38  HOH HOH A . 
B 2 HOH 46  246 10  HOH HOH A . 
B 2 HOH 47  247 24  HOH HOH A . 
B 2 HOH 48  248 117 HOH HOH A . 
B 2 HOH 49  249 15  HOH HOH A . 
B 2 HOH 50  250 65  HOH HOH A . 
B 2 HOH 51  251 39  HOH HOH A . 
B 2 HOH 52  252 8   HOH HOH A . 
B 2 HOH 53  253 99  HOH HOH A . 
B 2 HOH 54  254 121 HOH HOH A . 
B 2 HOH 55  255 18  HOH HOH A . 
B 2 HOH 56  256 74  HOH HOH A . 
B 2 HOH 57  257 61  HOH HOH A . 
B 2 HOH 58  258 153 HOH HOH A . 
B 2 HOH 59  259 101 HOH HOH A . 
B 2 HOH 60  260 69  HOH HOH A . 
B 2 HOH 61  261 105 HOH HOH A . 
B 2 HOH 62  262 169 HOH HOH A . 
B 2 HOH 63  263 6   HOH HOH A . 
B 2 HOH 64  264 183 HOH HOH A . 
B 2 HOH 65  265 93  HOH HOH A . 
B 2 HOH 66  266 30  HOH HOH A . 
B 2 HOH 67  267 87  HOH HOH A . 
B 2 HOH 68  268 41  HOH HOH A . 
B 2 HOH 69  269 29  HOH HOH A . 
B 2 HOH 70  270 178 HOH HOH A . 
B 2 HOH 71  271 131 HOH HOH A . 
B 2 HOH 72  272 59  HOH HOH A . 
B 2 HOH 73  273 150 HOH HOH A . 
B 2 HOH 74  274 54  HOH HOH A . 
B 2 HOH 75  275 5   HOH HOH A . 
B 2 HOH 76  276 20  HOH HOH A . 
B 2 HOH 77  277 72  HOH HOH A . 
B 2 HOH 78  278 4   HOH HOH A . 
B 2 HOH 79  279 89  HOH HOH A . 
B 2 HOH 80  280 171 HOH HOH A . 
B 2 HOH 81  281 55  HOH HOH A . 
B 2 HOH 82  282 78  HOH HOH A . 
B 2 HOH 83  283 82  HOH HOH A . 
B 2 HOH 84  284 51  HOH HOH A . 
B 2 HOH 85  285 100 HOH HOH A . 
B 2 HOH 86  286 186 HOH HOH A . 
B 2 HOH 87  287 23  HOH HOH A . 
B 2 HOH 88  288 170 HOH HOH A . 
B 2 HOH 89  289 107 HOH HOH A . 
B 2 HOH 90  290 129 HOH HOH A . 
B 2 HOH 91  291 88  HOH HOH A . 
B 2 HOH 92  292 136 HOH HOH A . 
B 2 HOH 93  293 31  HOH HOH A . 
B 2 HOH 94  294 182 HOH HOH A . 
B 2 HOH 95  295 43  HOH HOH A . 
B 2 HOH 96  296 49  HOH HOH A . 
B 2 HOH 97  297 21  HOH HOH A . 
B 2 HOH 98  298 32  HOH HOH A . 
B 2 HOH 99  299 80  HOH HOH A . 
B 2 HOH 100 300 9   HOH HOH A . 
B 2 HOH 101 301 158 HOH HOH A . 
B 2 HOH 102 302 26  HOH HOH A . 
B 2 HOH 103 303 12  HOH HOH A . 
B 2 HOH 104 304 22  HOH HOH A . 
B 2 HOH 105 305 172 HOH HOH A . 
B 2 HOH 106 306 127 HOH HOH A . 
B 2 HOH 107 307 133 HOH HOH A . 
B 2 HOH 108 308 174 HOH HOH A . 
B 2 HOH 109 309 58  HOH HOH A . 
B 2 HOH 110 310 112 HOH HOH A . 
B 2 HOH 111 311 60  HOH HOH A . 
B 2 HOH 112 312 123 HOH HOH A . 
B 2 HOH 113 313 98  HOH HOH A . 
B 2 HOH 114 314 53  HOH HOH A . 
B 2 HOH 115 315 97  HOH HOH A . 
B 2 HOH 116 316 48  HOH HOH A . 
B 2 HOH 117 317 34  HOH HOH A . 
B 2 HOH 118 318 45  HOH HOH A . 
B 2 HOH 119 319 62  HOH HOH A . 
B 2 HOH 120 320 91  HOH HOH A . 
B 2 HOH 121 321 110 HOH HOH A . 
B 2 HOH 122 322 124 HOH HOH A . 
B 2 HOH 123 323 184 HOH HOH A . 
B 2 HOH 124 324 84  HOH HOH A . 
B 2 HOH 125 325 162 HOH HOH A . 
B 2 HOH 126 326 85  HOH HOH A . 
B 2 HOH 127 327 73  HOH HOH A . 
B 2 HOH 128 328 167 HOH HOH A . 
B 2 HOH 129 329 141 HOH HOH A . 
B 2 HOH 130 330 187 HOH HOH A . 
B 2 HOH 131 331 75  HOH HOH A . 
B 2 HOH 132 332 144 HOH HOH A . 
B 2 HOH 133 333 128 HOH HOH A . 
B 2 HOH 134 334 147 HOH HOH A . 
B 2 HOH 135 335 76  HOH HOH A . 
B 2 HOH 136 336 164 HOH HOH A . 
B 2 HOH 137 337 103 HOH HOH A . 
B 2 HOH 138 338 156 HOH HOH A . 
B 2 HOH 139 339 151 HOH HOH A . 
B 2 HOH 140 340 113 HOH HOH A . 
B 2 HOH 141 341 168 HOH HOH A . 
B 2 HOH 142 342 92  HOH HOH A . 
B 2 HOH 143 343 120 HOH HOH A . 
B 2 HOH 144 344 83  HOH HOH A . 
B 2 HOH 145 345 140 HOH HOH A . 
B 2 HOH 146 346 66  HOH HOH A . 
B 2 HOH 147 347 68  HOH HOH A . 
B 2 HOH 148 348 139 HOH HOH A . 
B 2 HOH 149 349 42  HOH HOH A . 
B 2 HOH 150 350 188 HOH HOH A . 
B 2 HOH 151 351 56  HOH HOH A . 
B 2 HOH 152 352 67  HOH HOH A . 
B 2 HOH 153 353 176 HOH HOH A . 
B 2 HOH 154 354 135 HOH HOH A . 
B 2 HOH 155 355 173 HOH HOH A . 
B 2 HOH 156 356 106 HOH HOH A . 
B 2 HOH 157 357 155 HOH HOH A . 
B 2 HOH 158 358 157 HOH HOH A . 
B 2 HOH 159 359 126 HOH HOH A . 
B 2 HOH 160 360 108 HOH HOH A . 
B 2 HOH 161 361 145 HOH HOH A . 
B 2 HOH 162 362 142 HOH HOH A . 
B 2 HOH 163 363 116 HOH HOH A . 
B 2 HOH 164 364 46  HOH HOH A . 
B 2 HOH 165 365 118 HOH HOH A . 
B 2 HOH 166 366 159 HOH HOH A . 
B 2 HOH 167 367 148 HOH HOH A . 
B 2 HOH 168 368 109 HOH HOH A . 
B 2 HOH 169 369 181 HOH HOH A . 
B 2 HOH 170 370 154 HOH HOH A . 
B 2 HOH 171 371 79  HOH HOH A . 
# 
loop_
_software.citation_id 
_software.classification 
_software.compiler_name 
_software.compiler_version 
_software.contact_author 
_software.contact_author_email 
_software.date 
_software.description 
_software.dependencies 
_software.hardware 
_software.language 
_software.location 
_software.mods 
_software.name 
_software.os 
_software.os_version 
_software.type 
_software.version 
_software.pdbx_ordinal 
? refinement       ? ? ? ? ? ? ? ? ? ? ? PHENIX   ? ? ? 1.19.2_4158 1 
? 'data reduction' ? ? ? ? ? ? ? ? ? ? ? autoPROC ? ? ? 1.0.5       2 
? 'data scaling'   ? ? ? ? ? ? ? ? ? ? ? Aimless  ? ? ? 0.7.7       3 
? phasing          ? ? ? ? ? ? ? ? ? ? ? PHASER   ? ? ? 2.8.3       4 
# 
_cell.angle_alpha                  90.000 
_cell.angle_alpha_esd              ? 
_cell.angle_beta                   90.000 
_cell.angle_beta_esd               ? 
_cell.angle_gamma                  120.000 
_cell.angle_gamma_esd              ? 
_cell.entry_id                     8XYU 
_cell.details                      ? 
_cell.formula_units_Z              ? 
_cell.length_a                     61.371 
_cell.length_a_esd                 ? 
_cell.length_b                     61.371 
_cell.length_b_esd                 ? 
_cell.length_c                     113.205 
_cell.length_c_esd                 ? 
_cell.volume                       369251.817 
_cell.volume_esd                   ? 
_cell.Z_PDB                        6 
_cell.reciprocal_angle_alpha       ? 
_cell.reciprocal_angle_beta        ? 
_cell.reciprocal_angle_gamma       ? 
_cell.reciprocal_angle_alpha_esd   ? 
_cell.reciprocal_angle_beta_esd    ? 
_cell.reciprocal_angle_gamma_esd   ? 
_cell.reciprocal_length_a          ? 
_cell.reciprocal_length_b          ? 
_cell.reciprocal_length_c          ? 
_cell.reciprocal_length_a_esd      ? 
_cell.reciprocal_length_b_esd      ? 
_cell.reciprocal_length_c_esd      ? 
_cell.pdbx_unique_axis             ? 
_cell.pdbx_esd_method              ? 
# 
_symmetry.entry_id                         8XYU 
_symmetry.cell_setting                     ? 
_symmetry.Int_Tables_number                152 
_symmetry.space_group_name_Hall            
;P 31 2"
;
_symmetry.space_group_name_H-M             'P 31 2 1' 
_symmetry.pdbx_full_space_group_name_H-M   ? 
# 
_exptl.absorpt_coefficient_mu     ? 
_exptl.absorpt_correction_T_max   ? 
_exptl.absorpt_correction_T_min   ? 
_exptl.absorpt_correction_type    ? 
_exptl.absorpt_process_details    ? 
_exptl.entry_id                   8XYU 
_exptl.crystals_number            1 
_exptl.details                    ? 
_exptl.method                     'X-RAY DIFFRACTION' 
_exptl.method_details             ? 
# 
_exptl_crystal.colour                       ? 
_exptl_crystal.density_diffrn               ? 
_exptl_crystal.density_Matthews             3.24 
_exptl_crystal.density_method               ? 
_exptl_crystal.density_percent_sol          62.08 
_exptl_crystal.description                  ? 
_exptl_crystal.F_000                        ? 
_exptl_crystal.id                           1 
_exptl_crystal.preparation                  ? 
_exptl_crystal.size_max                     ? 
_exptl_crystal.size_mid                     ? 
_exptl_crystal.size_min                     ? 
_exptl_crystal.size_rad                     ? 
_exptl_crystal.colour_lustre                ? 
_exptl_crystal.colour_modifier              ? 
_exptl_crystal.colour_primary               ? 
_exptl_crystal.density_meas                 ? 
_exptl_crystal.density_meas_esd             ? 
_exptl_crystal.density_meas_gt              ? 
_exptl_crystal.density_meas_lt              ? 
_exptl_crystal.density_meas_temp            ? 
_exptl_crystal.density_meas_temp_esd        ? 
_exptl_crystal.density_meas_temp_gt         ? 
_exptl_crystal.density_meas_temp_lt         ? 
_exptl_crystal.pdbx_crystal_image_url       ? 
_exptl_crystal.pdbx_crystal_image_format    ? 
_exptl_crystal.pdbx_mosaicity               ? 
_exptl_crystal.pdbx_mosaicity_esd           ? 
_exptl_crystal.pdbx_mosaic_method           ? 
_exptl_crystal.pdbx_mosaic_block_size       ? 
_exptl_crystal.pdbx_mosaic_block_size_esd   ? 
# 
_exptl_crystal_grow.apparatus       ? 
_exptl_crystal_grow.atmosphere      ? 
_exptl_crystal_grow.crystal_id      1 
_exptl_crystal_grow.details         ? 
_exptl_crystal_grow.method          'VAPOR DIFFUSION, SITTING DROP' 
_exptl_crystal_grow.method_ref      ? 
_exptl_crystal_grow.pH              ? 
_exptl_crystal_grow.pressure        ? 
_exptl_crystal_grow.pressure_esd    ? 
_exptl_crystal_grow.seeding         ? 
_exptl_crystal_grow.seeding_ref     ? 
_exptl_crystal_grow.temp_details    ? 
_exptl_crystal_grow.temp_esd        ? 
_exptl_crystal_grow.time            ? 
_exptl_crystal_grow.pdbx_details    '40 mM KH2PO4, 15% PEG8000, 20% glycerol' 
_exptl_crystal_grow.pdbx_pH_range   ? 
_exptl_crystal_grow.temp            291 
# 
_diffrn.ambient_environment              ? 
_diffrn.ambient_temp                     100 
_diffrn.ambient_temp_details             ? 
_diffrn.ambient_temp_esd                 ? 
_diffrn.crystal_id                       1 
_diffrn.crystal_support                  ? 
_diffrn.crystal_treatment                ? 
_diffrn.details                          ? 
_diffrn.id                               1 
_diffrn.ambient_pressure                 ? 
_diffrn.ambient_pressure_esd             ? 
_diffrn.ambient_pressure_gt              ? 
_diffrn.ambient_pressure_lt              ? 
_diffrn.ambient_temp_gt                  ? 
_diffrn.ambient_temp_lt                  ? 
_diffrn.pdbx_serial_crystal_experiment   N 
# 
_diffrn_detector.details                      ? 
_diffrn_detector.detector                     PIXEL 
_diffrn_detector.diffrn_id                    1 
_diffrn_detector.type                         'DECTRIS EIGER X 16M' 
_diffrn_detector.area_resol_mean              ? 
_diffrn_detector.dtime                        ? 
_diffrn_detector.pdbx_frames_total            ? 
_diffrn_detector.pdbx_collection_time_total   ? 
_diffrn_detector.pdbx_collection_date         2023-12-21 
_diffrn_detector.pdbx_frequency               ? 
_diffrn_detector.id                           ? 
_diffrn_detector.number_of_axes               ? 
# 
_diffrn_radiation.collimation                      ? 
_diffrn_radiation.diffrn_id                        1 
_diffrn_radiation.filter_edge                      ? 
_diffrn_radiation.inhomogeneity                    ? 
_diffrn_radiation.monochromator                    ? 
_diffrn_radiation.polarisn_norm                    ? 
_diffrn_radiation.polarisn_ratio                   ? 
_diffrn_radiation.probe                            ? 
_diffrn_radiation.type                             ? 
_diffrn_radiation.xray_symbol                      ? 
_diffrn_radiation.wavelength_id                    1 
_diffrn_radiation.pdbx_monochromatic_or_laue_m_l   M 
_diffrn_radiation.pdbx_wavelength_list             ? 
_diffrn_radiation.pdbx_wavelength                  ? 
_diffrn_radiation.pdbx_diffrn_protocol             'SINGLE WAVELENGTH' 
_diffrn_radiation.pdbx_analyzer                    ? 
_diffrn_radiation.pdbx_scattering_type             x-ray 
# 
_diffrn_radiation_wavelength.id           1 
_diffrn_radiation_wavelength.wavelength   0.97918 
_diffrn_radiation_wavelength.wt           1.0 
# 
_diffrn_source.current                     ? 
_diffrn_source.details                     ? 
_diffrn_source.diffrn_id                   1 
_diffrn_source.power                       ? 
_diffrn_source.size                        ? 
_diffrn_source.source                      SYNCHROTRON 
_diffrn_source.target                      ? 
_diffrn_source.type                        'SSRF BEAMLINE BL10U2' 
_diffrn_source.voltage                     ? 
_diffrn_source.take-off_angle              ? 
_diffrn_source.pdbx_wavelength_list        0.97918 
_diffrn_source.pdbx_wavelength             ? 
_diffrn_source.pdbx_synchrotron_beamline   BL10U2 
_diffrn_source.pdbx_synchrotron_site       SSRF 
# 
_reflns.B_iso_Wilson_estimate                          23.53 
_reflns.entry_id                                       8XYU 
_reflns.data_reduction_details                         ? 
_reflns.data_reduction_method                          ? 
_reflns.d_resolution_high                              1.59 
_reflns.d_resolution_low                               53.15 
_reflns.details                                        ? 
_reflns.limit_h_max                                    ? 
_reflns.limit_h_min                                    ? 
_reflns.limit_k_max                                    ? 
_reflns.limit_k_min                                    ? 
_reflns.limit_l_max                                    ? 
_reflns.limit_l_min                                    ? 
_reflns.number_all                                     ? 
_reflns.number_obs                                     27802 
_reflns.observed_criterion                             ? 
_reflns.observed_criterion_F_max                       ? 
_reflns.observed_criterion_F_min                       ? 
_reflns.observed_criterion_I_max                       ? 
_reflns.observed_criterion_I_min                       ? 
_reflns.observed_criterion_sigma_F                     ? 
_reflns.observed_criterion_sigma_I                     ? 
_reflns.percent_possible_obs                           92.1 
_reflns.R_free_details                                 ? 
_reflns.Rmerge_F_all                                   ? 
_reflns.Rmerge_F_obs                                   ? 
_reflns.Friedel_coverage                               ? 
_reflns.number_gt                                      ? 
_reflns.threshold_expression                           ? 
_reflns.pdbx_redundancy                                11.8 
_reflns.pdbx_netI_over_av_sigmaI                       ? 
_reflns.pdbx_netI_over_sigmaI                          23.5 
_reflns.pdbx_res_netI_over_av_sigmaI_2                 ? 
_reflns.pdbx_res_netI_over_sigmaI_2                    ? 
_reflns.pdbx_chi_squared                               ? 
_reflns.pdbx_scaling_rejects                           ? 
_reflns.pdbx_d_res_high_opt                            ? 
_reflns.pdbx_d_res_low_opt                             ? 
_reflns.pdbx_d_res_opt_method                          ? 
_reflns.phase_calculation_details                      ? 
_reflns.pdbx_Rrim_I_all                                0.057 
_reflns.pdbx_Rpim_I_all                                0.015 
_reflns.pdbx_d_opt                                     ? 
_reflns.pdbx_number_measured_all                       ? 
_reflns.pdbx_diffrn_id                                 1 
_reflns.pdbx_ordinal                                   1 
_reflns.pdbx_CC_half                                   0.999 
_reflns.pdbx_CC_star                                   ? 
_reflns.pdbx_R_split                                   ? 
_reflns.pdbx_Rmerge_I_obs                              0.055 
_reflns.pdbx_Rmerge_I_all                              ? 
_reflns.pdbx_Rsym_value                                ? 
_reflns.pdbx_CC_split_method                           ? 
_reflns.pdbx_aniso_diffraction_limit_axis_1_ortho[1]   ? 
_reflns.pdbx_aniso_diffraction_limit_axis_1_ortho[2]   ? 
_reflns.pdbx_aniso_diffraction_limit_axis_1_ortho[3]   ? 
_reflns.pdbx_aniso_diffraction_limit_axis_2_ortho[1]   ? 
_reflns.pdbx_aniso_diffraction_limit_axis_2_ortho[2]   ? 
_reflns.pdbx_aniso_diffraction_limit_axis_2_ortho[3]   ? 
_reflns.pdbx_aniso_diffraction_limit_axis_3_ortho[1]   ? 
_reflns.pdbx_aniso_diffraction_limit_axis_3_ortho[2]   ? 
_reflns.pdbx_aniso_diffraction_limit_axis_3_ortho[3]   ? 
_reflns.pdbx_aniso_diffraction_limit_1                 ? 
_reflns.pdbx_aniso_diffraction_limit_2                 ? 
_reflns.pdbx_aniso_diffraction_limit_3                 ? 
_reflns.pdbx_aniso_B_tensor_eigenvector_1_ortho[1]     ? 
_reflns.pdbx_aniso_B_tensor_eigenvector_1_ortho[2]     ? 
_reflns.pdbx_aniso_B_tensor_eigenvector_1_ortho[3]     ? 
_reflns.pdbx_aniso_B_tensor_eigenvector_2_ortho[1]     ? 
_reflns.pdbx_aniso_B_tensor_eigenvector_2_ortho[2]     ? 
_reflns.pdbx_aniso_B_tensor_eigenvector_2_ortho[3]     ? 
_reflns.pdbx_aniso_B_tensor_eigenvector_3_ortho[1]     ? 
_reflns.pdbx_aniso_B_tensor_eigenvector_3_ortho[2]     ? 
_reflns.pdbx_aniso_B_tensor_eigenvector_3_ortho[3]     ? 
_reflns.pdbx_aniso_B_tensor_eigenvalue_1               ? 
_reflns.pdbx_aniso_B_tensor_eigenvalue_2               ? 
_reflns.pdbx_aniso_B_tensor_eigenvalue_3               ? 
_reflns.pdbx_orthogonalization_convention              ? 
_reflns.pdbx_percent_possible_ellipsoidal              ? 
_reflns.pdbx_percent_possible_spherical                ? 
_reflns.pdbx_percent_possible_ellipsoidal_anomalous    ? 
_reflns.pdbx_percent_possible_spherical_anomalous      ? 
_reflns.pdbx_redundancy_anomalous                      ? 
_reflns.pdbx_CC_half_anomalous                         ? 
_reflns.pdbx_absDiff_over_sigma_anomalous              ? 
_reflns.pdbx_percent_possible_anomalous                ? 
_reflns.pdbx_observed_signal_threshold                 ? 
_reflns.pdbx_signal_type                               ? 
_reflns.pdbx_signal_details                            ? 
_reflns.pdbx_signal_software_id                        ? 
# 
_reflns_shell.d_res_high                                    1.59 
_reflns_shell.d_res_low                                     1.72 
_reflns_shell.meanI_over_sigI_all                           ? 
_reflns_shell.meanI_over_sigI_obs                           1.600 
_reflns_shell.number_measured_all                           ? 
_reflns_shell.number_measured_obs                           ? 
_reflns_shell.number_possible                               ? 
_reflns_shell.number_unique_all                             ? 
_reflns_shell.number_unique_obs                             1390 
_reflns_shell.percent_possible_obs                          ? 
_reflns_shell.Rmerge_F_all                                  ? 
_reflns_shell.Rmerge_F_obs                                  ? 
_reflns_shell.meanI_over_sigI_gt                            ? 
_reflns_shell.meanI_over_uI_all                             ? 
_reflns_shell.meanI_over_uI_gt                              ? 
_reflns_shell.number_measured_gt                            ? 
_reflns_shell.number_unique_gt                              ? 
_reflns_shell.percent_possible_gt                           ? 
_reflns_shell.Rmerge_F_gt                                   ? 
_reflns_shell.Rmerge_I_gt                                   ? 
_reflns_shell.pdbx_redundancy                               ? 
_reflns_shell.pdbx_chi_squared                              ? 
_reflns_shell.pdbx_netI_over_sigmaI_all                     ? 
_reflns_shell.pdbx_netI_over_sigmaI_obs                     ? 
_reflns_shell.pdbx_Rrim_I_all                               0.774 
_reflns_shell.pdbx_Rpim_I_all                               0.443 
_reflns_shell.pdbx_rejects                                  ? 
_reflns_shell.pdbx_ordinal                                  1 
_reflns_shell.pdbx_diffrn_id                                1 
_reflns_shell.pdbx_CC_half                                  0.674 
_reflns_shell.pdbx_CC_star                                  ? 
_reflns_shell.pdbx_R_split                                  ? 
_reflns_shell.percent_possible_all                          ? 
_reflns_shell.Rmerge_I_all                                  ? 
_reflns_shell.Rmerge_I_obs                                  0.628 
_reflns_shell.pdbx_Rsym_value                               ? 
_reflns_shell.pdbx_percent_possible_ellipsoidal             ? 
_reflns_shell.pdbx_percent_possible_spherical               ? 
_reflns_shell.pdbx_percent_possible_ellipsoidal_anomalous   ? 
_reflns_shell.pdbx_percent_possible_spherical_anomalous     ? 
_reflns_shell.pdbx_redundancy_anomalous                     ? 
_reflns_shell.pdbx_CC_half_anomalous                        ? 
_reflns_shell.pdbx_absDiff_over_sigma_anomalous             ? 
_reflns_shell.pdbx_percent_possible_anomalous               ? 
# 
_refine.aniso_B[1][1]                            ? 
_refine.aniso_B[1][2]                            ? 
_refine.aniso_B[1][3]                            ? 
_refine.aniso_B[2][2]                            ? 
_refine.aniso_B[2][3]                            ? 
_refine.aniso_B[3][3]                            ? 
_refine.B_iso_max                                ? 
_refine.B_iso_mean                               27.14 
_refine.B_iso_min                                ? 
_refine.correlation_coeff_Fo_to_Fc               ? 
_refine.correlation_coeff_Fo_to_Fc_free          ? 
_refine.details                                  ? 
_refine.diff_density_max                         ? 
_refine.diff_density_max_esd                     ? 
_refine.diff_density_min                         ? 
_refine.diff_density_min_esd                     ? 
_refine.diff_density_rms                         ? 
_refine.diff_density_rms_esd                     ? 
_refine.entry_id                                 8XYU 
_refine.pdbx_refine_id                           'X-RAY DIFFRACTION' 
_refine.ls_abs_structure_details                 ? 
_refine.ls_abs_structure_Flack                   ? 
_refine.ls_abs_structure_Flack_esd               ? 
_refine.ls_abs_structure_Rogers                  ? 
_refine.ls_abs_structure_Rogers_esd              ? 
_refine.ls_d_res_high                            1.59 
_refine.ls_d_res_low                             26.98 
_refine.ls_extinction_coef                       ? 
_refine.ls_extinction_coef_esd                   ? 
_refine.ls_extinction_expression                 ? 
_refine.ls_extinction_method                     ? 
_refine.ls_goodness_of_fit_all                   ? 
_refine.ls_goodness_of_fit_all_esd               ? 
_refine.ls_goodness_of_fit_obs                   ? 
_refine.ls_goodness_of_fit_obs_esd               ? 
_refine.ls_hydrogen_treatment                    ? 
_refine.ls_matrix_type                           ? 
_refine.ls_number_constraints                    ? 
_refine.ls_number_parameters                     ? 
_refine.ls_number_reflns_all                     ? 
_refine.ls_number_reflns_obs                     27802 
_refine.ls_number_reflns_R_free                  1442 
_refine.ls_number_reflns_R_work                  28641 
_refine.ls_number_restraints                     ? 
_refine.ls_percent_reflns_obs                    87.79 
_refine.ls_percent_reflns_R_free                 4.79 
_refine.ls_R_factor_all                          ? 
_refine.ls_R_factor_obs                          0.1998 
_refine.ls_R_factor_R_free                       0.2240 
_refine.ls_R_factor_R_free_error                 ? 
_refine.ls_R_factor_R_free_error_details         ? 
_refine.ls_R_factor_R_work                       0.1986 
_refine.ls_R_Fsqd_factor_obs                     ? 
_refine.ls_R_I_factor_obs                        ? 
_refine.ls_redundancy_reflns_all                 ? 
_refine.ls_redundancy_reflns_obs                 ? 
_refine.ls_restrained_S_all                      ? 
_refine.ls_restrained_S_obs                      ? 
_refine.ls_shift_over_esd_max                    ? 
_refine.ls_shift_over_esd_mean                   ? 
_refine.ls_structure_factor_coef                 ? 
_refine.ls_weighting_details                     ? 
_refine.ls_weighting_scheme                      ? 
_refine.ls_wR_factor_all                         ? 
_refine.ls_wR_factor_obs                         ? 
_refine.ls_wR_factor_R_free                      ? 
_refine.ls_wR_factor_R_work                      ? 
_refine.occupancy_max                            ? 
_refine.occupancy_min                            ? 
_refine.solvent_model_details                    'FLAT BULK SOLVENT MODEL' 
_refine.solvent_model_param_bsol                 ? 
_refine.solvent_model_param_ksol                 ? 
_refine.pdbx_R_complete                          ? 
_refine.ls_R_factor_gt                           ? 
_refine.ls_goodness_of_fit_gt                    ? 
_refine.ls_goodness_of_fit_ref                   ? 
_refine.ls_shift_over_su_max                     ? 
_refine.ls_shift_over_su_max_lt                  ? 
_refine.ls_shift_over_su_mean                    ? 
_refine.ls_shift_over_su_mean_lt                 ? 
_refine.pdbx_ls_sigma_I                          ? 
_refine.pdbx_ls_sigma_F                          1.34 
_refine.pdbx_ls_sigma_Fsqd                       ? 
_refine.pdbx_data_cutoff_high_absF               ? 
_refine.pdbx_data_cutoff_high_rms_absF           ? 
_refine.pdbx_data_cutoff_low_absF                ? 
_refine.pdbx_isotropic_thermal_model             ? 
_refine.pdbx_ls_cross_valid_method               'FREE R-VALUE' 
_refine.pdbx_method_to_determine_struct          'MOLECULAR REPLACEMENT' 
_refine.pdbx_starting_model                      ? 
_refine.pdbx_stereochemistry_target_values       'GeoStd + Monomer Library + CDL v1.2' 
_refine.pdbx_R_Free_selection_details            ? 
_refine.pdbx_stereochem_target_val_spec_case     ? 
_refine.pdbx_overall_ESU_R                       ? 
_refine.pdbx_overall_ESU_R_Free                  ? 
_refine.pdbx_solvent_vdw_probe_radii             1.1100 
_refine.pdbx_solvent_ion_probe_radii             ? 
_refine.pdbx_solvent_shrinkage_radii             0.9000 
_refine.pdbx_real_space_R                        ? 
_refine.pdbx_density_correlation                 ? 
_refine.pdbx_pd_number_of_powder_patterns        ? 
_refine.pdbx_pd_number_of_points                 ? 
_refine.pdbx_pd_meas_number_of_points            ? 
_refine.pdbx_pd_proc_ls_prof_R_factor            ? 
_refine.pdbx_pd_proc_ls_prof_wR_factor           ? 
_refine.pdbx_pd_Marquardt_correlation_coeff      ? 
_refine.pdbx_pd_Fsqrd_R_factor                   ? 
_refine.pdbx_pd_ls_matrix_band_width             ? 
_refine.pdbx_overall_phase_error                 26.5660 
_refine.pdbx_overall_SU_R_free_Cruickshank_DPI   ? 
_refine.pdbx_overall_SU_R_free_Blow_DPI          ? 
_refine.pdbx_overall_SU_R_Blow_DPI               ? 
_refine.pdbx_TLS_residual_ADP_flag               ? 
_refine.pdbx_diffrn_id                           1 
_refine.overall_SU_B                             ? 
_refine.overall_SU_ML                            0.1699 
_refine.overall_SU_R_Cruickshank_DPI             ? 
_refine.overall_SU_R_free                        ? 
_refine.overall_FOM_free_R_set                   ? 
_refine.overall_FOM_work_R_set                   ? 
_refine.pdbx_average_fsc_overall                 ? 
_refine.pdbx_average_fsc_work                    ? 
_refine.pdbx_average_fsc_free                    ? 
# 
_refine_hist.pdbx_refine_id                   'X-RAY DIFFRACTION' 
_refine_hist.cycle_id                         LAST 
_refine_hist.details                          ? 
_refine_hist.d_res_high                       1.59 
_refine_hist.d_res_low                        26.98 
_refine_hist.number_atoms_solvent             171 
_refine_hist.number_atoms_total               1532 
_refine_hist.number_reflns_all                ? 
_refine_hist.number_reflns_obs                ? 
_refine_hist.number_reflns_R_free             ? 
_refine_hist.number_reflns_R_work             ? 
_refine_hist.R_factor_all                     ? 
_refine_hist.R_factor_obs                     ? 
_refine_hist.R_factor_R_free                  ? 
_refine_hist.R_factor_R_work                  ? 
_refine_hist.pdbx_number_residues_total       ? 
_refine_hist.pdbx_B_iso_mean_ligand           ? 
_refine_hist.pdbx_B_iso_mean_solvent          ? 
_refine_hist.pdbx_number_atoms_protein        1361 
_refine_hist.pdbx_number_atoms_nucleic_acid   0 
_refine_hist.pdbx_number_atoms_ligand         0 
_refine_hist.pdbx_number_atoms_lipid          ? 
_refine_hist.pdbx_number_atoms_carb           ? 
_refine_hist.pdbx_pseudo_atom_details         ? 
# 
loop_
_refine_ls_restr.pdbx_refine_id 
_refine_ls_restr.criterion 
_refine_ls_restr.dev_ideal 
_refine_ls_restr.dev_ideal_target 
_refine_ls_restr.number 
_refine_ls_restr.rejects 
_refine_ls_restr.type 
_refine_ls_restr.weight 
_refine_ls_restr.pdbx_restraint_function 
'X-RAY DIFFRACTION' ? 0.0071 ? 1398 ? f_bond_d           ? ? 
'X-RAY DIFFRACTION' ? 0.8801 ? 1885 ? f_angle_d          ? ? 
'X-RAY DIFFRACTION' ? 0.0631 ? 191  ? f_chiral_restr     ? ? 
'X-RAY DIFFRACTION' ? 0.0062 ? 245  ? f_plane_restr      ? ? 
'X-RAY DIFFRACTION' ? 5.5372 ? 181  ? f_dihedral_angle_d ? ? 
# 
loop_
_refine_ls_shell.pdbx_refine_id 
_refine_ls_shell.d_res_high 
_refine_ls_shell.d_res_low 
_refine_ls_shell.number_reflns_all 
_refine_ls_shell.number_reflns_obs 
_refine_ls_shell.number_reflns_R_free 
_refine_ls_shell.number_reflns_R_work 
_refine_ls_shell.percent_reflns_obs 
_refine_ls_shell.percent_reflns_R_free 
_refine_ls_shell.R_factor_all 
_refine_ls_shell.R_factor_obs 
_refine_ls_shell.R_factor_R_free_error 
_refine_ls_shell.R_factor_R_work 
_refine_ls_shell.redundancy_reflns_all 
_refine_ls_shell.redundancy_reflns_obs 
_refine_ls_shell.wR_factor_all 
_refine_ls_shell.wR_factor_obs 
_refine_ls_shell.wR_factor_R_free 
_refine_ls_shell.wR_factor_R_work 
_refine_ls_shell.pdbx_R_complete 
_refine_ls_shell.pdbx_total_number_of_bins_used 
_refine_ls_shell.pdbx_phase_error 
_refine_ls_shell.pdbx_fsc_work 
_refine_ls_shell.pdbx_fsc_free 
_refine_ls_shell.R_factor_R_free 
'X-RAY DIFFRACTION' 1.59 1.64  . . 63  1127 35.49  . . . . 0.3469 . . . . . . . . . . . 0.3122 
'X-RAY DIFFRACTION' 1.64 1.71  . . 98  1961 60.90  . . . . 0.2959 . . . . . . . . . . . 0.3406 
'X-RAY DIFFRACTION' 1.71 1.78  . . 130 2671 82.92  . . . . 0.2787 . . . . . . . . . . . 0.2856 
'X-RAY DIFFRACTION' 1.78 1.88  . . 138 3110 96.64  . . . . 0.2341 . . . . . . . . . . . 0.2423 
'X-RAY DIFFRACTION' 1.88 2.00  . . 167 3231 99.88  . . . . 0.2040 . . . . . . . . . . . 0.2520 
'X-RAY DIFFRACTION' 2.00 2.15  . . 166 3245 100.00 . . . . 0.2095 . . . . . . . . . . . 0.2479 
'X-RAY DIFFRACTION' 2.15 2.37  . . 150 3281 100.00 . . . . 0.2016 . . . . . . . . . . . 0.2005 
'X-RAY DIFFRACTION' 2.37 2.71  . . 190 3242 100.00 . . . . 0.2121 . . . . . . . . . . . 0.2589 
'X-RAY DIFFRACTION' 2.71 3.41  . . 133 3351 99.97  . . . . 0.1929 . . . . . . . . . . . 0.2425 
'X-RAY DIFFRACTION' 3.41 26.98 . . 207 3422 99.94  . . . . 0.1738 . . . . . . . . . . . 0.1925 
# 
_struct.entry_id                     8XYU 
_struct.title                        'De novo designed protein GPX4-3' 
_struct.pdbx_model_details           ? 
_struct.pdbx_formula_weight          ? 
_struct.pdbx_formula_weight_method   ? 
_struct.pdbx_model_type_details      ? 
_struct.pdbx_CASP_flag               N 
# 
_struct_keywords.entry_id        8XYU 
_struct_keywords.text            'de novo protein' 
_struct_keywords.pdbx_keywords   'DE NOVO PROTEIN' 
# 
loop_
_struct_asym.id 
_struct_asym.pdbx_blank_PDB_chainid_flag 
_struct_asym.pdbx_modified 
_struct_asym.entity_id 
_struct_asym.details 
A N N 1 ? 
B N N 2 ? 
# 
_struct_ref.id                         1 
_struct_ref.db_name                    PDB 
_struct_ref.db_code                    8XYU 
_struct_ref.pdbx_db_accession          8XYU 
_struct_ref.pdbx_db_isoform            ? 
_struct_ref.entity_id                  1 
_struct_ref.pdbx_seq_one_letter_code   ? 
_struct_ref.pdbx_align_begin           1 
# 
_struct_ref_seq.align_id                      1 
_struct_ref_seq.ref_id                        1 
_struct_ref_seq.pdbx_PDB_id_code              8XYU 
_struct_ref_seq.pdbx_strand_id                A 
_struct_ref_seq.seq_align_beg                 1 
_struct_ref_seq.pdbx_seq_align_beg_ins_code   ? 
_struct_ref_seq.seq_align_end                 176 
_struct_ref_seq.pdbx_seq_align_end_ins_code   ? 
_struct_ref_seq.pdbx_db_accession             8XYU 
_struct_ref_seq.db_align_beg                  -7 
_struct_ref_seq.pdbx_db_align_beg_ins_code    ? 
_struct_ref_seq.db_align_end                  168 
_struct_ref_seq.pdbx_db_align_end_ins_code    ? 
_struct_ref_seq.pdbx_auth_seq_align_beg       -7 
_struct_ref_seq.pdbx_auth_seq_align_end       168 
# 
_pdbx_struct_assembly.id                   1 
_pdbx_struct_assembly.details              author_and_software_defined_assembly 
_pdbx_struct_assembly.method_details       ? 
_pdbx_struct_assembly.oligomeric_details   monomeric 
_pdbx_struct_assembly.oligomeric_count     1 
# 
_pdbx_struct_assembly_gen.assembly_id       1 
_pdbx_struct_assembly_gen.oper_expression   1 
_pdbx_struct_assembly_gen.asym_id_list      A,B 
# 
_pdbx_struct_assembly_auth_evidence.id                     1 
_pdbx_struct_assembly_auth_evidence.assembly_id            1 
_pdbx_struct_assembly_auth_evidence.experimental_support   none 
_pdbx_struct_assembly_auth_evidence.details                ? 
# 
_pdbx_struct_oper_list.id                   1 
_pdbx_struct_oper_list.type                 'identity operation' 
_pdbx_struct_oper_list.name                 1_555 
_pdbx_struct_oper_list.symmetry_operation   x,y,z 
_pdbx_struct_oper_list.matrix[1][1]         1.0 
_pdbx_struct_oper_list.matrix[1][2]         0.0 
_pdbx_struct_oper_list.matrix[1][3]         0.0 
_pdbx_struct_oper_list.vector[1]            0.0 
_pdbx_struct_oper_list.matrix[2][1]         0.0 
_pdbx_struct_oper_list.matrix[2][2]         1.0 
_pdbx_struct_oper_list.matrix[2][3]         0.0 
_pdbx_struct_oper_list.vector[2]            0.0 
_pdbx_struct_oper_list.matrix[3][1]         0.0 
_pdbx_struct_oper_list.matrix[3][2]         0.0 
_pdbx_struct_oper_list.matrix[3][3]         1.0 
_pdbx_struct_oper_list.vector[3]            0.0 
# 
loop_
_struct_conf.conf_type_id 
_struct_conf.id 
_struct_conf.pdbx_PDB_helix_id 
_struct_conf.beg_label_comp_id 
_struct_conf.beg_label_asym_id 
_struct_conf.beg_label_seq_id 
_struct_conf.pdbx_beg_PDB_ins_code 
_struct_conf.end_label_comp_id 
_struct_conf.end_label_asym_id 
_struct_conf.end_label_seq_id 
_struct_conf.pdbx_end_PDB_ins_code 
_struct_conf.beg_auth_comp_id 
_struct_conf.beg_auth_asym_id 
_struct_conf.beg_auth_seq_id 
_struct_conf.end_auth_comp_id 
_struct_conf.end_auth_asym_id 
_struct_conf.end_auth_seq_id 
_struct_conf.pdbx_PDB_helix_class 
_struct_conf.details 
_struct_conf.pdbx_PDB_helix_length 
HELX_P HELX_P1 AA1 ASP A 13  ? ALA A 17  ? ASP A 5   ALA A 9   5 ? 5  
HELX_P HELX_P2 AA2 SER A 19  ? GLU A 22  ? SER A 11  GLU A 14  5 ? 4  
HELX_P HELX_P3 AA3 ASP A 36  ? ARG A 39  ? ASP A 28  ARG A 31  5 ? 4  
HELX_P HELX_P4 AA4 LYS A 54  ? ALA A 70  ? LYS A 46  ALA A 62  1 ? 17 
HELX_P HELX_P5 AA5 SER A 91  ? GLY A 101 ? SER A 83  GLY A 93  1 ? 11 
HELX_P HELX_P6 AA6 HIS A 120 ? GLN A 129 ? HIS A 112 GLN A 121 1 ? 10 
HELX_P HELX_P7 AA7 GLU A 164 ? LYS A 170 ? GLU A 156 LYS A 162 1 ? 7  
HELX_P HELX_P8 AA8 ASP A 171 ? PHE A 176 ? ASP A 163 PHE A 168 5 ? 6  
# 
_struct_conf_type.id          HELX_P 
_struct_conf_type.criteria    ? 
_struct_conf_type.reference   ? 
# 
loop_
_struct_sheet.id 
_struct_sheet.type 
_struct_sheet.number_strands 
_struct_sheet.details 
AA1 ? 2 ? 
AA2 ? 5 ? 
# 
loop_
_struct_sheet_order.sheet_id 
_struct_sheet_order.range_id_1 
_struct_sheet_order.range_id_2 
_struct_sheet_order.offset 
_struct_sheet_order.sense 
AA1 1 2 ? anti-parallel 
AA2 1 2 ? parallel      
AA2 2 3 ? parallel      
AA2 3 4 ? anti-parallel 
AA2 4 5 ? anti-parallel 
# 
loop_
_struct_sheet_range.sheet_id 
_struct_sheet_range.id 
_struct_sheet_range.beg_label_comp_id 
_struct_sheet_range.beg_label_asym_id 
_struct_sheet_range.beg_label_seq_id 
_struct_sheet_range.pdbx_beg_PDB_ins_code 
_struct_sheet_range.end_label_comp_id 
_struct_sheet_range.end_label_asym_id 
_struct_sheet_range.end_label_seq_id 
_struct_sheet_range.pdbx_end_PDB_ins_code 
_struct_sheet_range.beg_auth_comp_id 
_struct_sheet_range.beg_auth_asym_id 
_struct_sheet_range.beg_auth_seq_id 
_struct_sheet_range.end_auth_comp_id 
_struct_sheet_range.end_auth_asym_id 
_struct_sheet_range.end_auth_seq_id 
AA1 1 SER A 24  ? LYS A 26  ? SER A 16  LYS A 18  
AA1 2 MET A 32  ? ASN A 34  ? MET A 24  ASN A 26  
AA2 1 ASP A 107 ? LEU A 108 ? ASP A 99  LEU A 100 
AA2 2 LEU A 74  ? PRO A 80  ? LEU A 66  PRO A 72  
AA2 3 VAL A 42  ? VAL A 48  ? VAL A 34  VAL A 40  
AA2 4 LYS A 146 ? ILE A 149 ? LYS A 138 ILE A 141 
AA2 5 VAL A 155 ? TYR A 159 ? VAL A 147 TYR A 151 
# 
loop_
_pdbx_struct_sheet_hbond.sheet_id 
_pdbx_struct_sheet_hbond.range_id_1 
_pdbx_struct_sheet_hbond.range_id_2 
_pdbx_struct_sheet_hbond.range_1_label_atom_id 
_pdbx_struct_sheet_hbond.range_1_label_comp_id 
_pdbx_struct_sheet_hbond.range_1_label_asym_id 
_pdbx_struct_sheet_hbond.range_1_label_seq_id 
_pdbx_struct_sheet_hbond.range_1_PDB_ins_code 
_pdbx_struct_sheet_hbond.range_1_auth_atom_id 
_pdbx_struct_sheet_hbond.range_1_auth_comp_id 
_pdbx_struct_sheet_hbond.range_1_auth_asym_id 
_pdbx_struct_sheet_hbond.range_1_auth_seq_id 
_pdbx_struct_sheet_hbond.range_2_label_atom_id 
_pdbx_struct_sheet_hbond.range_2_label_comp_id 
_pdbx_struct_sheet_hbond.range_2_label_asym_id 
_pdbx_struct_sheet_hbond.range_2_label_seq_id 
_pdbx_struct_sheet_hbond.range_2_PDB_ins_code 
_pdbx_struct_sheet_hbond.range_2_auth_atom_id 
_pdbx_struct_sheet_hbond.range_2_auth_comp_id 
_pdbx_struct_sheet_hbond.range_2_auth_asym_id 
_pdbx_struct_sheet_hbond.range_2_auth_seq_id 
AA1 1 2 N ALA A 25  ? N ALA A 17  O VAL A 33  ? O VAL A 25  
AA2 1 2 O ASP A 107 ? O ASP A 99  N ILE A 76  ? N ILE A 68  
AA2 2 3 O PHE A 79  ? O PHE A 71  N THR A 46  ? N THR A 38  
AA2 3 4 N CYS A 43  ? N CYS A 35  O ILE A 149 ? O ILE A 141 
AA2 4 5 N LYS A 146 ? N LYS A 138 O TYR A 159 ? O TYR A 151 
# 
_pdbx_entry_details.entry_id                   8XYU 
_pdbx_entry_details.compound_details           ? 
_pdbx_entry_details.source_details             ? 
_pdbx_entry_details.nonpolymer_details         ? 
_pdbx_entry_details.sequence_details           ? 
_pdbx_entry_details.has_ligand_of_interest     ? 
_pdbx_entry_details.has_protein_modification   N 
# 
_pdbx_validate_torsion.id              1 
_pdbx_validate_torsion.PDB_model_num   1 
_pdbx_validate_torsion.auth_comp_id    PHE 
_pdbx_validate_torsion.auth_asym_id    A 
_pdbx_validate_torsion.auth_seq_id     136 
_pdbx_validate_torsion.PDB_ins_code    ? 
_pdbx_validate_torsion.label_alt_id    ? 
_pdbx_validate_torsion.phi             71.07 
_pdbx_validate_torsion.psi             38.92 
# 
_pdbx_struct_special_symmetry.id              1 
_pdbx_struct_special_symmetry.PDB_model_num   1 
_pdbx_struct_special_symmetry.auth_asym_id    A 
_pdbx_struct_special_symmetry.auth_comp_id    HOH 
_pdbx_struct_special_symmetry.auth_seq_id     285 
_pdbx_struct_special_symmetry.PDB_ins_code    ? 
_pdbx_struct_special_symmetry.label_asym_id   B 
_pdbx_struct_special_symmetry.label_comp_id   HOH 
_pdbx_struct_special_symmetry.label_seq_id    . 
# 
loop_
_space_group_symop.id 
_space_group_symop.operation_xyz 
1 x,y,z          
2 -y,x-y,z+1/3   
3 -x+y,-x,z+2/3  
4 x-y,-y,-z+2/3  
5 -x,-x+y,-z+1/3 
6 y,x,-z         
# 
loop_
_pdbx_unobs_or_zero_occ_residues.id 
_pdbx_unobs_or_zero_occ_residues.PDB_model_num 
_pdbx_unobs_or_zero_occ_residues.polymer_flag 
_pdbx_unobs_or_zero_occ_residues.occupancy_flag 
_pdbx_unobs_or_zero_occ_residues.auth_asym_id 
_pdbx_unobs_or_zero_occ_residues.auth_comp_id 
_pdbx_unobs_or_zero_occ_residues.auth_seq_id 
_pdbx_unobs_or_zero_occ_residues.PDB_ins_code 
_pdbx_unobs_or_zero_occ_residues.label_asym_id 
_pdbx_unobs_or_zero_occ_residues.label_comp_id 
_pdbx_unobs_or_zero_occ_residues.label_seq_id 
1 1 Y 1 A MET -7 ? A MET 1 
2 1 Y 1 A ALA -6 ? A ALA 2 
3 1 Y 1 A HIS -5 ? A HIS 3 
4 1 Y 1 A HIS -4 ? A HIS 4 
5 1 Y 1 A HIS -3 ? A HIS 5 
6 1 Y 1 A HIS -2 ? A HIS 6 
7 1 Y 1 A HIS -1 ? A HIS 7 
# 
loop_
_chem_comp_atom.comp_id 
_chem_comp_atom.atom_id 
_chem_comp_atom.type_symbol 
_chem_comp_atom.pdbx_aromatic_flag 
_chem_comp_atom.pdbx_stereo_config 
_chem_comp_atom.pdbx_ordinal 
ALA N    N N N 1   
ALA CA   C N S 2   
ALA C    C N N 3   
ALA O    O N N 4   
ALA CB   C N N 5   
ALA OXT  O N N 6   
ALA H    H N N 7   
ALA H2   H N N 8   
ALA HA   H N N 9   
ALA HB1  H N N 10  
ALA HB2  H N N 11  
ALA HB3  H N N 12  
ALA HXT  H N N 13  
ARG N    N N N 14  
ARG CA   C N S 15  
ARG C    C N N 16  
ARG O    O N N 17  
ARG CB   C N N 18  
ARG CG   C N N 19  
ARG CD   C N N 20  
ARG NE   N N N 21  
ARG CZ   C N N 22  
ARG NH1  N N N 23  
ARG NH2  N N N 24  
ARG OXT  O N N 25  
ARG H    H N N 26  
ARG H2   H N N 27  
ARG HA   H N N 28  
ARG HB2  H N N 29  
ARG HB3  H N N 30  
ARG HG2  H N N 31  
ARG HG3  H N N 32  
ARG HD2  H N N 33  
ARG HD3  H N N 34  
ARG HE   H N N 35  
ARG HH11 H N N 36  
ARG HH12 H N N 37  
ARG HH21 H N N 38  
ARG HH22 H N N 39  
ARG HXT  H N N 40  
ASN N    N N N 41  
ASN CA   C N S 42  
ASN C    C N N 43  
ASN O    O N N 44  
ASN CB   C N N 45  
ASN CG   C N N 46  
ASN OD1  O N N 47  
ASN ND2  N N N 48  
ASN OXT  O N N 49  
ASN H    H N N 50  
ASN H2   H N N 51  
ASN HA   H N N 52  
ASN HB2  H N N 53  
ASN HB3  H N N 54  
ASN HD21 H N N 55  
ASN HD22 H N N 56  
ASN HXT  H N N 57  
ASP N    N N N 58  
ASP CA   C N S 59  
ASP C    C N N 60  
ASP O    O N N 61  
ASP CB   C N N 62  
ASP CG   C N N 63  
ASP OD1  O N N 64  
ASP OD2  O N N 65  
ASP OXT  O N N 66  
ASP H    H N N 67  
ASP H2   H N N 68  
ASP HA   H N N 69  
ASP HB2  H N N 70  
ASP HB3  H N N 71  
ASP HD2  H N N 72  
ASP HXT  H N N 73  
CYS N    N N N 74  
CYS CA   C N R 75  
CYS C    C N N 76  
CYS O    O N N 77  
CYS CB   C N N 78  
CYS SG   S N N 79  
CYS OXT  O N N 80  
CYS H    H N N 81  
CYS H2   H N N 82  
CYS HA   H N N 83  
CYS HB2  H N N 84  
CYS HB3  H N N 85  
CYS HG   H N N 86  
CYS HXT  H N N 87  
GLN N    N N N 88  
GLN CA   C N S 89  
GLN C    C N N 90  
GLN O    O N N 91  
GLN CB   C N N 92  
GLN CG   C N N 93  
GLN CD   C N N 94  
GLN OE1  O N N 95  
GLN NE2  N N N 96  
GLN OXT  O N N 97  
GLN H    H N N 98  
GLN H2   H N N 99  
GLN HA   H N N 100 
GLN HB2  H N N 101 
GLN HB3  H N N 102 
GLN HG2  H N N 103 
GLN HG3  H N N 104 
GLN HE21 H N N 105 
GLN HE22 H N N 106 
GLN HXT  H N N 107 
GLU N    N N N 108 
GLU CA   C N S 109 
GLU C    C N N 110 
GLU O    O N N 111 
GLU CB   C N N 112 
GLU CG   C N N 113 
GLU CD   C N N 114 
GLU OE1  O N N 115 
GLU OE2  O N N 116 
GLU OXT  O N N 117 
GLU H    H N N 118 
GLU H2   H N N 119 
GLU HA   H N N 120 
GLU HB2  H N N 121 
GLU HB3  H N N 122 
GLU HG2  H N N 123 
GLU HG3  H N N 124 
GLU HE2  H N N 125 
GLU HXT  H N N 126 
GLY N    N N N 127 
GLY CA   C N N 128 
GLY C    C N N 129 
GLY O    O N N 130 
GLY OXT  O N N 131 
GLY H    H N N 132 
GLY H2   H N N 133 
GLY HA2  H N N 134 
GLY HA3  H N N 135 
GLY HXT  H N N 136 
HIS N    N N N 137 
HIS CA   C N S 138 
HIS C    C N N 139 
HIS O    O N N 140 
HIS CB   C N N 141 
HIS CG   C Y N 142 
HIS ND1  N Y N 143 
HIS CD2  C Y N 144 
HIS CE1  C Y N 145 
HIS NE2  N Y N 146 
HIS OXT  O N N 147 
HIS H    H N N 148 
HIS H2   H N N 149 
HIS HA   H N N 150 
HIS HB2  H N N 151 
HIS HB3  H N N 152 
HIS HD1  H N N 153 
HIS HD2  H N N 154 
HIS HE1  H N N 155 
HIS HE2  H N N 156 
HIS HXT  H N N 157 
HOH O    O N N 158 
HOH H1   H N N 159 
HOH H2   H N N 160 
ILE N    N N N 161 
ILE CA   C N S 162 
ILE C    C N N 163 
ILE O    O N N 164 
ILE CB   C N S 165 
ILE CG1  C N N 166 
ILE CG2  C N N 167 
ILE CD1  C N N 168 
ILE OXT  O N N 169 
ILE H    H N N 170 
ILE H2   H N N 171 
ILE HA   H N N 172 
ILE HB   H N N 173 
ILE HG12 H N N 174 
ILE HG13 H N N 175 
ILE HG21 H N N 176 
ILE HG22 H N N 177 
ILE HG23 H N N 178 
ILE HD11 H N N 179 
ILE HD12 H N N 180 
ILE HD13 H N N 181 
ILE HXT  H N N 182 
LEU N    N N N 183 
LEU CA   C N S 184 
LEU C    C N N 185 
LEU O    O N N 186 
LEU CB   C N N 187 
LEU CG   C N N 188 
LEU CD1  C N N 189 
LEU CD2  C N N 190 
LEU OXT  O N N 191 
LEU H    H N N 192 
LEU H2   H N N 193 
LEU HA   H N N 194 
LEU HB2  H N N 195 
LEU HB3  H N N 196 
LEU HG   H N N 197 
LEU HD11 H N N 198 
LEU HD12 H N N 199 
LEU HD13 H N N 200 
LEU HD21 H N N 201 
LEU HD22 H N N 202 
LEU HD23 H N N 203 
LEU HXT  H N N 204 
LYS N    N N N 205 
LYS CA   C N S 206 
LYS C    C N N 207 
LYS O    O N N 208 
LYS CB   C N N 209 
LYS CG   C N N 210 
LYS CD   C N N 211 
LYS CE   C N N 212 
LYS NZ   N N N 213 
LYS OXT  O N N 214 
LYS H    H N N 215 
LYS H2   H N N 216 
LYS HA   H N N 217 
LYS HB2  H N N 218 
LYS HB3  H N N 219 
LYS HG2  H N N 220 
LYS HG3  H N N 221 
LYS HD2  H N N 222 
LYS HD3  H N N 223 
LYS HE2  H N N 224 
LYS HE3  H N N 225 
LYS HZ1  H N N 226 
LYS HZ2  H N N 227 
LYS HZ3  H N N 228 
LYS HXT  H N N 229 
MET N    N N N 230 
MET CA   C N S 231 
MET C    C N N 232 
MET O    O N N 233 
MET CB   C N N 234 
MET CG   C N N 235 
MET SD   S N N 236 
MET CE   C N N 237 
MET OXT  O N N 238 
MET H    H N N 239 
MET H2   H N N 240 
MET HA   H N N 241 
MET HB2  H N N 242 
MET HB3  H N N 243 
MET HG2  H N N 244 
MET HG3  H N N 245 
MET HE1  H N N 246 
MET HE2  H N N 247 
MET HE3  H N N 248 
MET HXT  H N N 249 
PHE N    N N N 250 
PHE CA   C N S 251 
PHE C    C N N 252 
PHE O    O N N 253 
PHE CB   C N N 254 
PHE CG   C Y N 255 
PHE CD1  C Y N 256 
PHE CD2  C Y N 257 
PHE CE1  C Y N 258 
PHE CE2  C Y N 259 
PHE CZ   C Y N 260 
PHE OXT  O N N 261 
PHE H    H N N 262 
PHE H2   H N N 263 
PHE HA   H N N 264 
PHE HB2  H N N 265 
PHE HB3  H N N 266 
PHE HD1  H N N 267 
PHE HD2  H N N 268 
PHE HE1  H N N 269 
PHE HE2  H N N 270 
PHE HZ   H N N 271 
PHE HXT  H N N 272 
PRO N    N N N 273 
PRO CA   C N S 274 
PRO C    C N N 275 
PRO O    O N N 276 
PRO CB   C N N 277 
PRO CG   C N N 278 
PRO CD   C N N 279 
PRO OXT  O N N 280 
PRO H    H N N 281 
PRO HA   H N N 282 
PRO HB2  H N N 283 
PRO HB3  H N N 284 
PRO HG2  H N N 285 
PRO HG3  H N N 286 
PRO HD2  H N N 287 
PRO HD3  H N N 288 
PRO HXT  H N N 289 
SER N    N N N 290 
SER CA   C N S 291 
SER C    C N N 292 
SER O    O N N 293 
SER CB   C N N 294 
SER OG   O N N 295 
SER OXT  O N N 296 
SER H    H N N 297 
SER H2   H N N 298 
SER HA   H N N 299 
SER HB2  H N N 300 
SER HB3  H N N 301 
SER HG   H N N 302 
SER HXT  H N N 303 
THR N    N N N 304 
THR CA   C N S 305 
THR C    C N N 306 
THR O    O N N 307 
THR CB   C N R 308 
THR OG1  O N N 309 
THR CG2  C N N 310 
THR OXT  O N N 311 
THR H    H N N 312 
THR H2   H N N 313 
THR HA   H N N 314 
THR HB   H N N 315 
THR HG1  H N N 316 
THR HG21 H N N 317 
THR HG22 H N N 318 
THR HG23 H N N 319 
THR HXT  H N N 320 
TRP N    N N N 321 
TRP CA   C N S 322 
TRP C    C N N 323 
TRP O    O N N 324 
TRP CB   C N N 325 
TRP CG   C Y N 326 
TRP CD1  C Y N 327 
TRP CD2  C Y N 328 
TRP NE1  N Y N 329 
TRP CE2  C Y N 330 
TRP CE3  C Y N 331 
TRP CZ2  C Y N 332 
TRP CZ3  C Y N 333 
TRP CH2  C Y N 334 
TRP OXT  O N N 335 
TRP H    H N N 336 
TRP H2   H N N 337 
TRP HA   H N N 338 
TRP HB2  H N N 339 
TRP HB3  H N N 340 
TRP HD1  H N N 341 
TRP HE1  H N N 342 
TRP HE3  H N N 343 
TRP HZ2  H N N 344 
TRP HZ3  H N N 345 
TRP HH2  H N N 346 
TRP HXT  H N N 347 
TYR N    N N N 348 
TYR CA   C N S 349 
TYR C    C N N 350 
TYR O    O N N 351 
TYR CB   C N N 352 
TYR CG   C Y N 353 
TYR CD1  C Y N 354 
TYR CD2  C Y N 355 
TYR CE1  C Y N 356 
TYR CE2  C Y N 357 
TYR CZ   C Y N 358 
TYR OH   O N N 359 
TYR OXT  O N N 360 
TYR H    H N N 361 
TYR H2   H N N 362 
TYR HA   H N N 363 
TYR HB2  H N N 364 
TYR HB3  H N N 365 
TYR HD1  H N N 366 
TYR HD2  H N N 367 
TYR HE1  H N N 368 
TYR HE2  H N N 369 
TYR HH   H N N 370 
TYR HXT  H N N 371 
VAL N    N N N 372 
VAL CA   C N S 373 
VAL C    C N N 374 
VAL O    O N N 375 
VAL CB   C N N 376 
VAL CG1  C N N 377 
VAL CG2  C N N 378 
VAL OXT  O N N 379 
VAL H    H N N 380 
VAL H2   H N N 381 
VAL HA   H N N 382 
VAL HB   H N N 383 
VAL HG11 H N N 384 
VAL HG12 H N N 385 
VAL HG13 H N N 386 
VAL HG21 H N N 387 
VAL HG22 H N N 388 
VAL HG23 H N N 389 
VAL HXT  H N N 390 
# 
loop_
_chem_comp_bond.comp_id 
_chem_comp_bond.atom_id_1 
_chem_comp_bond.atom_id_2 
_chem_comp_bond.value_order 
_chem_comp_bond.pdbx_aromatic_flag 
_chem_comp_bond.pdbx_stereo_config 
_chem_comp_bond.pdbx_ordinal 
ALA N   CA   sing N N 1   
ALA N   H    sing N N 2   
ALA N   H2   sing N N 3   
ALA CA  C    sing N N 4   
ALA CA  CB   sing N N 5   
ALA CA  HA   sing N N 6   
ALA C   O    doub N N 7   
ALA C   OXT  sing N N 8   
ALA CB  HB1  sing N N 9   
ALA CB  HB2  sing N N 10  
ALA CB  HB3  sing N N 11  
ALA OXT HXT  sing N N 12  
ARG N   CA   sing N N 13  
ARG N   H    sing N N 14  
ARG N   H2   sing N N 15  
ARG CA  C    sing N N 16  
ARG CA  CB   sing N N 17  
ARG CA  HA   sing N N 18  
ARG C   O    doub N N 19  
ARG C   OXT  sing N N 20  
ARG CB  CG   sing N N 21  
ARG CB  HB2  sing N N 22  
ARG CB  HB3  sing N N 23  
ARG CG  CD   sing N N 24  
ARG CG  HG2  sing N N 25  
ARG CG  HG3  sing N N 26  
ARG CD  NE   sing N N 27  
ARG CD  HD2  sing N N 28  
ARG CD  HD3  sing N N 29  
ARG NE  CZ   sing N N 30  
ARG NE  HE   sing N N 31  
ARG CZ  NH1  sing N N 32  
ARG CZ  NH2  doub N N 33  
ARG NH1 HH11 sing N N 34  
ARG NH1 HH12 sing N N 35  
ARG NH2 HH21 sing N N 36  
ARG NH2 HH22 sing N N 37  
ARG OXT HXT  sing N N 38  
ASN N   CA   sing N N 39  
ASN N   H    sing N N 40  
ASN N   H2   sing N N 41  
ASN CA  C    sing N N 42  
ASN CA  CB   sing N N 43  
ASN CA  HA   sing N N 44  
ASN C   O    doub N N 45  
ASN C   OXT  sing N N 46  
ASN CB  CG   sing N N 47  
ASN CB  HB2  sing N N 48  
ASN CB  HB3  sing N N 49  
ASN CG  OD1  doub N N 50  
ASN CG  ND2  sing N N 51  
ASN ND2 HD21 sing N N 52  
ASN ND2 HD22 sing N N 53  
ASN OXT HXT  sing N N 54  
ASP N   CA   sing N N 55  
ASP N   H    sing N N 56  
ASP N   H2   sing N N 57  
ASP CA  C    sing N N 58  
ASP CA  CB   sing N N 59  
ASP CA  HA   sing N N 60  
ASP C   O    doub N N 61  
ASP C   OXT  sing N N 62  
ASP CB  CG   sing N N 63  
ASP CB  HB2  sing N N 64  
ASP CB  HB3  sing N N 65  
ASP CG  OD1  doub N N 66  
ASP CG  OD2  sing N N 67  
ASP OD2 HD2  sing N N 68  
ASP OXT HXT  sing N N 69  
CYS N   CA   sing N N 70  
CYS N   H    sing N N 71  
CYS N   H2   sing N N 72  
CYS CA  C    sing N N 73  
CYS CA  CB   sing N N 74  
CYS CA  HA   sing N N 75  
CYS C   O    doub N N 76  
CYS C   OXT  sing N N 77  
CYS CB  SG   sing N N 78  
CYS CB  HB2  sing N N 79  
CYS CB  HB3  sing N N 80  
CYS SG  HG   sing N N 81  
CYS OXT HXT  sing N N 82  
GLN N   CA   sing N N 83  
GLN N   H    sing N N 84  
GLN N   H2   sing N N 85  
GLN CA  C    sing N N 86  
GLN CA  CB   sing N N 87  
GLN CA  HA   sing N N 88  
GLN C   O    doub N N 89  
GLN C   OXT  sing N N 90  
GLN CB  CG   sing N N 91  
GLN CB  HB2  sing N N 92  
GLN CB  HB3  sing N N 93  
GLN CG  CD   sing N N 94  
GLN CG  HG2  sing N N 95  
GLN CG  HG3  sing N N 96  
GLN CD  OE1  doub N N 97  
GLN CD  NE2  sing N N 98  
GLN NE2 HE21 sing N N 99  
GLN NE2 HE22 sing N N 100 
GLN OXT HXT  sing N N 101 
GLU N   CA   sing N N 102 
GLU N   H    sing N N 103 
GLU N   H2   sing N N 104 
GLU CA  C    sing N N 105 
GLU CA  CB   sing N N 106 
GLU CA  HA   sing N N 107 
GLU C   O    doub N N 108 
GLU C   OXT  sing N N 109 
GLU CB  CG   sing N N 110 
GLU CB  HB2  sing N N 111 
GLU CB  HB3  sing N N 112 
GLU CG  CD   sing N N 113 
GLU CG  HG2  sing N N 114 
GLU CG  HG3  sing N N 115 
GLU CD  OE1  doub N N 116 
GLU CD  OE2  sing N N 117 
GLU OE2 HE2  sing N N 118 
GLU OXT HXT  sing N N 119 
GLY N   CA   sing N N 120 
GLY N   H    sing N N 121 
GLY N   H2   sing N N 122 
GLY CA  C    sing N N 123 
GLY CA  HA2  sing N N 124 
GLY CA  HA3  sing N N 125 
GLY C   O    doub N N 126 
GLY C   OXT  sing N N 127 
GLY OXT HXT  sing N N 128 
HIS N   CA   sing N N 129 
HIS N   H    sing N N 130 
HIS N   H2   sing N N 131 
HIS CA  C    sing N N 132 
HIS CA  CB   sing N N 133 
HIS CA  HA   sing N N 134 
HIS C   O    doub N N 135 
HIS C   OXT  sing N N 136 
HIS CB  CG   sing N N 137 
HIS CB  HB2  sing N N 138 
HIS CB  HB3  sing N N 139 
HIS CG  ND1  sing Y N 140 
HIS CG  CD2  doub Y N 141 
HIS ND1 CE1  doub Y N 142 
HIS ND1 HD1  sing N N 143 
HIS CD2 NE2  sing Y N 144 
HIS CD2 HD2  sing N N 145 
HIS CE1 NE2  sing Y N 146 
HIS CE1 HE1  sing N N 147 
HIS NE2 HE2  sing N N 148 
HIS OXT HXT  sing N N 149 
HOH O   H1   sing N N 150 
HOH O   H2   sing N N 151 
ILE N   CA   sing N N 152 
ILE N   H    sing N N 153 
ILE N   H2   sing N N 154 
ILE CA  C    sing N N 155 
ILE CA  CB   sing N N 156 
ILE CA  HA   sing N N 157 
ILE C   O    doub N N 158 
ILE C   OXT  sing N N 159 
ILE CB  CG1  sing N N 160 
ILE CB  CG2  sing N N 161 
ILE CB  HB   sing N N 162 
ILE CG1 CD1  sing N N 163 
ILE CG1 HG12 sing N N 164 
ILE CG1 HG13 sing N N 165 
ILE CG2 HG21 sing N N 166 
ILE CG2 HG22 sing N N 167 
ILE CG2 HG23 sing N N 168 
ILE CD1 HD11 sing N N 169 
ILE CD1 HD12 sing N N 170 
ILE CD1 HD13 sing N N 171 
ILE OXT HXT  sing N N 172 
LEU N   CA   sing N N 173 
LEU N   H    sing N N 174 
LEU N   H2   sing N N 175 
LEU CA  C    sing N N 176 
LEU CA  CB   sing N N 177 
LEU CA  HA   sing N N 178 
LEU C   O    doub N N 179 
LEU C   OXT  sing N N 180 
LEU CB  CG   sing N N 181 
LEU CB  HB2  sing N N 182 
LEU CB  HB3  sing N N 183 
LEU CG  CD1  sing N N 184 
LEU CG  CD2  sing N N 185 
LEU CG  HG   sing N N 186 
LEU CD1 HD11 sing N N 187 
LEU CD1 HD12 sing N N 188 
LEU CD1 HD13 sing N N 189 
LEU CD2 HD21 sing N N 190 
LEU CD2 HD22 sing N N 191 
LEU CD2 HD23 sing N N 192 
LEU OXT HXT  sing N N 193 
LYS N   CA   sing N N 194 
LYS N   H    sing N N 195 
LYS N   H2   sing N N 196 
LYS CA  C    sing N N 197 
LYS CA  CB   sing N N 198 
LYS CA  HA   sing N N 199 
LYS C   O    doub N N 200 
LYS C   OXT  sing N N 201 
LYS CB  CG   sing N N 202 
LYS CB  HB2  sing N N 203 
LYS CB  HB3  sing N N 204 
LYS CG  CD   sing N N 205 
LYS CG  HG2  sing N N 206 
LYS CG  HG3  sing N N 207 
LYS CD  CE   sing N N 208 
LYS CD  HD2  sing N N 209 
LYS CD  HD3  sing N N 210 
LYS CE  NZ   sing N N 211 
LYS CE  HE2  sing N N 212 
LYS CE  HE3  sing N N 213 
LYS NZ  HZ1  sing N N 214 
LYS NZ  HZ2  sing N N 215 
LYS NZ  HZ3  sing N N 216 
LYS OXT HXT  sing N N 217 
MET N   CA   sing N N 218 
MET N   H    sing N N 219 
MET N   H2   sing N N 220 
MET CA  C    sing N N 221 
MET CA  CB   sing N N 222 
MET CA  HA   sing N N 223 
MET C   O    doub N N 224 
MET C   OXT  sing N N 225 
MET CB  CG   sing N N 226 
MET CB  HB2  sing N N 227 
MET CB  HB3  sing N N 228 
MET CG  SD   sing N N 229 
MET CG  HG2  sing N N 230 
MET CG  HG3  sing N N 231 
MET SD  CE   sing N N 232 
MET CE  HE1  sing N N 233 
MET CE  HE2  sing N N 234 
MET CE  HE3  sing N N 235 
MET OXT HXT  sing N N 236 
PHE N   CA   sing N N 237 
PHE N   H    sing N N 238 
PHE N   H2   sing N N 239 
PHE CA  C    sing N N 240 
PHE CA  CB   sing N N 241 
PHE CA  HA   sing N N 242 
PHE C   O    doub N N 243 
PHE C   OXT  sing N N 244 
PHE CB  CG   sing N N 245 
PHE CB  HB2  sing N N 246 
PHE CB  HB3  sing N N 247 
PHE CG  CD1  doub Y N 248 
PHE CG  CD2  sing Y N 249 
PHE CD1 CE1  sing Y N 250 
PHE CD1 HD1  sing N N 251 
PHE CD2 CE2  doub Y N 252 
PHE CD2 HD2  sing N N 253 
PHE CE1 CZ   doub Y N 254 
PHE CE1 HE1  sing N N 255 
PHE CE2 CZ   sing Y N 256 
PHE CE2 HE2  sing N N 257 
PHE CZ  HZ   sing N N 258 
PHE OXT HXT  sing N N 259 
PRO N   CA   sing N N 260 
PRO N   CD   sing N N 261 
PRO N   H    sing N N 262 
PRO CA  C    sing N N 263 
PRO CA  CB   sing N N 264 
PRO CA  HA   sing N N 265 
PRO C   O    doub N N 266 
PRO C   OXT  sing N N 267 
PRO CB  CG   sing N N 268 
PRO CB  HB2  sing N N 269 
PRO CB  HB3  sing N N 270 
PRO CG  CD   sing N N 271 
PRO CG  HG2  sing N N 272 
PRO CG  HG3  sing N N 273 
PRO CD  HD2  sing N N 274 
PRO CD  HD3  sing N N 275 
PRO OXT HXT  sing N N 276 
SER N   CA   sing N N 277 
SER N   H    sing N N 278 
SER N   H2   sing N N 279 
SER CA  C    sing N N 280 
SER CA  CB   sing N N 281 
SER CA  HA   sing N N 282 
SER C   O    doub N N 283 
SER C   OXT  sing N N 284 
SER CB  OG   sing N N 285 
SER CB  HB2  sing N N 286 
SER CB  HB3  sing N N 287 
SER OG  HG   sing N N 288 
SER OXT HXT  sing N N 289 
THR N   CA   sing N N 290 
THR N   H    sing N N 291 
THR N   H2   sing N N 292 
THR CA  C    sing N N 293 
THR CA  CB   sing N N 294 
THR CA  HA   sing N N 295 
THR C   O    doub N N 296 
THR C   OXT  sing N N 297 
THR CB  OG1  sing N N 298 
THR CB  CG2  sing N N 299 
THR CB  HB   sing N N 300 
THR OG1 HG1  sing N N 301 
THR CG2 HG21 sing N N 302 
THR CG2 HG22 sing N N 303 
THR CG2 HG23 sing N N 304 
THR OXT HXT  sing N N 305 
TRP N   CA   sing N N 306 
TRP N   H    sing N N 307 
TRP N   H2   sing N N 308 
TRP CA  C    sing N N 309 
TRP CA  CB   sing N N 310 
TRP CA  HA   sing N N 311 
TRP C   O    doub N N 312 
TRP C   OXT  sing N N 313 
TRP CB  CG   sing N N 314 
TRP CB  HB2  sing N N 315 
TRP CB  HB3  sing N N 316 
TRP CG  CD1  doub Y N 317 
TRP CG  CD2  sing Y N 318 
TRP CD1 NE1  sing Y N 319 
TRP CD1 HD1  sing N N 320 
TRP CD2 CE2  doub Y N 321 
TRP CD2 CE3  sing Y N 322 
TRP NE1 CE2  sing Y N 323 
TRP NE1 HE1  sing N N 324 
TRP CE2 CZ2  sing Y N 325 
TRP CE3 CZ3  doub Y N 326 
TRP CE3 HE3  sing N N 327 
TRP CZ2 CH2  doub Y N 328 
TRP CZ2 HZ2  sing N N 329 
TRP CZ3 CH2  sing Y N 330 
TRP CZ3 HZ3  sing N N 331 
TRP CH2 HH2  sing N N 332 
TRP OXT HXT  sing N N 333 
TYR N   CA   sing N N 334 
TYR N   H    sing N N 335 
TYR N   H2   sing N N 336 
TYR CA  C    sing N N 337 
TYR CA  CB   sing N N 338 
TYR CA  HA   sing N N 339 
TYR C   O    doub N N 340 
TYR C   OXT  sing N N 341 
TYR CB  CG   sing N N 342 
TYR CB  HB2  sing N N 343 
TYR CB  HB3  sing N N 344 
TYR CG  CD1  doub Y N 345 
TYR CG  CD2  sing Y N 346 
TYR CD1 CE1  sing Y N 347 
TYR CD1 HD1  sing N N 348 
TYR CD2 CE2  doub Y N 349 
TYR CD2 HD2  sing N N 350 
TYR CE1 CZ   doub Y N 351 
TYR CE1 HE1  sing N N 352 
TYR CE2 CZ   sing Y N 353 
TYR CE2 HE2  sing N N 354 
TYR CZ  OH   sing N N 355 
TYR OH  HH   sing N N 356 
TYR OXT HXT  sing N N 357 
VAL N   CA   sing N N 358 
VAL N   H    sing N N 359 
VAL N   H2   sing N N 360 
VAL CA  C    sing N N 361 
VAL CA  CB   sing N N 362 
VAL CA  HA   sing N N 363 
VAL C   O    doub N N 364 
VAL C   OXT  sing N N 365 
VAL CB  CG1  sing N N 366 
VAL CB  CG2  sing N N 367 
VAL CB  HB   sing N N 368 
VAL CG1 HG11 sing N N 369 
VAL CG1 HG12 sing N N 370 
VAL CG1 HG13 sing N N 371 
VAL CG2 HG21 sing N N 372 
VAL CG2 HG22 sing N N 373 
VAL CG2 HG23 sing N N 374 
VAL OXT HXT  sing N N 375 
# 
_pdbx_audit_support.funding_organization   'National Natural Science Foundation of China (NSFC)' 
_pdbx_audit_support.country                China 
_pdbx_audit_support.grant_number           ? 
_pdbx_audit_support.ordinal                1 
# 
_pdbx_initial_refinement_model.id               1 
_pdbx_initial_refinement_model.entity_id_list   ? 
_pdbx_initial_refinement_model.type             'in silico model' 
_pdbx_initial_refinement_model.source_name      AlphaFold 
_pdbx_initial_refinement_model.accession_code   ? 
_pdbx_initial_refinement_model.details          ? 
# 
_space_group.name_H-M_alt     'P 31 2 1' 
_space_group.name_Hall        
;P 31 2"
;
_space_group.IT_number        152 
_space_group.crystal_system   trigonal 
_space_group.id               1 
# 
_atom_sites.entry_id                    8XYU 
_atom_sites.Cartn_transf_matrix[1][1]   ? 
_atom_sites.Cartn_transf_matrix[1][2]   ? 
_atom_sites.Cartn_transf_matrix[1][3]   ? 
_atom_sites.Cartn_transf_matrix[2][1]   ? 
_atom_sites.Cartn_transf_matrix[2][2]   ? 
_atom_sites.Cartn_transf_matrix[2][3]   ? 
_atom_sites.Cartn_transf_matrix[3][1]   ? 
_atom_sites.Cartn_transf_matrix[3][2]   ? 
_atom_sites.Cartn_transf_matrix[3][3]   ? 
_atom_sites.Cartn_transf_vector[1]      ? 
_atom_sites.Cartn_transf_vector[2]      ? 
_atom_sites.Cartn_transf_vector[3]      ? 
_atom_sites.Cartn_transform_axes        ? 
_atom_sites.fract_transf_matrix[1][1]   0.01641323 
_atom_sites.fract_transf_matrix[1][2]   0.00018048 
_atom_sites.fract_transf_matrix[1][3]   -0.00919664 
_atom_sites.fract_transf_matrix[2][1]   0.00353867 
_atom_sites.fract_transf_matrix[2][2]   -0.01294647 
_atom_sites.fract_transf_matrix[2][3]   -0.01318601 
_atom_sites.fract_transf_matrix[3][1]   -0.00349946 
_atom_sites.fract_transf_matrix[3][2]   0.00529862 
_atom_sites.fract_transf_matrix[3][3]   -0.00614150 
_atom_sites.fract_transf_vector[1]      0.401239 
_atom_sites.fract_transf_vector[2]      -0.246843 
_atom_sites.fract_transf_vector[3]      0.032649 
_atom_sites.solution_primary            ? 
_atom_sites.solution_secondary          ? 
_atom_sites.solution_hydrogens          ? 
_atom_sites.special_details             ? 
# 
loop_
_atom_type.symbol 
_atom_type.scat_dispersion_real 
_atom_type.scat_dispersion_imag 
_atom_type.scat_Cromer_Mann_a1 
_atom_type.scat_Cromer_Mann_a2 
_atom_type.scat_Cromer_Mann_a3 
_atom_type.scat_Cromer_Mann_a4 
_atom_type.scat_Cromer_Mann_b1 
_atom_type.scat_Cromer_Mann_b2 
_atom_type.scat_Cromer_Mann_b3 
_atom_type.scat_Cromer_Mann_b4 
_atom_type.scat_Cromer_Mann_c 
_atom_type.scat_source 
_atom_type.scat_dispersion_source 
C ? ? 3.54356 2.42580 ? ? 25.62398 1.50364  ? ? 0.0 
;2-Gaussian fit: Grosse-Kunstleve RW, Sauter NK, Adams PD: Newsletter of the IUCr Commission on Crystallographic Computing 2004, 3, 22-31.
;
? 
N ? ? 4.01032 2.96436 ? ? 19.97189 1.75589  ? ? 0.0 
;2-Gaussian fit: Grosse-Kunstleve RW, Sauter NK, Adams PD: Newsletter of the IUCr Commission on Crystallographic Computing 2004, 3, 22-31.
;
? 
O ? ? 4.49882 3.47563 ? ? 15.80542 1.70748  ? ? 0.0 
;2-Gaussian fit: Grosse-Kunstleve RW, Sauter NK, Adams PD: Newsletter of the IUCr Commission on Crystallographic Computing 2004, 3, 22-31.
;
? 
S ? ? 9.55732 6.39887 ? ? 1.23737  29.19336 ? ? 0.0 
;2-Gaussian fit: Grosse-Kunstleve RW, Sauter NK, Adams PD: Newsletter of the IUCr Commission on Crystallographic Computing 2004, 3, 22-31.
;
? 
# 
loop_
_atom_site.group_PDB 
_atom_site.id 
_atom_site.type_symbol 
_atom_site.label_atom_id 
_atom_site.label_alt_id 
_atom_site.label_comp_id 
_atom_site.label_asym_id 
_atom_site.label_entity_id 
_atom_site.label_seq_id 
_atom_site.pdbx_PDB_ins_code 
_atom_site.Cartn_x 
_atom_site.Cartn_y 
_atom_site.Cartn_z 
_atom_site.occupancy 
_atom_site.B_iso_or_equiv 
_atom_site.pdbx_formal_charge 
_atom_site.auth_seq_id 
_atom_site.auth_comp_id 
_atom_site.auth_asym_id 
_atom_site.auth_atom_id 
_atom_site.pdbx_PDB_model_num 
ATOM   1    N N   . HIS A 1 8   ? 5.76606   9.60940   -16.45408 1.000 41.77121 ? 0   HIS A N   1 
ATOM   2    C CA  . HIS A 1 8   ? 5.78356   9.90249   -15.02241 1.000 39.97700 ? 0   HIS A CA  1 
ATOM   3    C C   . HIS A 1 8   ? 4.91402   11.12060  -14.70662 1.000 42.83213 ? 0   HIS A C   1 
ATOM   4    O O   . HIS A 1 8   ? 4.86974   12.07784  -15.47921 1.000 43.43419 ? 0   HIS A O   1 
ATOM   5    C CB  . HIS A 1 8   ? 7.22096   10.13133  -14.52442 1.000 41.70203 ? 0   HIS A CB  1 
ATOM   6    C CG  . HIS A 1 8   ? 7.35546   10.09500  -13.02713 1.000 44.93394 ? 0   HIS A CG  1 
ATOM   7    N ND1 . HIS A 1 8   ? 7.10958   11.19284  -12.22571 1.000 45.01735 ? 0   HIS A ND1 1 
ATOM   8    C CD2 . HIS A 1 8   ? 7.69279   9.08633   -12.18422 1.000 42.98984 ? 0   HIS A CD2 1 
ATOM   9    C CE1 . HIS A 1 8   ? 7.29325   10.86361  -10.95725 1.000 40.55546 ? 0   HIS A CE1 1 
ATOM   10   N NE2 . HIS A 1 8   ? 7.64822   9.59090   -10.90495 1.000 41.81618 ? 0   HIS A NE2 1 
ATOM   11   N N   . VAL A 1 9   ? 4.21260   11.07163  -13.56926 1.000 40.96424 ? 1   VAL A N   1 
ATOM   12   C CA  . VAL A 1 9   ? 3.35167   12.15601  -13.11698 1.000 41.14588 ? 1   VAL A CA  1 
ATOM   13   C C   . VAL A 1 9   ? 3.73855   12.53101  -11.69119 1.000 43.31060 ? 1   VAL A C   1 
ATOM   14   O O   . VAL A 1 9   ? 4.36907   11.75644  -10.96398 1.000 42.55338 ? 1   VAL A O   1 
ATOM   15   C CB  . VAL A 1 9   ? 1.85647   11.77986  -13.17826 1.000 37.56779 ? 1   VAL A CB  1 
ATOM   16   C CG1 . VAL A 1 9   ? 1.41455   11.52932  -14.61673 1.000 38.22116 ? 1   VAL A CG1 1 
ATOM   17   C CG2 . VAL A 1 9   ? 1.60750   10.55296  -12.30532 1.000 35.50202 ? 1   VAL A CG2 1 
ATOM   18   N N   . GLY A 1 10  ? 3.33746   13.73970  -11.29389 1.000 45.01239 ? 2   GLY A N   1 
ATOM   19   C CA  . GLY A 1 10  ? 3.64780   14.25999  -9.97652  1.000 44.16661 ? 2   GLY A CA  1 
ATOM   20   C C   . GLY A 1 10  ? 2.43127   14.72046  -9.19624  1.000 42.75162 ? 2   GLY A C   1 
ATOM   21   O O   . GLY A 1 10  ? 1.30131   14.30975  -9.48831  1.000 39.47274 ? 2   GLY A O   1 
ATOM   22   N N   . THR A 1 11  ? 2.65434   15.57881  -8.19366  1.000 44.69827 ? 3   THR A N   1 
ATOM   23   C CA  . THR A 1 11  ? 1.56046   16.04816  -7.34455  1.000 44.52925 ? 3   THR A CA  1 
ATOM   24   C C   . THR A 1 11  ? 0.55600   16.89579  -8.11688  1.000 46.96196 ? 3   THR A C   1 
ATOM   25   O O   . THR A 1 11  ? -0.61439  16.97749  -7.72193  1.000 47.59659 ? 3   THR A O   1 
ATOM   26   C CB  . THR A 1 11  ? 2.12392   16.83526  -6.14955  1.000 45.91684 ? 3   THR A CB  1 
ATOM   27   O OG1 . THR A 1 11  ? 2.99295   15.99131  -5.37766  1.000 43.60079 ? 3   THR A OG1 1 
ATOM   28   C CG2 . THR A 1 11  ? 1.00738   17.35984  -5.24688  1.000 47.61564 ? 3   THR A CG2 1 
ATOM   29   N N   . ASP A 1 12  ? 0.96853   17.50269  -9.22691  1.000 46.90153 ? 4   ASP A N   1 
ATOM   30   C CA  . ASP A 1 12  ? 0.08092   18.40229  -9.94688  1.000 45.87288 ? 4   ASP A CA  1 
ATOM   31   C C   . ASP A 1 12  ? -0.69487  17.74274  -11.08207 1.000 45.63998 ? 4   ASP A C   1 
ATOM   32   O O   . ASP A 1 12  ? -1.74577  18.26722  -11.46396 1.000 46.51920 ? 4   ASP A O   1 
ATOM   33   C CB  . ASP A 1 12  ? 0.87379   19.60344  -10.48561 1.000 50.45343 ? 4   ASP A CB  1 
ATOM   34   C CG  . ASP A 1 12  ? 1.97472   19.19543  -11.45097 1.000 56.41814 ? 4   ASP A CG  1 
ATOM   35   O OD1 . ASP A 1 12  ? 2.38087   18.00600  -11.43178 1.000 55.37623 ? 4   ASP A OD1 1 
ATOM   36   O OD2 . ASP A 1 12  ? 2.43200   20.06480  -12.23205 1.000 61.80750 ? 4   ASP A OD2 1 
ATOM   37   N N   . ASP A 1 13  ? -0.23205  16.61769  -11.63491 1.000 40.97244 ? 5   ASP A N   1 
ATOM   38   C CA  . ASP A 1 13  ? -0.95528  16.00710  -12.74783 1.000 37.62710 ? 5   ASP A CA  1 
ATOM   39   C C   . ASP A 1 13  ? -1.26583  14.53936  -12.48664 1.000 35.51948 ? 5   ASP A C   1 
ATOM   40   O O   . ASP A 1 13  ? -1.33240  13.74364  -13.42684 1.000 32.06713 ? 5   ASP A O   1 
ATOM   41   C CB  . ASP A 1 13  ? -0.18712  16.14910  -14.06156 1.000 38.23147 ? 5   ASP A CB  1 
ATOM   42   C CG  . ASP A 1 13  ? 1.24711   15.67799  -13.95497 1.000 44.03263 ? 5   ASP A CG  1 
ATOM   43   O OD1 . ASP A 1 13  ? 1.69956   15.39763  -12.81949 1.000 43.55424 ? 5   ASP A OD1 1 
ATOM   44   O OD2 . ASP A 1 13  ? 1.92379   15.58984  -15.00915 1.000 44.75695 ? 5   ASP A OD2 1 
ATOM   45   N N   . TRP A 1 14  ? -1.48468  14.16836  -11.21893 1.000 32.68874 ? 6   TRP A N   1 
ATOM   46   C CA  . TRP A 1 14  ? -1.70766  12.76300  -10.89163 1.000 29.41105 ? 6   TRP A CA  1 
ATOM   47   C C   . TRP A 1 14  ? -2.93364  12.19422  -11.59532 1.000 26.26182 ? 6   TRP A C   1 
ATOM   48   O O   . TRP A 1 14  ? -2.97592  10.99890  -11.88596 1.000 26.06435 ? 6   TRP A O   1 
ATOM   49   C CB  . TRP A 1 14  ? -1.82757  12.60114  -9.37648  1.000 26.39341 ? 6   TRP A CB  1 
ATOM   50   C CG  . TRP A 1 14  ? -2.87469  13.47345  -8.75951  1.000 25.13701 ? 6   TRP A CG  1 
ATOM   51   C CD1 . TRP A 1 14  ? -2.70824  14.74252  -8.27751  1.000 26.87020 ? 6   TRP A CD1 1 
ATOM   52   C CD2 . TRP A 1 14  ? -4.24646  13.13310  -8.53408  1.000 24.59192 ? 6   TRP A CD2 1 
ATOM   53   N NE1 . TRP A 1 14  ? -3.89975  15.21675  -7.77874  1.000 27.21412 ? 6   TRP A NE1 1 
ATOM   54   C CE2 . TRP A 1 14  ? -4.85976  14.24952  -7.92646  1.000 23.72882 ? 6   TRP A CE2 1 
ATOM   55   C CE3 . TRP A 1 14  ? -5.01750  11.99859  -8.79839  1.000 23.05559 ? 6   TRP A CE3 1 
ATOM   56   C CZ2 . TRP A 1 14  ? -6.20472  14.25730  -7.56756  1.000 23.32798 ? 6   TRP A CZ2 1 
ATOM   57   C CZ3 . TRP A 1 14  ? -6.34582  12.00129  -8.44088  1.000 22.06202 ? 6   TRP A CZ3 1 
ATOM   58   C CH2 . TRP A 1 14  ? -6.93325  13.13307  -7.83946  1.000 23.10247 ? 6   TRP A CH2 1 
ATOM   59   N N   . ARG A 1 15  ? -3.92671  13.02943  -11.91649 1.000 28.12942 ? 7   ARG A N   1 
ATOM   60   C CA  . ARG A 1 15  ? -5.12529  12.52513  -12.58192 1.000 26.47013 ? 7   ARG A CA  1 
ATOM   61   C C   . ARG A 1 15  ? -4.86383  12.06110  -14.00385 1.000 30.19738 ? 7   ARG A C   1 
ATOM   62   O O   . ARG A 1 15  ? -5.68874  11.32908  -14.56926 1.000 31.51522 ? 7   ARG A O   1 
ATOM   63   C CB  . ARG A 1 15  ? -6.20394  13.60158  -12.61783 1.000 28.79182 ? 7   ARG A CB  1 
ATOM   64   C CG  . ARG A 1 15  ? -6.95243  13.69334  -11.33959 1.000 28.51493 ? 7   ARG A CG  1 
ATOM   65   C CD  . ARG A 1 15  ? -8.33375  14.21250  -11.54525 1.000 28.85871 ? 7   ARG A CD  1 
ATOM   66   N NE  . ARG A 1 15  ? -8.91763  14.56635  -10.26146 1.000 25.17830 ? 7   ARG A NE  1 
ATOM   67   C CZ  . ARG A 1 15  ? -9.93387  13.91781  -9.71440  1.000 22.72804 ? 7   ARG A CZ  1 
ATOM   68   N NH1 . ARG A 1 15  ? -10.49775 12.88622  -10.31823 1.000 23.69682 ? 7   ARG A NH1 1 
ATOM   69   N NH2 . ARG A 1 15  ? -10.41729 14.33693  -8.55284  1.000 24.51305 ? 7   ARG A NH2 1 
ATOM   70   N N   . CYS A 1 16  ? -3.75609  12.48011  -14.60417 1.000 29.92811 ? 8   CYS A N   1 
ATOM   71   C CA  . CYS A 1 16  ? -3.45162  12.03382  -15.95505 1.000 33.23886 ? 8   CYS A CA  1 
ATOM   72   C C   . CYS A 1 16  ? -2.79689  10.65830  -15.99338 1.000 31.72263 ? 8   CYS A C   1 
ATOM   73   O O   . CYS A 1 16  ? -2.69583  10.07095  -17.07437 1.000 29.23653 ? 8   CYS A O   1 
ATOM   74   C CB  . CYS A 1 16  ? -2.56352  13.06827  -16.65452 1.000 35.49277 ? 8   CYS A CB  1 
ATOM   75   S SG  . CYS A 1 16  ? -3.39064  14.67233  -16.94897 1.000 45.14368 ? 8   CYS A SG  1 
ATOM   76   N N   . ALA A 1 17  ? -2.37533  10.11540  -14.85276 1.000 30.16832 ? 9   ALA A N   1 
ATOM   77   C CA  . ALA A 1 17  ? -1.70333  8.82616   -14.85982 1.000 27.83780 ? 9   ALA A CA  1 
ATOM   78   C C   . ALA A 1 17  ? -2.65235  7.70895   -15.26845 1.000 27.25738 ? 9   ALA A C   1 
ATOM   79   O O   . ALA A 1 17  ? -3.86168  7.75223   -15.00914 1.000 28.87462 ? 9   ALA A O   1 
ATOM   80   C CB  . ALA A 1 17  ? -1.11915  8.51344   -13.47887 1.000 25.83439 ? 9   ALA A CB  1 
ATOM   81   N N   . ARG A 1 18  ? -2.08535  6.69233   -15.90887 1.000 26.46492 ? 10  ARG A N   1 
ATOM   82   C CA  . ARG A 1 18  ? -2.81481  5.48993   -16.26559 1.000 27.73445 ? 10  ARG A CA  1 
ATOM   83   C C   . ARG A 1 18  ? -2.33108  4.26071   -15.50863 1.000 24.61590 ? 10  ARG A C   1 
ATOM   84   O O   . ARG A 1 18  ? -2.86494  3.16815   -15.73202 1.000 25.98034 ? 10  ARG A O   1 
ATOM   85   C CB  . ARG A 1 18  ? -2.70231  5.23627   -17.77323 1.000 33.47009 ? 10  ARG A CB  1 
ATOM   86   C CG  . ARG A 1 18  ? -3.43410  6.24779   -18.63749 1.000 36.39672 ? 10  ARG A CG  1 
ATOM   87   C CD  . ARG A 1 18  ? -4.21668  5.54756   -19.73600 1.000 41.16405 ? 10  ARG A CD  1 
ATOM   88   N NE  . ARG A 1 18  ? -5.45264  6.25734   -20.03553 1.000 47.83039 ? 10  ARG A NE  1 
ATOM   89   C CZ  . ARG A 1 18  ? -6.61982  5.67433   -20.27209 1.000 47.40684 ? 10  ARG A CZ  1 
ATOM   90   N NH1 . ARG A 1 18  ? -6.76230  4.35756   -20.20843 1.000 48.95948 ? 10  ARG A NH1 1 
ATOM   91   N NH2 . ARG A 1 18  ? -7.67454  6.43340   -20.56810 1.000 45.90261 ? 10  ARG A NH2 1 
ATOM   92   N N   . SER A 1 19  ? -1.34550  4.40889   -14.62237 1.000 26.16156 ? 11  SER A N   1 
ATOM   93   C CA  . SER A 1 19  ? -0.70612  3.26663   -13.98148 1.000 24.97941 ? 11  SER A CA  1 
ATOM   94   C C   . SER A 1 19  ? 0.02848   3.70844   -12.72031 1.000 23.32222 ? 11  SER A C   1 
ATOM   95   O O   . SER A 1 19  ? 0.57844   4.81144   -12.65513 1.000 23.56325 ? 11  SER A O   1 
ATOM   96   C CB  . SER A 1 19  ? 0.27456   2.57754   -14.94982 1.000 25.90768 ? 11  SER A CB  1 
ATOM   97   O OG  . SER A 1 19  ? 1.06288   1.61066   -14.28242 1.000 27.47004 ? 11  SER A OG  1 
ATOM   98   N N   . MET A 1 20  ? 0.03660   2.81981   -11.71706 1.000 23.27484 ? 12  MET A N   1 
ATOM   99   C CA  . MET A 1 20  ? 0.98149   2.93299   -10.61420 1.000 24.23991 ? 12  MET A CA  1 
ATOM   100  C C   . MET A 1 20  ? 2.39482   3.25128   -11.07606 1.000 23.30151 ? 12  MET A C   1 
ATOM   101  O O   . MET A 1 20  ? 3.12580   3.97938   -10.39697 1.000 24.70103 ? 12  MET A O   1 
ATOM   102  C CB  . MET A 1 20  ? 1.08281   1.63490   -9.82784  1.000 21.63812 ? 12  MET A CB  1 
ATOM   103  C CG  . MET A 1 20  ? 1.95824   1.80995   -8.59342  1.000 23.69450 ? 12  MET A CG  1 
ATOM   104  S SD  . MET A 1 20  ? 1.91056   0.45320   -7.42422  1.000 24.73058 ? 12  MET A SD  1 
ATOM   105  C CE  . MET A 1 20  ? 2.97140   -0.69005  -8.30667  1.000 26.55118 ? 12  MET A CE  1 
ATOM   106  N N   . HIS A 1 21  ? 2.79828   2.65971   -12.20554 1.000 24.54767 ? 13  HIS A N   1 
ATOM   107  C CA  . HIS A 1 21  ? 4.18217   2.75060   -12.66192 1.000 27.85754 ? 13  HIS A CA  1 
ATOM   108  C C   . HIS A 1 21  ? 4.61107   4.17618   -12.96897 1.000 28.18519 ? 13  HIS A C   1 
ATOM   109  O O   . HIS A 1 21  ? 5.81381   4.43239   -13.10954 1.000 28.44287 ? 13  HIS A O   1 
ATOM   110  C CB  . HIS A 1 21  ? 4.38912   1.87111   -13.90007 1.000 28.05989 ? 13  HIS A CB  1 
ATOM   111  C CG  . HIS A 1 21  ? 4.02602   0.43545   -13.68679 1.000 28.23149 ? 13  HIS A CG  1 
ATOM   112  N ND1 . HIS A 1 21  ? 3.60108   -0.38691  -14.70864 1.000 29.04458 ? 13  HIS A ND1 1 
ATOM   113  C CD2 . HIS A 1 21  ? 3.98727   -0.31449  -12.55844 1.000 26.50872 ? 13  HIS A CD2 1 
ATOM   114  C CE1 . HIS A 1 21  ? 3.35434   -1.59179  -14.22725 1.000 27.81721 ? 13  HIS A CE1 1 
ATOM   115  N NE2 . HIS A 1 21  ? 3.56741   -1.57156  -12.92339 1.000 28.32774 ? 13  HIS A NE2 1 
ATOM   116  N N   . GLU A 1 22  ? 3.67188   5.10511   -13.04603 1.000 27.21702 ? 14  GLU A N   1 
ATOM   117  C CA  . GLU A 1 22  ? 3.97232   6.48761   -13.36746 1.000 29.58740 ? 14  GLU A CA  1 
ATOM   118  C C   . GLU A 1 22  ? 4.34313   7.30430   -12.13688 1.000 30.02469 ? 14  GLU A C   1 
ATOM   119  O O   . GLU A 1 22  ? 4.62951   8.49592   -12.26923 1.000 31.31486 ? 14  GLU A O   1 
ATOM   120  C CB  . GLU A 1 22  ? 2.75893   7.09949   -14.06364 1.000 30.70800 ? 14  GLU A CB  1 
ATOM   121  C CG  . GLU A 1 22  ? 2.60857   6.66269   -15.50258 1.000 31.01499 ? 14  GLU A CG  1 
ATOM   122  C CD  . GLU A 1 22  ? 1.51879   7.42773   -16.21617 1.000 33.22627 ? 14  GLU A CD  1 
ATOM   123  O OE1 . GLU A 1 22  ? 1.53749   8.67152   -16.14753 1.000 34.32423 ? 14  GLU A OE1 1 
ATOM   124  O OE2 . GLU A 1 22  ? 0.64608   6.79002   -16.84242 1.000 35.25652 ? 14  GLU A OE2 1 
ATOM   125  N N   . PHE A 1 23  ? 4.34214   6.69767   -10.94745 1.000 25.59188 ? 15  PHE A N   1 
ATOM   126  C CA  . PHE A 1 23  ? 4.55739   7.40202   -9.69176  1.000 26.71817 ? 15  PHE A CA  1 
ATOM   127  C C   . PHE A 1 23  ? 5.90756   7.05509   -9.07435  1.000 27.40728 ? 15  PHE A C   1 
ATOM   128  O O   . PHE A 1 23  ? 6.55131   6.07609   -9.45291  1.000 26.61458 ? 15  PHE A O   1 
ATOM   129  C CB  . PHE A 1 23  ? 3.42769   7.07747   -8.70237  1.000 24.41330 ? 15  PHE A CB  1 
ATOM   130  C CG  . PHE A 1 23  ? 2.09974   7.63914   -9.12021  1.000 23.74189 ? 15  PHE A CG  1 
ATOM   131  C CD1 . PHE A 1 23  ? 1.73496   8.91988   -8.74838  1.000 24.77102 ? 15  PHE A CD1 1 
ATOM   132  C CD2 . PHE A 1 23  ? 1.23467   6.89919   -9.91858  1.000 25.25839 ? 15  PHE A CD2 1 
ATOM   133  C CE1 . PHE A 1 23  ? 0.51816   9.46481   -9.15702  1.000 26.63877 ? 15  PHE A CE1 1 
ATOM   134  C CE2 . PHE A 1 23  ? 0.01621   7.42433   -10.32353 1.000 24.91246 ? 15  PHE A CE2 1 
ATOM   135  C CZ  . PHE A 1 23  ? -0.34241  8.72230   -9.94016  1.000 24.45395 ? 15  PHE A CZ  1 
ATOM   136  N N   . SER A 1 24  ? 6.33079   7.88868   -8.12030  1.000 24.28643 ? 16  SER A N   1 
ATOM   137  C CA  . SER A 1 24  ? 7.52827   7.64688   -7.32763  1.000 28.75380 ? 16  SER A CA  1 
ATOM   138  C C   . SER A 1 24  ? 7.22789   7.96085   -5.87046  1.000 26.98847 ? 16  SER A C   1 
ATOM   139  O O   . SER A 1 24  ? 6.32243   8.74045   -5.57068  1.000 26.36500 ? 16  SER A O   1 
ATOM   140  C CB  . SER A 1 24  ? 8.71519   8.49444   -7.80923  1.000 32.92739 ? 16  SER A CB  1 
ATOM   141  O OG  . SER A 1 24  ? 9.00532   8.22849   -9.17450  1.000 36.27739 ? 16  SER A OG  1 
ATOM   142  N N   . ALA A 1 25  ? 7.98568   7.34253   -4.96089  1.000 27.19643 ? 17  ALA A N   1 
ATOM   143  C CA  . ALA A 1 25  ? 7.76712   7.57900   -3.53992  1.000 25.43828 ? 17  ALA A CA  1 
ATOM   144  C C   . ALA A 1 25  ? 9.04956   7.29046   -2.77176  1.000 26.22887 ? 17  ALA A C   1 
ATOM   145  O O   . ALA A 1 25  ? 9.81822   6.40268   -3.14668  1.000 28.14036 ? 17  ALA A O   1 
ATOM   146  C CB  . ALA A 1 25  ? 6.61490   6.71694   -3.00484  1.000 24.17440 ? 17  ALA A CB  1 
ATOM   147  N N   . LYS A 1 26  ? 9.27576   8.05600   -1.69779  1.000 26.57640 ? 18  LYS A N   1 
ATOM   148  C CA  . LYS A 1 26  ? 10.45325  7.84429   -0.85964  1.000 27.01921 ? 18  LYS A CA  1 
ATOM   149  C C   . LYS A 1 26  ? 10.29459  6.59539   -0.00744  1.000 27.07121 ? 18  LYS A C   1 
ATOM   150  O O   . LYS A 1 26  ? 9.27701   6.42182   0.67632   1.000 27.53413 ? 18  LYS A O   1 
ATOM   151  C CB  . LYS A 1 26  ? 10.71026  9.03937   0.05775   1.000 30.04219 ? 18  LYS A CB  1 
ATOM   152  C CG  . LYS A 1 26  ? 11.26104  10.27799  -0.62746  1.000 35.76024 ? 18  LYS A CG  1 
ATOM   153  C CD  . LYS A 1 26  ? 11.44752  11.40204  0.38768   1.000 38.10727 ? 18  LYS A CD  1 
ATOM   154  C CE  . LYS A 1 26  ? 12.24099  12.56090  -0.19771  1.000 41.83487 ? 18  LYS A CE  1 
ATOM   155  N NZ  . LYS A 1 26  ? 12.14027  13.78528  0.65352   1.000 46.62281 ? 18  LYS A NZ  1 
ATOM   156  N N   . ASP A 1 27  ? 11.31025  5.73677   -0.02405  1.000 25.72259 ? 19  ASP A N   1 
ATOM   157  C CA  . ASP A 1 27  ? 11.28561  4.57453   0.85241   1.000 25.69539 ? 19  ASP A CA  1 
ATOM   158  C C   . ASP A 1 27  ? 11.55349  5.00736   2.29104   1.000 27.38457 ? 19  ASP A C   1 
ATOM   159  O O   . ASP A 1 27  ? 11.76476  6.18722   2.58672   1.000 27.95367 ? 19  ASP A O   1 
ATOM   160  C CB  . ASP A 1 27  ? 12.25658  3.50316   0.34256   1.000 29.04135 ? 19  ASP A CB  1 
ATOM   161  C CG  . ASP A 1 27  ? 13.73116  3.86395   0.52534   1.000 31.82979 ? 19  ASP A CG  1 
ATOM   162  O OD1 . ASP A 1 27  ? 14.08779  4.77637   1.29854   1.000 32.72354 ? 19  ASP A OD1 1 
ATOM   163  O OD2 . ASP A 1 27  ? 14.55439  3.19958   -0.13748  1.000 35.48764 ? 19  ASP A OD2 1 
ATOM   164  N N   . ILE A 1 28  ? 11.52973  4.03119   3.20666   1.000 25.83011 ? 20  ILE A N   1 
ATOM   165  C CA  . ILE A 1 28  ? 11.63307  4.32171   4.63364   1.000 24.82672 ? 20  ILE A CA  1 
ATOM   166  C C   . ILE A 1 28  ? 12.96626  4.96935   4.98468   1.000 28.28742 ? 20  ILE A C   1 
ATOM   167  O O   . ILE A 1 28  ? 13.07599  5.64309   6.01533   1.000 28.95343 ? 20  ILE A O   1 
ATOM   168  C CB  . ILE A 1 28  ? 11.40103  3.02132   5.44266   1.000 24.59660 ? 20  ILE A CB  1 
ATOM   169  C CG1 . ILE A 1 28  ? 11.10992  3.32699   6.91516   1.000 25.08908 ? 20  ILE A CG1 1 
ATOM   170  C CG2 . ILE A 1 28  ? 12.60363  2.09864   5.32401   1.000 28.25379 ? 20  ILE A CG2 1 
ATOM   171  C CD1 . ILE A 1 28  ? 9.77889   4.01443   7.17097   1.000 25.86540 ? 20  ILE A CD1 1 
ATOM   172  N N   . ASP A 1 29  ? 13.98308  4.79003   4.14435   1.000 29.75646 ? 21  ASP A N   1 
ATOM   173  C CA  . ASP A 1 29  ? 15.31095  5.34235   4.37864   1.000 33.69456 ? 21  ASP A CA  1 
ATOM   174  C C   . ASP A 1 29  ? 15.48353  6.73545   3.78405   1.000 34.93060 ? 21  ASP A C   1 
ATOM   175  O O   . ASP A 1 29  ? 16.54761  7.34256   3.95473   1.000 35.93868 ? 21  ASP A O   1 
ATOM   176  C CB  . ASP A 1 29  ? 16.38210  4.41079   3.80228   1.000 30.85211 ? 21  ASP A CB  1 
ATOM   177  C CG  . ASP A 1 29  ? 16.39402  3.05768   4.46371   1.000 34.06486 ? 21  ASP A CG  1 
ATOM   178  O OD1 . ASP A 1 29  ? 16.32552  3.01036   5.70934   1.000 35.98870 ? 21  ASP A OD1 1 
ATOM   179  O OD2 . ASP A 1 29  ? 16.48377  2.04201   3.74099   1.000 38.07765 ? 21  ASP A OD2 1 
ATOM   180  N N   . GLY A 1 30  ? 14.47717  7.24952   3.08744   1.000 32.46555 ? 22  GLY A N   1 
ATOM   181  C CA  . GLY A 1 30  ? 14.56197  8.55461   2.47029   1.000 33.32026 ? 22  GLY A CA  1 
ATOM   182  C C   . GLY A 1 30  ? 14.92769  8.54202   1.00514   1.000 35.87969 ? 22  GLY A C   1 
ATOM   183  O O   . GLY A 1 30  ? 15.04398  9.61699   0.40762   1.000 36.65215 ? 22  GLY A O   1 
ATOM   184  N N   . HIS A 1 31  ? 15.10577  7.36907   0.40787   1.000 34.00050 ? 23  HIS A N   1 
ATOM   185  C CA  . HIS A 1 31  ? 15.53072  7.25921   -0.97960  1.000 36.23769 ? 23  HIS A CA  1 
ATOM   186  C C   . HIS A 1 31  ? 14.32397  7.19996   -1.91067  1.000 34.36428 ? 23  HIS A C   1 
ATOM   187  O O   . HIS A 1 31  ? 13.39672  6.41319   -1.68797  1.000 30.85010 ? 23  HIS A O   1 
ATOM   188  C CB  . HIS A 1 31  ? 16.40477  6.02096   -1.16290  1.000 38.92556 ? 23  HIS A CB  1 
ATOM   189  C CG  . HIS A 1 31  ? 16.79833  5.77228   -2.58332  1.000 42.69948 ? 23  HIS A CG  1 
ATOM   190  N ND1 . HIS A 1 31  ? 17.90089  6.36206   -3.16553  1.000 45.03997 ? 23  HIS A ND1 1 
ATOM   191  C CD2 . HIS A 1 31  ? 16.23198  5.00090   -3.54281  1.000 41.48281 ? 23  HIS A CD2 1 
ATOM   192  C CE1 . HIS A 1 31  ? 17.99643  5.96382   -4.42276  1.000 45.87135 ? 23  HIS A CE1 1 
ATOM   193  N NE2 . HIS A 1 31  ? 16.99638  5.13765   -4.67706  1.000 43.71687 ? 23  HIS A NE2 1 
ATOM   194  N N   . MET A 1 32  ? 14.34709  8.02604   -2.95854  1.000 32.10348 ? 24  MET A N   1 
ATOM   195  C CA  . MET A 1 32  ? 13.24863  8.06916   -3.91454  1.000 32.46441 ? 24  MET A CA  1 
ATOM   196  C C   . MET A 1 32  ? 13.21662  6.79793   -4.75951  1.000 33.89732 ? 24  MET A C   1 
ATOM   197  O O   . MET A 1 32  ? 14.22399  6.40477   -5.35428  1.000 35.45544 ? 24  MET A O   1 
ATOM   198  C CB  . MET A 1 32  ? 13.38408  9.30073   -4.81568  1.000 30.60594 ? 24  MET A CB  1 
ATOM   199  C CG  . MET A 1 32  ? 12.15331  9.61595   -5.67319  1.000 30.75981 ? 24  MET A CG  1 
ATOM   200  S SD  . MET A 1 32  ? 10.62354  9.84288   -4.73115  1.000 36.25650 ? 24  MET A SD  1 
ATOM   201  C CE  . MET A 1 32  ? 10.87286  11.48420  -4.07018  1.000 34.23447 ? 24  MET A CE  1 
ATOM   202  N N   . VAL A 1 33  ? 12.04481  6.17063   -4.83508  1.000 29.86958 ? 25  VAL A N   1 
ATOM   203  C CA  . VAL A 1 33  ? 11.84289  4.92184   -5.56248  1.000 28.90656 ? 25  VAL A CA  1 
ATOM   204  C C   . VAL A 1 33  ? 10.90149  5.18002   -6.73194  1.000 29.59258 ? 25  VAL A C   1 
ATOM   205  O O   . VAL A 1 33  ? 9.80412   5.71121   -6.53792  1.000 29.37535 ? 25  VAL A O   1 
ATOM   206  C CB  . VAL A 1 33  ? 11.26863  3.83110   -4.63851  1.000 26.95492 ? 25  VAL A CB  1 
ATOM   207  C CG1 . VAL A 1 33  ? 10.91894  2.58102   -5.43395  1.000 29.20241 ? 25  VAL A CG1 1 
ATOM   208  C CG2 . VAL A 1 33  ? 12.25819  3.50251   -3.51678  1.000 30.23745 ? 25  VAL A CG2 1 
ATOM   209  N N   . ASN A 1 34  ? 11.31377  4.79268   -7.93970  1.000 29.52587 ? 26  ASN A N   1 
ATOM   210  C CA  . ASN A 1 34  ? 10.43383  4.86309   -9.10366  1.000 30.83700 ? 26  ASN A CA  1 
ATOM   211  C C   . ASN A 1 34  ? 9.58286   3.60023   -9.14632  1.000 28.79831 ? 26  ASN A C   1 
ATOM   212  O O   . ASN A 1 34  ? 10.11707  2.49378   -9.28128  1.000 27.56107 ? 26  ASN A O   1 
ATOM   213  C CB  . ASN A 1 34  ? 11.22280  5.02342   -10.40773 1.000 35.01667 ? 26  ASN A CB  1 
ATOM   214  C CG  . ASN A 1 34  ? 11.84957  6.41052   -10.55871 1.000 42.37455 ? 26  ASN A CG  1 
ATOM   215  O OD1 . ASN A 1 34  ? 11.39530  7.38638   -9.95486  1.000 45.30441 ? 26  ASN A OD1 1 
ATOM   216  N ND2 . ASN A 1 34  ? 12.88700  6.50413   -11.39043 1.000 48.40082 ? 26  ASN A ND2 1 
ATOM   217  N N   . LEU A 1 35  ? 8.25706   3.76324   -9.03405  1.000 27.33539 ? 27  LEU A N   1 
ATOM   218  C CA  . LEU A 1 35  ? 7.38366   2.59904   -8.92959  1.000 23.91526 ? 27  LEU A CA  1 
ATOM   219  C C   . LEU A 1 35  ? 7.22420   1.86879   -10.25154 1.000 26.76585 ? 27  LEU A C   1 
ATOM   220  O O   . LEU A 1 35  ? 6.56664   0.82115   -10.29009 1.000 24.59470 ? 27  LEU A O   1 
ATOM   221  C CB  . LEU A 1 35  ? 6.01152   3.00615   -8.37623  1.000 23.12479 ? 27  LEU A CB  1 
ATOM   222  C CG  . LEU A 1 35  ? 6.05091   3.67401   -7.00175  1.000 24.90521 ? 27  LEU A CG  1 
ATOM   223  C CD1 . LEU A 1 35  ? 4.63509   3.90751   -6.49369  1.000 22.39231 ? 27  LEU A CD1 1 
ATOM   224  C CD2 . LEU A 1 35  ? 6.87260   2.85461   -6.02358  1.000 25.10541 ? 27  LEU A CD2 1 
ATOM   225  N N   . ASP A 1 36  ? 7.82307   2.38628   -11.33110 1.000 26.81628 ? 28  ASP A N   1 
ATOM   226  C CA  . ASP A 1 36  ? 7.95737   1.60996   -12.55768 1.000 29.60849 ? 28  ASP A CA  1 
ATOM   227  C C   . ASP A 1 36  ? 8.70628   0.29097   -12.33958 1.000 27.44108 ? 28  ASP A C   1 
ATOM   228  O O   . ASP A 1 36  ? 8.56551   -0.63196  -13.15138 1.000 27.97670 ? 28  ASP A O   1 
ATOM   229  C CB  . ASP A 1 36  ? 8.67579   2.46095   -13.61669 1.000 30.20089 ? 28  ASP A CB  1 
ATOM   230  C CG  . ASP A 1 36  ? 8.65472   1.82231   -14.99132 1.000 40.92274 ? 28  ASP A CG  1 
ATOM   231  O OD1 . ASP A 1 36  ? 7.57541   1.32329   -15.38753 1.000 42.10048 ? 28  ASP A OD1 1 
ATOM   232  O OD2 . ASP A 1 36  ? 9.70273   1.83341   -15.68370 1.000 45.73099 ? 28  ASP A OD2 1 
ATOM   233  N N   . LYS A 1 37  ? 9.49963   0.17993   -11.26929 1.000 27.05311 ? 29  LYS A N   1 
ATOM   234  C CA  . LYS A 1 37  ? 10.22692  -1.05448  -10.98184 1.000 26.63995 ? 29  LYS A CA  1 
ATOM   235  C C   . LYS A 1 37  ? 9.30191   -2.23306  -10.69879 1.000 27.27833 ? 29  LYS A C   1 
ATOM   236  O O   . LYS A 1 37  ? 9.76238   -3.38292  -10.70975 1.000 26.96763 ? 29  LYS A O   1 
ATOM   237  C CB  . LYS A 1 37  ? 11.16366  -0.84961  -9.79371  1.000 27.14044 ? 29  LYS A CB  1 
ATOM   238  C CG  . LYS A 1 37  ? 10.43496  -0.55557  -8.49516  1.000 30.82161 ? 29  LYS A CG  1 
ATOM   239  C CD  . LYS A 1 37  ? 11.37100  -0.44741  -7.29628  1.000 33.72642 ? 29  LYS A CD  1 
ATOM   240  C CE  . LYS A 1 37  ? 11.58515  -1.78175  -6.60051  1.000 34.18587 ? 29  LYS A CE  1 
ATOM   241  N NZ  . LYS A 1 37  ? 12.39306  -1.61165  -5.36388  1.000 39.22771 ? 29  LYS A NZ  1 
ATOM   242  N N   . TYR A 1 38  ? 8.01481   -1.98211  -10.45789 1.000 26.35522 ? 30  TYR A N   1 
ATOM   243  C CA  . TYR A 1 38  ? 7.05161   -3.03252  -10.15836 1.000 26.14232 ? 30  TYR A CA  1 
ATOM   244  C C   . TYR A 1 38  ? 6.36528   -3.59138  -11.39755 1.000 24.98682 ? 30  TYR A C   1 
ATOM   245  O O   . TYR A 1 38  ? 5.46907   -4.42759  -11.26988 1.000 25.05682 ? 30  TYR A O   1 
ATOM   246  C CB  . TYR A 1 38  ? 6.01386   -2.51251  -9.15297  1.000 24.57898 ? 30  TYR A CB  1 
ATOM   247  C CG  . TYR A 1 38  ? 6.63543   -2.24373  -7.80529  1.000 24.46511 ? 30  TYR A CG  1 
ATOM   248  C CD1 . TYR A 1 38  ? 7.01483   -3.29416  -6.98535  1.000 25.05255 ? 30  TYR A CD1 1 
ATOM   249  C CD2 . TYR A 1 38  ? 6.87151   -0.94227  -7.36330  1.000 24.28207 ? 30  TYR A CD2 1 
ATOM   250  C CE1 . TYR A 1 38  ? 7.59820   -3.05912  -5.76454  1.000 25.41743 ? 30  TYR A CE1 1 
ATOM   251  C CE2 . TYR A 1 38  ? 7.45591   -0.69877  -6.14011  1.000 24.44385 ? 30  TYR A CE2 1 
ATOM   252  C CZ  . TYR A 1 38  ? 7.81723   -1.76314  -5.34609  1.000 24.27964 ? 30  TYR A CZ  1 
ATOM   253  O OH  . TYR A 1 38  ? 8.40262   -1.55340  -4.11304  1.000 27.60287 ? 30  TYR A OH  1 
ATOM   254  N N   . ARG A 1 39  ? 6.77663   -3.17552  -12.59481 1.000 26.12491 ? 31  ARG A N   1 
ATOM   255  C CA  . ARG A 1 39  ? 6.18902   -3.72813  -13.80536 1.000 27.52557 ? 31  ARG A CA  1 
ATOM   256  C C   . ARG A 1 39  ? 6.39795   -5.24020  -13.85134 1.000 26.04981 ? 31  ARG A C   1 
ATOM   257  O O   . ARG A 1 39  ? 7.49139   -5.73436  -13.56276 1.000 27.59533 ? 31  ARG A O   1 
ATOM   258  C CB  . ARG A 1 39  ? 6.81411   -3.04232  -15.02269 1.000 29.59356 ? 31  ARG A CB  1 
ATOM   259  C CG  . ARG A 1 39  ? 6.08918   -3.29195  -16.33465 1.000 34.41821 ? 31  ARG A CG  1 
ATOM   260  C CD  . ARG A 1 39  ? 6.83062   -2.63782  -17.50103 1.000 37.69667 ? 31  ARG A CD  1 
ATOM   261  N NE  . ARG A 1 39  ? 7.08791   -1.22147  -17.25606 1.000 40.73713 ? 31  ARG A NE  1 
ATOM   262  C CZ  . ARG A 1 39  ? 6.35657   -0.22776  -17.74300 1.000 39.60304 ? 31  ARG A CZ  1 
ATOM   263  N NH1 . ARG A 1 39  ? 5.30218   -0.45354  -18.51333 1.000 43.06858 ? 31  ARG A NH1 1 
ATOM   264  N NH2 . ARG A 1 39  ? 6.68981   1.02610   -17.45029 1.000 42.81674 ? 31  ARG A NH2 1 
ATOM   265  N N   . GLY A 1 40  ? 5.33566   -5.98370  -14.17717 1.000 25.75000 ? 32  GLY A N   1 
ATOM   266  C CA  . GLY A 1 40  ? 5.36315   -7.43127  -14.14518 1.000 26.56618 ? 32  GLY A CA  1 
ATOM   267  C C   . GLY A 1 40  ? 4.91892   -8.06888  -12.84189 1.000 25.39733 ? 32  GLY A C   1 
ATOM   268  O O   . GLY A 1 40  ? 4.50500   -9.23385  -12.84654 1.000 27.15233 ? 32  GLY A O   1 
ATOM   269  N N   . PHE A 1 41  ? 4.97971   -7.34102  -11.72954 1.000 25.64470 ? 33  PHE A N   1 
ATOM   270  C CA  . PHE A 1 41  ? 4.64476   -7.85719  -10.41104 1.000 24.62728 ? 33  PHE A CA  1 
ATOM   271  C C   . PHE A 1 41  ? 3.21871   -7.47172  -10.02694 1.000 23.94528 ? 33  PHE A C   1 
ATOM   272  O O   . PHE A 1 41  ? 2.69423   -6.43170  -10.44912 1.000 23.79165 ? 33  PHE A O   1 
ATOM   273  C CB  . PHE A 1 41  ? 5.61633   -7.31737  -9.36513  1.000 23.60239 ? 33  PHE A CB  1 
ATOM   274  C CG  . PHE A 1 41  ? 7.02563   -7.72658  -9.59979  1.000 26.47194 ? 33  PHE A CG  1 
ATOM   275  C CD1 . PHE A 1 41  ? 7.84256   -6.98247  -10.43682 1.000 26.09989 ? 33  PHE A CD1 1 
ATOM   276  C CD2 . PHE A 1 41  ? 7.53746   -8.85267  -8.98171  1.000 26.95864 ? 33  PHE A CD2 1 
ATOM   277  C CE1 . PHE A 1 41  ? 9.15713   -7.36490  -10.67458 1.000 29.97986 ? 33  PHE A CE1 1 
ATOM   278  C CE2 . PHE A 1 41  ? 8.85068   -9.23925  -9.20380  1.000 30.71609 ? 33  PHE A CE2 1 
ATOM   279  C CZ  . PHE A 1 41  ? 9.66080   -8.49293  -10.04695 1.000 29.87948 ? 33  PHE A CZ  1 
ATOM   280  N N   . VAL A 1 42  ? 2.59196   -8.34689  -9.24415  1.000 22.09257 ? 34  VAL A N   1 
ATOM   281  C CA  . VAL A 1 42  ? 1.29450   -8.09220  -8.62706  1.000 21.87555 ? 34  VAL A CA  1 
ATOM   282  C C   . VAL A 1 42  ? 1.54743   -7.50873  -7.24353  1.000 20.71712 ? 34  VAL A C   1 
ATOM   283  O O   . VAL A 1 42  ? 2.29416   -8.09169  -6.44852  1.000 20.27894 ? 34  VAL A O   1 
ATOM   284  C CB  . VAL A 1 42  ? 0.47785   -9.38811  -8.53648  1.000 24.92655 ? 34  VAL A CB  1 
ATOM   285  C CG1 . VAL A 1 42  ? -0.86411  -9.12755  -7.88526  1.000 23.10198 ? 34  VAL A CG1 1 
ATOM   286  C CG2 . VAL A 1 42  ? 0.28480   -9.97787  -9.91564  1.000 25.83123 ? 34  VAL A CG2 1 
ATOM   287  N N   . CYS A 1 43  ? 0.93223   -6.36259  -6.93575  1.000 19.20156 ? 35  CYS A N   1 
ATOM   288  C CA  . CYS A 1 43  ? 1.27503   -5.63675  -5.71585  1.000 20.00199 ? 35  CYS A CA  1 
ATOM   289  C C   . CYS A 1 43  ? 0.05750   -5.47111  -4.81668  1.000 18.56136 ? 35  CYS A C   1 
ATOM   290  O O   . CYS A 1 43  ? -1.05172  -5.22505  -5.29440  1.000 17.88345 ? 35  CYS A O   1 
ATOM   291  C CB  . CYS A 1 43  ? 1.85373   -4.25240  -6.02471  1.000 18.95807 ? 35  CYS A CB  1 
ATOM   292  S SG  . CYS A 1 43  ? 3.32892   -4.31592  -7.06431  1.000 23.55595 ? 35  CYS A SG  1 
ATOM   293  N N   . ILE A 1 44  ? 0.27995   -5.61570  -3.52057  1.000 18.30559 ? 36  ILE A N   1 
ATOM   294  C CA  . ILE A 1 44  ? -0.67322  -5.18363  -2.50755  1.000 16.86946 ? 36  ILE A CA  1 
ATOM   295  C C   . ILE A 1 44  ? -0.11888  -3.88318  -1.93751  1.000 16.90107 ? 36  ILE A C   1 
ATOM   296  O O   . ILE A 1 44  ? 0.95364   -3.87344  -1.31241  1.000 17.87120 ? 36  ILE A O   1 
ATOM   297  C CB  . ILE A 1 44  ? -0.86667  -6.24979  -1.42007  1.000 16.08503 ? 36  ILE A CB  1 
ATOM   298  C CG1 . ILE A 1 44  ? -1.49639  -7.50926  -2.01591  1.000 16.95285 ? 36  ILE A CG1 1 
ATOM   299  C CG2 . ILE A 1 44  ? -1.72825  -5.67299  -0.27201  1.000 17.48626 ? 36  ILE A CG2 1 
ATOM   300  C CD1 . ILE A 1 44  ? -1.43494  -8.71487  -1.05639  1.000 17.47625 ? 36  ILE A CD1 1 
ATOM   301  N N   . VAL A 1 45  ? -0.82036  -2.78212  -2.18951  1.000 16.48452 ? 37  VAL A N   1 
ATOM   302  C CA  . VAL A 1 45  ? -0.44880  -1.45951  -1.68592  1.000 15.15652 ? 37  VAL A CA  1 
ATOM   303  C C   . VAL A 1 45  ? -1.35029  -1.15983  -0.49237  1.000 18.49220 ? 37  VAL A C   1 
ATOM   304  O O   . VAL A 1 45  ? -2.57700  -1.20354  -0.62890  1.000 17.77710 ? 37  VAL A O   1 
ATOM   305  C CB  . VAL A 1 45  ? -0.60429  -0.38045  -2.77123  1.000 18.99559 ? 37  VAL A CB  1 
ATOM   306  C CG1 . VAL A 1 45  ? -0.19471  0.95783   -2.23116  1.000 18.53489 ? 37  VAL A CG1 1 
ATOM   307  C CG2 . VAL A 1 45  ? 0.21973   -0.73685  -4.00785  1.000 18.33356 ? 37  VAL A CG2 1 
ATOM   308  N N   . THR A 1 46  ? -0.76528  -0.88345  0.67845   1.000 18.64273 ? 38  THR A N   1 
ATOM   309  C CA  . THR A 1 46  ? -1.57020  -0.74759  1.89523   1.000 17.03613 ? 38  THR A CA  1 
ATOM   310  C C   . THR A 1 46  ? -1.03587  0.36363   2.79131   1.000 16.40903 ? 38  THR A C   1 
ATOM   311  O O   . THR A 1 46  ? 0.17605   0.57966   2.88735   1.000 16.80599 ? 38  THR A O   1 
ATOM   312  C CB  . THR A 1 46  ? -1.65811  -2.12078  2.64120   1.000 16.49161 ? 38  THR A CB  1 
ATOM   313  O OG1 . THR A 1 46  ? -2.50650  -2.02999  3.79890   1.000 18.88429 ? 38  THR A OG1 1 
ATOM   314  C CG2 . THR A 1 46  ? -0.29732  -2.62715  3.07306   1.000 16.54085 ? 38  THR A CG2 1 
ATOM   315  N N   . ASN A 1 47  ? -1.95016  1.09137   3.44226   1.000 15.64102 ? 39  ASN A N   1 
ATOM   316  C CA  . ASN A 1 47  ? -1.56139  2.07655   4.44479   1.000 16.96054 ? 39  ASN A CA  1 
ATOM   317  C C   . ASN A 1 47  ? -1.50489  1.40534   5.81376   1.000 17.06794 ? 39  ASN A C   1 
ATOM   318  O O   . ASN A 1 47  ? -2.42949  0.68034   6.19861   1.000 18.80027 ? 39  ASN A O   1 
ATOM   319  C CB  . ASN A 1 47  ? -2.52197  3.27319   4.44395   1.000 18.81953 ? 39  ASN A CB  1 
ATOM   320  C CG  . ASN A 1 47  ? -3.95738  2.88435   4.76143   1.000 16.66138 ? 39  ASN A CG  1 
ATOM   321  O OD1 . ASN A 1 47  ? -4.55813  2.06363   4.06686   1.000 16.52501 ? 39  ASN A OD1 1 
ATOM   322  N ND2 . ASN A 1 47  ? -4.53089  3.50557   5.79837   1.000 19.02410 ? 39  ASN A ND2 1 
ATOM   323  N N   . VAL A 1 48  ? -0.40859  1.61563   6.53603   1.000 18.47538 ? 40  VAL A N   1 
ATOM   324  C CA  . VAL A 1 48  ? -0.14187  0.83893   7.74134   1.000 17.94821 ? 40  VAL A CA  1 
ATOM   325  C C   . VAL A 1 48  ? -0.00034  1.77567   8.94260   1.000 19.34337 ? 40  VAL A C   1 
ATOM   326  O O   . VAL A 1 48  ? 0.09990   2.99461   8.80691   1.000 20.79322 ? 40  VAL A O   1 
ATOM   327  C CB  . VAL A 1 48  ? 1.09817   -0.07071  7.58320   1.000 17.46691 ? 40  VAL A CB  1 
ATOM   328  C CG1 . VAL A 1 48  ? 0.89813   -1.02735  6.40627   1.000 18.61731 ? 40  VAL A CG1 1 
ATOM   329  C CG2 . VAL A 1 48  ? 2.36294   0.76184   7.41419   1.000 19.88863 ? 40  VAL A CG2 1 
ATOM   330  N N   . ALA A 1 49  ? 0.00641   1.16956   10.13119  1.000 19.32220 ? 41  ALA A N   1 
ATOM   331  C CA  . ALA A 1 49  ? 0.14614   1.85456   11.40811  1.000 17.54418 ? 41  ALA A CA  1 
ATOM   332  C C   . ALA A 1 49  ? 0.60429   0.82145   12.43216  1.000 17.97318 ? 41  ALA A C   1 
ATOM   333  O O   . ALA A 1 49  ? 0.21682   -0.34301  12.35090  1.000 21.55941 ? 41  ALA A O   1 
ATOM   334  C CB  . ALA A 1 49  ? -1.17498  2.49350   11.85081  1.000 19.93903 ? 41  ALA A CB  1 
ATOM   335  N N   . SER A 1 50  ? 1.41481   1.26378   13.39909  1.000 19.78899 ? 42  SER A N   1 
ATOM   336  C CA  . SER A 1 50  ? 1.95818   0.35368   14.41552  1.000 20.52878 ? 42  SER A CA  1 
ATOM   337  C C   . SER A 1 50  ? 1.01694   0.13414   15.59434  1.000 22.59247 ? 42  SER A C   1 
ATOM   338  O O   . SER A 1 50  ? 1.05407   -0.93323  16.22660  1.000 21.93391 ? 42  SER A O   1 
ATOM   339  C CB  . SER A 1 50  ? 3.29319   0.87983   14.95402  1.000 21.03299 ? 42  SER A CB  1 
ATOM   340  O OG  . SER A 1 50  ? 4.23856   1.15478   13.92895  1.000 25.96714 ? 42  SER A OG  1 
ATOM   341  N N   . GLN A 1 51  ? 0.20840   1.12899   15.93768  1.000 22.48725 ? 43  GLN A N   1 
ATOM   342  C CA  . GLN A 1 51  ? -0.56778  1.08760   17.16882  1.000 24.18239 ? 43  GLN A CA  1 
ATOM   343  C C   . GLN A 1 51  ? -2.05151  0.92885   16.88998  1.000 24.81073 ? 43  GLN A C   1 
ATOM   344  O O   . GLN A 1 51  ? -2.89223  1.63250   17.46378  1.000 26.79512 ? 43  GLN A O   1 
ATOM   345  C CB  . GLN A 1 51  ? -0.27458  2.34417   17.98166  1.000 27.90286 ? 43  GLN A CB  1 
ATOM   346  C CG  . GLN A 1 51  ? 1.16930   2.35216   18.45283  1.000 31.06428 ? 43  GLN A CG  1 
ATOM   347  C CD  . GLN A 1 51  ? 1.54594   3.61324   19.19185  1.000 35.26430 ? 43  GLN A CD  1 
ATOM   348  O OE1 . GLN A 1 51  ? 2.68779   4.05887   19.12072  1.000 38.15375 ? 43  GLN A OE1 1 
ATOM   349  N NE2 . GLN A 1 51  ? 0.57205   4.23080   19.85425  1.000 37.92878 ? 43  GLN A NE2 1 
ATOM   350  N N   . CYS A 1 52  ? -2.38716  -0.01177  16.02301  1.000 20.55241 ? 44  CYS A N   1 
ATOM   351  C CA  . CYS A 1 52  ? -3.75733  -0.25196  15.61335  1.000 20.64651 ? 44  CYS A CA  1 
ATOM   352  C C   . CYS A 1 52  ? -4.16283  -1.65485  16.03940  1.000 24.16279 ? 44  CYS A C   1 
ATOM   353  O O   . CYS A 1 52  ? -3.33807  -2.57517  16.07278  1.000 22.66972 ? 44  CYS A O   1 
ATOM   354  C CB  . CYS A 1 52  ? -3.88927  -0.07095  14.08222  1.000 21.76267 ? 44  CYS A CB  1 
ATOM   355  S SG  . CYS A 1 52  ? -5.50496  -0.35568  13.34786  1.000 23.20569 ? 44  CYS A SG  1 
ATOM   356  N N   . GLY A 1 53  ? -5.43746  -1.82207  16.38714  1.000 23.52281 ? 45  GLY A N   1 
ATOM   357  C CA  . GLY A 1 53  ? -5.90004  -3.16169  16.71707  1.000 26.27097 ? 45  GLY A CA  1 
ATOM   358  C C   . GLY A 1 53  ? -5.78705  -4.14372  15.56649  1.000 24.32833 ? 45  GLY A C   1 
ATOM   359  O O   . GLY A 1 53  ? -5.78470  -5.35951  15.79334  1.000 24.74557 ? 45  GLY A O   1 
ATOM   360  N N   . LYS A 1 54  ? -5.70633  -3.64256  14.33265  1.000 22.47585 ? 46  LYS A N   1 
ATOM   361  C CA  . LYS A 1 54  ? -5.55757  -4.47168  13.14396  1.000 21.03479 ? 46  LYS A CA  1 
ATOM   362  C C   . LYS A 1 54  ? -4.10355  -4.80554  12.83075  1.000 19.33468 ? 46  LYS A C   1 
ATOM   363  O O   . LYS A 1 54  ? -3.85443  -5.63691  11.94750  1.000 19.12702 ? 46  LYS A O   1 
ATOM   364  C CB  . LYS A 1 54  ? -6.18739  -3.73847  11.95567  1.000 19.38491 ? 46  LYS A CB  1 
ATOM   365  C CG  . LYS A 1 54  ? -7.68885  -3.57375  12.10120  1.000 21.01730 ? 46  LYS A CG  1 
ATOM   366  C CD  . LYS A 1 54  ? -8.21624  -2.41950  11.26193  1.000 23.13666 ? 46  LYS A CD  1 
ATOM   367  C CE  . LYS A 1 54  ? -9.74791  -2.39187  11.26571  1.000 24.28218 ? 46  LYS A CE  1 
ATOM   368  N NZ  . LYS A 1 54  ? -10.28938 -2.26919  12.64969  1.000 25.77917 ? 46  LYS A NZ  1 
ATOM   369  N N   . THR A 1 55  ? -3.14956  -4.17979  13.52969  1.000 17.53248 ? 47  THR A N   1 
ATOM   370  C CA  . THR A 1 55  ? -1.74147  -4.26714  13.14892  1.000 19.32571 ? 47  THR A CA  1 
ATOM   371  C C   . THR A 1 55  ? -1.23429  -5.70210  13.16892  1.000 19.27350 ? 47  THR A C   1 
ATOM   372  O O   . THR A 1 55  ? -0.62313  -6.16027  12.20050  1.000 18.99598 ? 47  THR A O   1 
ATOM   373  C CB  . THR A 1 55  ? -0.89794  -3.39430  14.07875  1.000 20.47559 ? 47  THR A CB  1 
ATOM   374  O OG1 . THR A 1 55  ? -1.24120  -2.02193  13.86161  1.000 19.09113 ? 47  THR A OG1 1 
ATOM   375  C CG2 . THR A 1 55  ? 0.58969   -3.57809  13.79935  1.000 19.87722 ? 47  THR A CG2 1 
ATOM   376  N N   . GLU A 1 56  ? -1.46369  -6.42749  14.26973  1.000 19.17783 ? 48  GLU A N   1 
ATOM   377  C CA  . GLU A 1 56  ? -0.85233  -7.74573  14.41262  1.000 20.51385 ? 48  GLU A CA  1 
ATOM   378  C C   . GLU A 1 56  ? -1.31452  -8.68184  13.30042  1.000 19.30350 ? 48  GLU A C   1 
ATOM   379  O O   . GLU A 1 56  ? -0.48920  -9.32076  12.63192  1.000 21.44591 ? 48  GLU A O   1 
ATOM   380  C CB  . GLU A 1 56  ? -1.19305  -8.32753  15.78910  1.000 23.22918 ? 48  GLU A CB  1 
ATOM   381  C CG  . GLU A 1 56  ? -0.40675  -9.59968  16.22595  1.000 26.24227 ? 48  GLU A CG  1 
ATOM   382  C CD  . GLU A 1 56  ? 1.12035   -9.42963  16.31676  1.000 27.37044 ? 48  GLU A CD  1 
ATOM   383  O OE1 . GLU A 1 56  ? 1.61248   -8.29268  16.47804  1.000 28.23307 ? 48  GLU A OE1 1 
ATOM   384  O OE2 . GLU A 1 56  ? 1.84055   -10.45393 16.25978  1.000 32.31797 ? 48  GLU A OE2 1 
ATOM   385  N N   . VAL A 1 57  ? -2.62858  -8.75744  13.06628  1.000 19.06104 ? 49  VAL A N   1 
ATOM   386  C CA  . VAL A 1 57  ? -3.13695  -9.68309  12.05806  1.000 20.53702 ? 49  VAL A CA  1 
ATOM   387  C C   . VAL A 1 57  ? -2.70492  -9.25515  10.65950  1.000 19.21927 ? 49  VAL A C   1 
ATOM   388  O O   . VAL A 1 57  ? -2.37846  -10.09825 9.81013   1.000 19.29238 ? 49  VAL A O   1 
ATOM   389  C CB  . VAL A 1 57  ? -4.66586  -9.81819  12.16799  1.000 23.86625 ? 49  VAL A CB  1 
ATOM   390  C CG1 . VAL A 1 57  ? -5.35697  -8.53175  11.79223  1.000 26.70571 ? 49  VAL A CG1 1 
ATOM   391  C CG2 . VAL A 1 57  ? -5.15686  -10.92138 11.24672  1.000 25.60919 ? 49  VAL A CG2 1 
ATOM   392  N N   . ASN A 1 58  ? -2.68799  -7.95123  10.38673  1.000 18.45186 ? 50  ASN A N   1 
ATOM   393  C CA  . ASN A 1 58  ? -2.38009  -7.53905  9.02444   1.000 18.87117 ? 50  ASN A CA  1 
ATOM   394  C C   . ASN A 1 58  ? -0.90999  -7.74709  8.71106   1.000 19.62492 ? 50  ASN A C   1 
ATOM   395  O O   . ASN A 1 58  ? -0.56707  -8.27906  7.64117   1.000 18.01443 ? 50  ASN A O   1 
ATOM   396  C CB  . ASN A 1 58  ? -2.78527  -6.08294  8.78970   1.000 17.84847 ? 50  ASN A CB  1 
ATOM   397  C CG  . ASN A 1 58  ? -4.22285  -5.95839  8.37694   1.000 20.24800 ? 50  ASN A CG  1 
ATOM   398  O OD1 . ASN A 1 58  ? -4.53981  -5.82357  7.18902   1.000 18.88214 ? 50  ASN A OD1 1 
ATOM   399  N ND2 . ASN A 1 58  ? -5.11816  -6.05612  9.35103   1.000 18.13843 ? 50  ASN A ND2 1 
ATOM   400  N N   . TYR A 1 59  ? -0.02435  -7.36274  9.63217   1.000 17.75167 ? 51  TYR A N   1 
ATOM   401  C CA  . TYR A 1 59  ? 1.39788   -7.51741  9.35348   1.000 18.82779 ? 51  TYR A CA  1 
ATOM   402  C C   . TYR A 1 59  ? 1.76039   -8.99461  9.25644   1.000 20.31170 ? 51  TYR A C   1 
ATOM   403  O O   . TYR A 1 59  ? 2.49324   -9.40152  8.34671   1.000 18.91719 ? 51  TYR A O   1 
ATOM   404  C CB  . TYR A 1 59  ? 2.22600   -6.83262  10.44028  1.000 21.18967 ? 51  TYR A CB  1 
ATOM   405  C CG  . TYR A 1 59  ? 2.38778   -5.32862  10.30240  1.000 21.64012 ? 51  TYR A CG  1 
ATOM   406  C CD1 . TYR A 1 59  ? 1.56923   -4.58292  9.46066   1.000 25.18797 ? 51  TYR A CD1 1 
ATOM   407  C CD2 . TYR A 1 59  ? 3.29485   -4.64241  11.09389  1.000 23.61304 ? 51  TYR A CD2 1 
ATOM   408  C CE1 . TYR A 1 59  ? 1.70730   -3.20018  9.36840   1.000 27.00313 ? 51  TYR A CE1 1 
ATOM   409  C CE2 . TYR A 1 59  ? 3.42332   -3.25950  11.01292  1.000 25.81968 ? 51  TYR A CE2 1 
ATOM   410  C CZ  . TYR A 1 59  ? 2.62793   -2.55331  10.16319  1.000 24.38394 ? 51  TYR A CZ  1 
ATOM   411  O OH  . TYR A 1 59  ? 2.77209   -1.17689  10.08974  1.000 27.28920 ? 51  TYR A OH  1 
ATOM   412  N N   . THR A 1 60  ? 1.24612   -9.82797  10.17201  1.000 19.51898 ? 52  THR A N   1 
ATOM   413  C CA  . THR A 1 60  ? 1.64070   -11.23826 10.12514  1.000 21.04493 ? 52  THR A CA  1 
ATOM   414  C C   . THR A 1 60  ? 1.10459   -11.92129 8.86820   1.000 21.80445 ? 52  THR A C   1 
ATOM   415  O O   . THR A 1 60  ? 1.81154   -12.72471 8.24302   1.000 23.68939 ? 52  THR A O   1 
ATOM   416  C CB  . THR A 1 60  ? 1.20318   -11.97201 11.39881  1.000 23.38741 ? 52  THR A CB  1 
ATOM   417  O OG1 . THR A 1 60  ? -0.22329  -11.96395 11.49951  1.000 25.90633 ? 52  THR A OG1 1 
ATOM   418  C CG2 . THR A 1 60  ? 1.83151   -11.35297 12.63015  1.000 22.71320 ? 52  THR A CG2 1 
ATOM   419  N N   . GLN A 1 61  ? -0.10345  -11.56759 8.43598   1.000 20.71957 ? 53  GLN A N   1 
ATOM   420  C CA  . GLN A 1 61  ? -0.63281  -12.19164 7.23121   1.000 21.78519 ? 53  GLN A CA  1 
ATOM   421  C C   . GLN A 1 61  ? 0.02764   -11.65606 5.96499   1.000 20.12052 ? 53  GLN A C   1 
ATOM   422  O O   . GLN A 1 61  ? 0.20046   -12.41873 5.00785   1.000 22.24262 ? 53  GLN A O   1 
ATOM   423  C CB  . GLN A 1 61  ? -2.14632  -12.00892 7.16880   1.000 20.69929 ? 53  GLN A CB  1 
ATOM   424  C CG  . GLN A 1 61  ? -2.88892  -12.89574 8.17541   1.000 22.20547 ? 53  GLN A CG  1 
ATOM   425  C CD  . GLN A 1 61  ? -4.38501  -12.77207 8.05094   1.000 24.77426 ? 53  GLN A CD  1 
ATOM   426  O OE1 . GLN A 1 61  ? -4.88967  -12.13485 7.12821   1.000 22.26524 ? 53  GLN A OE1 1 
ATOM   427  N NE2 . GLN A 1 61  ? -5.10647  -13.38665 8.97274   1.000 25.90156 ? 53  GLN A NE2 1 
ATOM   428  N N   . LEU A 1 62  ? 0.41712   -10.37222 5.93377   1.000 17.70791 ? 54  LEU A N   1 
ATOM   429  C CA  . LEU A 1 62  ? 1.17194   -9.86122  4.78815   1.000 19.03690 ? 54  LEU A CA  1 
ATOM   430  C C   . LEU A 1 62  ? 2.53867   -10.53188 4.68676   1.000 21.17090 ? 54  LEU A C   1 
ATOM   431  O O   . LEU A 1 62  ? 2.98413   -10.88358 3.58684   1.000 20.80457 ? 54  LEU A O   1 
ATOM   432  C CB  . LEU A 1 62  ? 1.32335   -8.34204  4.88526   1.000 20.30122 ? 54  LEU A CB  1 
ATOM   433  C CG  . LEU A 1 62  ? 0.02834   -7.56179  4.63788   1.000 18.79710 ? 54  LEU A CG  1 
ATOM   434  C CD1 . LEU A 1 62  ? 0.21425   -6.10801  5.09407   1.000 17.59982 ? 54  LEU A CD1 1 
ATOM   435  C CD2 . LEU A 1 62  ? -0.40260  -7.62365  3.14859   1.000 17.86889 ? 54  LEU A CD2 1 
ATOM   436  N N   . VAL A 1 63  ? 3.20881   -10.73696 5.82408   1.000 20.50707 ? 55  VAL A N   1 
ATOM   437  C CA  . VAL A 1 63  ? 4.49163   -11.44091 5.80766   1.000 21.25470 ? 55  VAL A CA  1 
ATOM   438  C C   . VAL A 1 63  ? 4.31064   -12.86089 5.27491   1.000 21.13974 ? 55  VAL A C   1 
ATOM   439  O O   . VAL A 1 63  ? 5.10858   -13.34811 4.46012   1.000 21.95224 ? 55  VAL A O   1 
ATOM   440  C CB  . VAL A 1 63  ? 5.10417   -11.42102 7.22135   1.000 21.05981 ? 55  VAL A CB  1 
ATOM   441  C CG1 . VAL A 1 63  ? 6.28835   -12.37236 7.30530   1.000 26.26328 ? 55  VAL A CG1 1 
ATOM   442  C CG2 . VAL A 1 63  ? 5.53043   -10.00433 7.56244   1.000 23.57064 ? 55  VAL A CG2 1 
ATOM   443  N N   . ASP A 1 64  ? 3.24843   -13.54189 5.71086   1.000 21.34993 ? 56  ASP A N   1 
ATOM   444  C CA  . ASP A 1 64  ? 3.00124   -14.90337 5.25574   1.000 24.57650 ? 56  ASP A CA  1 
ATOM   445  C C   . ASP A 1 64  ? 2.68415   -14.93613 3.76113   1.000 24.43610 ? 56  ASP A C   1 
ATOM   446  O O   . ASP A 1 64  ? 3.16218   -15.81693 3.03888   1.000 23.93570 ? 56  ASP A O   1 
ATOM   447  C CB  . ASP A 1 64  ? 1.85096   -15.51682 6.04861   1.000 27.57306 ? 56  ASP A CB  1 
ATOM   448  C CG  . ASP A 1 64  ? 1.30520   -16.78199 5.40446   1.000 33.98526 ? 56  ASP A CG  1 
ATOM   449  O OD1 . ASP A 1 64  ? 2.13411   -17.60787 4.94803   1.000 37.45353 ? 56  ASP A OD1 1 
ATOM   450  O OD2 . ASP A 1 64  ? 0.06598   -16.96753 5.35862   1.000 36.96526 ? 56  ASP A OD2 1 
ATOM   451  N N   . LEU A 1 65  ? 1.86663   -13.99483 3.27503   1.000 21.12491 ? 57  LEU A N   1 
ATOM   452  C CA  . LEU A 1 65  ? 1.55886   -13.97887 1.84572   1.000 21.99779 ? 57  LEU A CA  1 
ATOM   453  C C   . LEU A 1 65  ? 2.80443   -13.70632 1.02075   1.000 21.02254 ? 57  LEU A C   1 
ATOM   454  O O   . LEU A 1 65  ? 3.02176   -14.32737 -0.02839  1.000 22.30400 ? 57  LEU A O   1 
ATOM   455  C CB  . LEU A 1 65  ? 0.49426   -12.91796 1.53314   1.000 20.87187 ? 57  LEU A CB  1 
ATOM   456  C CG  . LEU A 1 65  ? -0.96063  -13.24906 1.85051   1.000 25.42917 ? 57  LEU A CG  1 
ATOM   457  C CD1 . LEU A 1 65  ? -1.79756  -12.00300 1.63065   1.000 24.86973 ? 57  LEU A CD1 1 
ATOM   458  C CD2 . LEU A 1 65  ? -1.48379  -14.40712 0.97626   1.000 25.12076 ? 57  LEU A CD2 1 
ATOM   459  N N   . HIS A 1 66  ? 3.62826   -12.76927 1.47186   1.000 20.46882 ? 58  HIS A N   1 
ATOM   460  C CA  . HIS A 1 66  ? 4.84190   -12.44450 0.74157   1.000 22.13847 ? 58  HIS A CA  1 
ATOM   461  C C   . HIS A 1 66  ? 5.77972   -13.63761 0.71756   1.000 25.03151 ? 58  HIS A C   1 
ATOM   462  O O   . HIS A 1 66  ? 6.35860   -13.96099 -0.32434  1.000 22.86499 ? 58  HIS A O   1 
ATOM   463  C CB  . HIS A 1 66  ? 5.51223   -11.23766 1.38712   1.000 25.90193 ? 58  HIS A CB  1 
ATOM   464  C CG  . HIS A 1 66  ? 6.66486   -10.68804 0.61047   1.000 28.08376 ? 58  HIS A CG  1 
ATOM   465  N ND1 . HIS A 1 66  ? 6.65522   -10.57117 -0.76280  1.000 28.68145 ? 58  HIS A ND1 1 
ATOM   466  C CD2 . HIS A 1 66  ? 7.86640   -10.21904 1.01926   1.000 31.43055 ? 58  HIS A CD2 1 
ATOM   467  C CE1 . HIS A 1 66  ? 7.79921   -10.04844 -1.16709  1.000 29.41375 ? 58  HIS A CE1 1 
ATOM   468  N NE2 . HIS A 1 66  ? 8.55142   -9.82574  -0.10674  1.000 32.39116 ? 58  HIS A NE2 1 
ATOM   469  N N   . ALA A 1 67  ? 5.93055   -14.30950 1.85765   1.000 21.83622 ? 59  ALA A N   1 
ATOM   470  C CA  . ALA A 1 67  ? 6.77378   -15.49773 1.90743   1.000 22.66458 ? 59  ALA A CA  1 
ATOM   471  C C   . ALA A 1 67  ? 6.30084   -16.55276 0.91586   1.000 23.70155 ? 59  ALA A C   1 
ATOM   472  O O   . ALA A 1 67  ? 7.11914   -17.16419 0.21742   1.000 27.19116 ? 59  ALA A O   1 
ATOM   473  C CB  . ALA A 1 67  ? 6.79526   -16.05802 3.32570   1.000 23.51205 ? 59  ALA A CB  1 
ATOM   474  N N   . ARG A 1 68  ? 4.98280   -16.75700 0.80278   1.000 20.71202 ? 60  ARG A N   1 
ATOM   475  C CA  . ARG A 1 68  ? 4.50674   -17.86052 -0.01926  1.000 21.62979 ? 60  ARG A CA  1 
ATOM   476  C C   . ARG A 1 68  ? 4.42480   -17.50805 -1.49716  1.000 21.93511 ? 60  ARG A C   1 
ATOM   477  O O   . ARG A 1 68  ? 4.54154   -18.40521 -2.33797  1.000 24.37421 ? 60  ARG A O   1 
ATOM   478  C CB  . ARG A 1 68  ? 3.14270   -18.35507 0.44865   1.000 23.16914 ? 60  ARG A CB  1 
ATOM   479  C CG  . ARG A 1 68  ? 3.22532   -19.20107 1.72850   1.000 29.40884 ? 60  ARG A CG  1 
ATOM   480  C CD  . ARG A 1 68  ? 1.86317   -19.75941 2.03569   1.000 33.01714 ? 60  ARG A CD  1 
ATOM   481  N NE  . ARG A 1 68  ? 1.00260   -18.76705 2.65959   1.000 32.71634 ? 60  ARG A NE  1 
ATOM   482  C CZ  . ARG A 1 68  ? -0.28264  -18.64473 2.36958   1.000 33.51093 ? 60  ARG A CZ  1 
ATOM   483  N NH1 . ARG A 1 68  ? -0.85950  -19.42961 1.47547   1.000 37.85831 ? 60  ARG A NH1 1 
ATOM   484  N NH2 . ARG A 1 68  ? -0.99556  -17.69131 2.95999   1.000 33.17508 ? 60  ARG A NH2 1 
ATOM   485  N N   . TYR A 1 69  ? 4.22532   -16.23649 -1.84687  1.000 20.36218 ? 61  TYR A N   1 
ATOM   486  C CA  . TYR A 1 69  ? 3.99091   -15.86859 -3.24108  1.000 21.18326 ? 61  TYR A CA  1 
ATOM   487  C C   . TYR A 1 69  ? 5.02446   -14.93685 -3.85217  1.000 21.63844 ? 61  TYR A C   1 
ATOM   488  O O   . TYR A 1 69  ? 4.86387   -14.57183 -5.02450  1.000 21.65573 ? 61  TYR A O   1 
ATOM   489  C CB  . TYR A 1 69  ? 2.60744   -15.22593 -3.40053  1.000 20.99663 ? 61  TYR A CB  1 
ATOM   490  C CG  . TYR A 1 69  ? 1.48128   -16.18401 -3.12437  1.000 22.73413 ? 61  TYR A CG  1 
ATOM   491  C CD1 . TYR A 1 69  ? 1.17655   -17.20687 -4.01255  1.000 22.52178 ? 61  TYR A CD1 1 
ATOM   492  C CD2 . TYR A 1 69  ? 0.72600   -16.07519 -1.96613  1.000 20.88356 ? 61  TYR A CD2 1 
ATOM   493  C CE1 . TYR A 1 69  ? 0.13995   -18.09234 -3.75128  1.000 22.97588 ? 61  TYR A CE1 1 
ATOM   494  C CE2 . TYR A 1 69  ? -0.31491  -16.93977 -1.70734  1.000 23.35043 ? 61  TYR A CE2 1 
ATOM   495  C CZ  . TYR A 1 69  ? -0.60118  -17.94496 -2.60335  1.000 24.67679 ? 61  TYR A CZ  1 
ATOM   496  O OH  . TYR A 1 69  ? -1.63293  -18.80680 -2.33164  1.000 27.94291 ? 61  TYR A OH  1 
ATOM   497  N N   . ALA A 1 70  ? 6.08018   -14.55512 -3.11558  1.000 20.99827 ? 62  ALA A N   1 
ATOM   498  C CA  . ALA A 1 70  ? 7.09784   -13.65836 -3.66502  1.000 22.28406 ? 62  ALA A CA  1 
ATOM   499  C C   . ALA A 1 70  ? 7.62519   -14.15772 -5.00381  1.000 24.15372 ? 62  ALA A C   1 
ATOM   500  O O   . ALA A 1 70  ? 7.75948   -13.37905 -5.95311  1.000 23.09994 ? 62  ALA A O   1 
ATOM   501  C CB  . ALA A 1 70  ? 8.25843   -13.49033 -2.68756  1.000 25.82056 ? 62  ALA A CB  1 
ATOM   502  N N   . GLU A 1 71  ? 7.90849   -15.45855 -5.10046  1.000 24.18039 ? 63  GLU A N   1 
ATOM   503  C CA  . GLU A 1 71  ? 8.46314   -16.00866 -6.33389  1.000 24.66169 ? 63  GLU A CA  1 
ATOM   504  C C   . GLU A 1 71  ? 7.45327   -16.01374 -7.46689  1.000 25.85619 ? 63  GLU A C   1 
ATOM   505  O O   . GLU A 1 71  ? 7.85391   -16.06521 -8.63642  1.000 24.88928 ? 63  GLU A O   1 
ATOM   506  C CB  . GLU A 1 71  ? 8.97545   -17.43064 -6.08536  1.000 25.08800 ? 63  GLU A CB  1 
ATOM   507  C CG  . GLU A 1 71  ? 10.22680  -17.49146 -5.24377  1.000 30.27942 ? 63  GLU A CG  1 
ATOM   508  C CD  . GLU A 1 71  ? 11.38195  -16.72743 -5.86530  1.000 36.85636 ? 63  GLU A CD  1 
ATOM   509  O OE1 . GLU A 1 71  ? 11.97907  -15.87046 -5.17392  1.000 41.58695 ? 63  GLU A OE1 1 
ATOM   510  O OE2 . GLU A 1 71  ? 11.71022  -17.00166 -7.04404  1.000 39.07947 ? 63  GLU A OE2 1 
ATOM   511  N N   . CYS A 1 72  ? 6.15362   -15.97655 -7.14912  1.000 23.97594 ? 64  CYS A N   1 
ATOM   512  C CA  . CYS A 1 72  ? 5.12584   -15.87926 -8.17973  1.000 22.21479 ? 64  CYS A CA  1 
ATOM   513  C C   . CYS A 1 72  ? 4.96481   -14.46480 -8.70616  1.000 25.19469 ? 64  CYS A C   1 
ATOM   514  O O   . CYS A 1 72  ? 4.31536   -14.26981 -9.74312  1.000 26.21362 ? 64  CYS A O   1 
ATOM   515  C CB  . CYS A 1 72  ? 3.77560   -16.35534 -7.63461  1.000 21.44609 ? 64  CYS A CB  1 
ATOM   516  S SG  . CYS A 1 72  ? 3.80747   -17.93463 -6.85469  1.000 24.05369 ? 64  CYS A SG  1 
ATOM   517  N N   . GLY A 1 73  ? 5.51154   -13.47558 -8.00816  1.000 22.40643 ? 65  GLY A N   1 
ATOM   518  C CA  . GLY A 1 73  ? 5.39652   -12.09047 -8.42282  1.000 26.16769 ? 65  GLY A CA  1 
ATOM   519  C C   . GLY A 1 73  ? 4.74435   -11.16771 -7.40730  1.000 24.05810 ? 65  GLY A C   1 
ATOM   520  O O   . GLY A 1 73  ? 4.55701   -9.98472  -7.71717  1.000 23.43637 ? 65  GLY A O   1 
ATOM   521  N N   . LEU A 1 74  ? 4.40257   -11.61462 -6.20439  1.000 22.72594 ? 66  LEU A N   1 
ATOM   522  C CA  . LEU A 1 74  ? 3.72683   -10.73327 -5.25902  1.000 20.43968 ? 66  LEU A CA  1 
ATOM   523  C C   . LEU A 1 74  ? 4.73480   -9.79469  -4.61279  1.000 22.39132 ? 66  LEU A C   1 
ATOM   524  O O   . LEU A 1 74  ? 5.78725   -10.22821 -4.13040  1.000 22.71804 ? 66  LEU A O   1 
ATOM   525  C CB  . LEU A 1 74  ? 2.99493   -11.54436 -4.19145  1.000 20.27745 ? 66  LEU A CB  1 
ATOM   526  C CG  . LEU A 1 74  ? 2.24022   -10.67299 -3.18382  1.000 20.27390 ? 66  LEU A CG  1 
ATOM   527  C CD1 . LEU A 1 74  ? 1.09759   -9.95652  -3.92983  1.000 19.54706 ? 66  LEU A CD1 1 
ATOM   528  C CD2 . LEU A 1 74  ? 1.71440   -11.55172 -2.09709  1.000 18.59784 ? 66  LEU A CD2 1 
ATOM   529  N N   . ARG A 1 75  ? 4.39934   -8.51348  -4.57760  1.000 19.78963 ? 67  ARG A N   1 
ATOM   530  C CA  . ARG A 1 75  ? 5.15290   -7.52334  -3.83060  1.000 20.40317 ? 67  ARG A CA  1 
ATOM   531  C C   . ARG A 1 75  ? 4.20888   -6.80265  -2.87712  1.000 21.73961 ? 67  ARG A C   1 
ATOM   532  O O   . ARG A 1 75  ? 3.01959   -6.66844  -3.16187  1.000 20.69569 ? 67  ARG A O   1 
ATOM   533  C CB  . ARG A 1 75  ? 5.82145   -6.52356  -4.77509  1.000 23.09177 ? 67  ARG A CB  1 
ATOM   534  C CG  . ARG A 1 75  ? 6.89318   -7.14481  -5.69013  1.000 23.80735 ? 67  ARG A CG  1 
ATOM   535  C CD  . ARG A 1 75  ? 8.05252   -7.68211  -4.84394  1.000 27.22493 ? 67  ARG A CD  1 
ATOM   536  N NE  . ARG A 1 75  ? 9.09751   -8.33869  -5.63085  1.000 32.08727 ? 67  ARG A NE  1 
ATOM   537  C CZ  . ARG A 1 75  ? 9.13625   -9.63695  -5.92202  1.000 30.11651 ? 67  ARG A CZ  1 
ATOM   538  N NH1 . ARG A 1 75  ? 8.14693   -10.45927 -5.59680  1.000 25.60878 ? 67  ARG A NH1 1 
ATOM   539  N NH2 . ARG A 1 75  ? 10.18900  -10.12288 -6.57600  1.000 34.57111 ? 67  ARG A NH2 1 
ATOM   540  N N   . ILE A 1 76  ? 4.73470   -6.35626  -1.73919  1.000 21.82634 ? 68  ILE A N   1 
ATOM   541  C CA  . ILE A 1 76  ? 3.94825   -5.61123  -0.75463  1.000 21.30712 ? 68  ILE A CA  1 
ATOM   542  C C   . ILE A 1 76  ? 4.54690   -4.21987  -0.61732  1.000 22.20703 ? 68  ILE A C   1 
ATOM   543  O O   . ILE A 1 76  ? 5.74597   -4.08157  -0.36310  1.000 23.54221 ? 68  ILE A O   1 
ATOM   544  C CB  . ILE A 1 76  ? 3.90909   -6.32176  0.60831   1.000 22.87848 ? 68  ILE A CB  1 
ATOM   545  C CG1 . ILE A 1 76  ? 3.58123   -7.80448  0.40330   1.000 28.11854 ? 68  ILE A CG1 1 
ATOM   546  C CG2 . ILE A 1 76  ? 2.96164   -5.58839  1.57978   1.000 21.47695 ? 68  ILE A CG2 1 
ATOM   547  C CD1 . ILE A 1 76  ? 2.12150   -8.11325  0.33377   1.000 23.81297 ? 68  ILE A CD1 1 
ATOM   548  N N   . LEU A 1 77  ? 3.71602   -3.19090  -0.79154  1.000 21.23156 ? 69  LEU A N   1 
ATOM   549  C CA  . LEU A 1 77  ? 4.14017   -1.80135  -0.64651  1.000 19.68475 ? 69  LEU A CA  1 
ATOM   550  C C   . LEU A 1 77  ? 3.41388   -1.23035  0.56890   1.000 19.00293 ? 69  LEU A C   1 
ATOM   551  O O   . LEU A 1 77  ? 2.19527   -1.02738  0.52575   1.000 18.84304 ? 69  LEU A O   1 
ATOM   552  C CB  . LEU A 1 77  ? 3.81526   -0.98676  -1.89895  1.000 21.97957 ? 69  LEU A CB  1 
ATOM   553  C CG  . LEU A 1 77  ? 4.62089   -1.12523  -3.19867  1.000 22.48903 ? 69  LEU A CG  1 
ATOM   554  C CD1 . LEU A 1 77  ? 4.30844   -2.43698  -3.85629  1.000 25.68312 ? 69  LEU A CD1 1 
ATOM   555  C CD2 . LEU A 1 77  ? 4.30496   0.02911   -4.16829  1.000 25.28838 ? 69  LEU A CD2 1 
ATOM   556  N N   . ALA A 1 78  ? 4.15195   -0.97988  1.64361   1.000 17.54294 ? 70  ALA A N   1 
ATOM   557  C CA  . ALA A 1 78  ? 3.58518   -0.53608  2.91199   1.000 16.58663 ? 70  ALA A CA  1 
ATOM   558  C C   . ALA A 1 78  ? 3.87856   0.94557   3.10141   1.000 19.21873 ? 70  ALA A C   1 
ATOM   559  O O   . ALA A 1 78  ? 5.05078   1.34177   3.18393   1.000 18.73180 ? 70  ALA A O   1 
ATOM   560  C CB  . ALA A 1 78  ? 4.16604   -1.34779  4.07511   1.000 17.92896 ? 70  ALA A CB  1 
ATOM   561  N N   . PHE A 1 79  ? 2.81165   1.74994   3.20127   1.000 17.93409 ? 71  PHE A N   1 
ATOM   562  C CA  . PHE A 1 79  ? 2.86581   3.19358   3.40884   1.000 18.62543 ? 71  PHE A CA  1 
ATOM   563  C C   . PHE A 1 79  ? 2.38757   3.55935   4.81173   1.000 17.76199 ? 71  PHE A C   1 
ATOM   564  O O   . PHE A 1 79  ? 1.17264   3.57686   5.06315   1.000 19.01892 ? 71  PHE A O   1 
ATOM   565  C CB  . PHE A 1 79  ? 2.00537   3.90006   2.35561   1.000 19.71171 ? 71  PHE A CB  1 
ATOM   566  C CG  . PHE A 1 79  ? 2.64225   3.95589   0.99688   1.000 18.35243 ? 71  PHE A CG  1 
ATOM   567  C CD1 . PHE A 1 79  ? 3.49388   4.99338   0.66884   1.000 21.10857 ? 71  PHE A CD1 1 
ATOM   568  C CD2 . PHE A 1 79  ? 2.38998   2.97088   0.05772   1.000 19.08858 ? 71  PHE A CD2 1 
ATOM   569  C CE1 . PHE A 1 79  ? 4.08615   5.05849   -0.58937  1.000 20.35531 ? 71  PHE A CE1 1 
ATOM   570  C CE2 . PHE A 1 79  ? 2.98515   3.01481   -1.19596  1.000 20.58817 ? 71  PHE A CE2 1 
ATOM   571  C CZ  . PHE A 1 79  ? 3.84005   4.05943   -1.51841  1.000 19.68982 ? 71  PHE A CZ  1 
ATOM   572  N N   . PRO A 1 80  ? 3.28362   3.89001   5.74661   1.000 18.38987 ? 72  PRO A N   1 
ATOM   573  C CA  . PRO A 1 80  ? 2.83287   4.34035   7.06889   1.000 17.76752 ? 72  PRO A CA  1 
ATOM   574  C C   . PRO A 1 80  ? 2.04220   5.63483   6.94846   1.000 19.95838 ? 72  PRO A C   1 
ATOM   575  O O   . PRO A 1 80  ? 2.29489   6.46425   6.07519   1.000 21.15069 ? 72  PRO A O   1 
ATOM   576  C CB  . PRO A 1 80  ? 4.13851   4.54791   7.85188   1.000 21.25954 ? 72  PRO A CB  1 
ATOM   577  C CG  . PRO A 1 80  ? 5.21640   3.81024   7.05309   1.000 20.82857 ? 72  PRO A CG  1 
ATOM   578  C CD  . PRO A 1 80  ? 4.74710   3.95138   5.61507   1.000 19.43952 ? 72  PRO A CD  1 
ATOM   579  N N   . CYS A 1 81  ? 1.04980   5.78210   7.81623   1.000 20.09607 ? 73  CYS A N   1 
ATOM   580  C CA  . CYS A 1 81  ? 0.16725   6.94062   7.77644   1.000 20.85103 ? 73  CYS A CA  1 
ATOM   581  C C   . CYS A 1 81  ? -0.37575  7.16291   9.17588   1.000 21.80166 ? 73  CYS A C   1 
ATOM   582  O O   . CYS A 1 81  ? -0.90052  6.22691   9.78539   1.000 21.92341 ? 73  CYS A O   1 
ATOM   583  C CB  . CYS A 1 81  ? -0.97703  6.71741   6.79402   1.000 19.72576 ? 73  CYS A CB  1 
ATOM   584  S SG  . CYS A 1 81  ? -2.15525  8.08347   6.75972   1.000 21.68792 ? 73  CYS A SG  1 
ATOM   585  N N   . ASN A 1 82  ? -0.26499  8.39825   9.66539   1.000 22.19212 ? 74  ASN A N   1 
ATOM   586  C CA  . ASN A 1 82  ? -0.67401  8.74952   11.01638  1.000 22.56339 ? 74  ASN A CA  1 
ATOM   587  C C   . ASN A 1 82  ? -2.04789  9.42159   11.07159  1.000 25.77706 ? 74  ASN A C   1 
ATOM   588  O O   . ASN A 1 82  ? -2.39336  10.02314  12.09411  1.000 26.52452 ? 74  ASN A O   1 
ATOM   589  C CB  . ASN A 1 82  ? 0.38294   9.65699   11.65043  1.000 25.21458 ? 74  ASN A CB  1 
ATOM   590  C CG  . ASN A 1 82  ? 0.28291   9.70784   13.15550  1.000 26.51198 ? 74  ASN A CG  1 
ATOM   591  O OD1 . ASN A 1 82  ? -0.07550  8.72308   13.80779  1.000 24.94256 ? 74  ASN A OD1 1 
ATOM   592  N ND2 . ASN A 1 82  ? 0.60070   10.87075  13.72459  1.000 26.83088 ? 74  ASN A ND2 1 
ATOM   593  N N   . GLN A 1 83  ? -2.84569  9.32571   10.00816  1.000 22.24550 ? 75  GLN A N   1 
ATOM   594  C CA  . GLN A 1 83  ? -4.08326  10.09527  9.95194   1.000 24.10041 ? 75  GLN A CA  1 
ATOM   595  C C   . GLN A 1 83  ? -5.25782  9.44706   10.66708  1.000 25.10640 ? 75  GLN A C   1 
ATOM   596  O O   . GLN A 1 83  ? -6.30919  10.08822  10.77129  1.000 24.77192 ? 75  GLN A O   1 
ATOM   597  C CB  . GLN A 1 83  ? -4.47551  10.35738  8.49981   1.000 23.00623 ? 75  GLN A CB  1 
ATOM   598  C CG  . GLN A 1 83  ? -3.59694  11.38303  7.81984   1.000 25.02065 ? 75  GLN A CG  1 
ATOM   599  C CD  . GLN A 1 83  ? -4.06049  11.69309  6.41819   1.000 28.15186 ? 75  GLN A CD  1 
ATOM   600  O OE1 . GLN A 1 83  ? -4.03135  10.83038  5.53594   1.000 24.36279 ? 75  GLN A OE1 1 
ATOM   601  N NE2 . GLN A 1 83  ? -4.52142  12.92900  6.20458   1.000 25.01063 ? 75  GLN A NE2 1 
ATOM   602  N N   . PHE A 1 84  ? -5.12502  8.22003   11.16868  1.000 22.33442 ? 76  PHE A N   1 
ATOM   603  C CA  . PHE A 1 84  ? -6.25764  7.48743   11.73927  1.000 21.22000 ? 76  PHE A CA  1 
ATOM   604  C C   . PHE A 1 84  ? -5.98148  7.16989   13.20421  1.000 23.01314 ? 76  PHE A C   1 
ATOM   605  O O   . PHE A 1 84  ? -5.24945  6.22707   13.51945  1.000 22.23906 ? 76  PHE A O   1 
ATOM   606  C CB  . PHE A 1 84  ? -6.53329  6.23480   10.91418  1.000 21.43034 ? 76  PHE A CB  1 
ATOM   607  C CG  . PHE A 1 84  ? -6.73711  6.53540   9.46059   1.000 20.72660 ? 76  PHE A CG  1 
ATOM   608  C CD1 . PHE A 1 84  ? -7.94172  7.06284   9.01287   1.000 21.54042 ? 76  PHE A CD1 1 
ATOM   609  C CD2 . PHE A 1 84  ? -5.70510  6.35151   8.54665   1.000 20.41672 ? 76  PHE A CD2 1 
ATOM   610  C CE1 . PHE A 1 84  ? -8.13572  7.38784   7.67366   1.000 20.47624 ? 76  PHE A CE1 1 
ATOM   611  C CE2 . PHE A 1 84  ? -5.89414  6.66240   7.19365   1.000 19.78793 ? 76  PHE A CE2 1 
ATOM   612  C CZ  . PHE A 1 84  ? -7.10720  7.18649   6.76107   1.000 21.71317 ? 76  PHE A CZ  1 
ATOM   613  N N   . GLY A 1 85  ? -6.56770  7.96882   14.09736  1.000 23.23556 ? 77  GLY A N   1 
ATOM   614  C CA  . GLY A 1 85  ? -6.36168  7.76704   15.51738  1.000 22.31312 ? 77  GLY A CA  1 
ATOM   615  C C   . GLY A 1 85  ? -4.95184  8.03274   15.99594  1.000 23.40097 ? 77  GLY A C   1 
ATOM   616  O O   . GLY A 1 85  ? -4.60005  7.60230   17.09417  1.000 25.91253 ? 77  GLY A O   1 
ATOM   617  N N   . LYS A 1 86  ? -4.12984  8.71638   15.19602  1.000 24.00405 ? 78  LYS A N   1 
ATOM   618  C CA  . LYS A 1 86  ? -2.71682  8.94124   15.51201  1.000 26.10832 ? 78  LYS A CA  1 
ATOM   619  C C   . LYS A 1 86  ? -2.02511  7.62929   15.88742  1.000 23.40319 ? 78  LYS A C   1 
ATOM   620  O O   . LYS A 1 86  ? -1.27494  7.54119   16.86143  1.000 27.01658 ? 78  LYS A O   1 
ATOM   621  C CB  . LYS A 1 86  ? -2.56949  9.99231   16.61500  1.000 29.63800 ? 78  LYS A CB  1 
ATOM   622  C CG  . LYS A 1 86  ? -3.06561  11.36334  16.15981  1.000 31.51074 ? 78  LYS A CG  1 
ATOM   623  C CD  . LYS A 1 86  ? -2.55423  12.50743  17.02015  1.000 38.26723 ? 78  LYS A CD  1 
ATOM   624  C CE  . LYS A 1 86  ? -3.63938  13.57774  17.17633  1.000 42.52859 ? 78  LYS A CE  1 
ATOM   625  N NZ  . LYS A 1 86  ? -3.51014  14.36536  18.44604  1.000 47.12626 ? 78  LYS A NZ  1 
ATOM   626  N N   . GLN A 1 87  ? -2.27645  6.59391   15.08242  1.000 22.54912 ? 79  GLN A N   1 
ATOM   627  C CA  . GLN A 1 87  ? -1.78108  5.25796   15.38649  1.000 24.08508 ? 79  GLN A CA  1 
ATOM   628  C C   . GLN A 1 87  ? -0.44725  4.93717   14.71081  1.000 23.59599 ? 79  GLN A C   1 
ATOM   629  O O   . GLN A 1 87  ? 0.03337   3.80262   14.81540  1.000 23.15710 ? 79  GLN A O   1 
ATOM   630  C CB  . GLN A 1 87  ? -2.85704  4.22616   15.03631  1.000 23.69839 ? 79  GLN A CB  1 
ATOM   631  C CG  . GLN A 1 87  ? -4.08946  4.39793   15.94313  1.000 23.21511 ? 79  GLN A CG  1 
ATOM   632  C CD  . GLN A 1 87  ? -5.17471  3.36587   15.72031  1.000 24.84886 ? 79  GLN A CD  1 
ATOM   633  O OE1 . GLN A 1 87  ? -5.20738  2.68826   14.69704  1.000 21.74812 ? 79  GLN A OE1 1 
ATOM   634  N NE2 . GLN A 1 87  ? -6.10468  3.27387   16.66907  1.000 25.39249 ? 79  GLN A NE2 1 
ATOM   635  N N   . GLU A 1 88  ? 0.17480   5.91327   14.05922  1.000 23.02376 ? 80  GLU A N   1 
ATOM   636  C CA  . GLU A 1 88  ? 1.54509   5.79481   13.54999  1.000 23.32677 ? 80  GLU A CA  1 
ATOM   637  C C   . GLU A 1 88  ? 2.34542   7.04640   13.90081  1.000 25.58191 ? 80  GLU A C   1 
ATOM   638  O O   . GLU A 1 88  ? 2.77713   7.79795   13.01939  1.000 25.57495 ? 80  GLU A O   1 
ATOM   639  C CB  . GLU A 1 88  ? 1.53310   5.55314   12.04136  1.000 22.25646 ? 80  GLU A CB  1 
ATOM   640  C CG  . GLU A 1 88  ? 2.85594   5.11801   11.42020  1.000 23.40911 ? 80  GLU A CG  1 
ATOM   641  C CD  . GLU A 1 88  ? 3.28254   3.71349   11.78134  1.000 23.49107 ? 80  GLU A CD  1 
ATOM   642  O OE1 . GLU A 1 88  ? 3.50099   3.42079   12.98612  1.000 23.71636 ? 80  GLU A OE1 1 
ATOM   643  O OE2 . GLU A 1 88  ? 3.36698   2.89254   10.84705  1.000 25.58909 ? 80  GLU A OE2 1 
ATOM   644  N N   . PRO A 1 89  ? 2.55979   7.30345   15.19616  1.000 24.46226 ? 81  PRO A N   1 
ATOM   645  C CA  . PRO A 1 89  ? 3.16459   8.57958   15.60786  1.000 28.33689 ? 81  PRO A CA  1 
ATOM   646  C C   . PRO A 1 89  ? 4.67860   8.63874   15.48840  1.000 29.62592 ? 81  PRO A C   1 
ATOM   647  O O   . PRO A 1 89  ? 5.23948   9.74310   15.52040  1.000 30.20207 ? 81  PRO A O   1 
ATOM   648  C CB  . PRO A 1 89  ? 2.73525   8.69613   17.07397  1.000 28.83006 ? 81  PRO A CB  1 
ATOM   649  C CG  . PRO A 1 89  ? 2.65269   7.28121   17.54202  1.000 28.92078 ? 81  PRO A CG  1 
ATOM   650  C CD  . PRO A 1 89  ? 2.15735   6.48047   16.35251  1.000 26.56333 ? 81  PRO A CD  1 
ATOM   651  N N   . GLY A 1 90  ? 5.35233   7.51009   15.32054  1.000 28.21413 ? 82  GLY A N   1 
ATOM   652  C CA  . GLY A 1 90  ? 6.79431   7.48036   15.42585  1.000 30.79777 ? 82  GLY A CA  1 
ATOM   653  C C   . GLY A 1 90  ? 7.52077   7.96972   14.19282  1.000 28.71113 ? 82  GLY A C   1 
ATOM   654  O O   . GLY A 1 90  ? 6.94763   8.27120   13.14795  1.000 30.04368 ? 82  GLY A O   1 
ATOM   655  N N   . SER A 1 91  ? 8.83879   8.03580   14.32709  1.000 28.93769 ? 83  SER A N   1 
ATOM   656  C CA  . SER A 1 91  ? 9.69596   8.39571   13.21326  1.000 30.84399 ? 83  SER A CA  1 
ATOM   657  C C   . SER A 1 91  ? 9.80628   7.24064   12.22510  1.000 30.58134 ? 83  SER A C   1 
ATOM   658  O O   . SER A 1 91  ? 9.49694   6.08861   12.53937  1.000 28.70507 ? 83  SER A O   1 
ATOM   659  C CB  . SER A 1 91  ? 11.08435  8.76373   13.71871  1.000 32.91741 ? 83  SER A CB  1 
ATOM   660  O OG  . SER A 1 91  ? 11.73777  7.61645   14.23266  1.000 33.62407 ? 83  SER A OG  1 
ATOM   661  N N   . ASN A 1 92  ? 10.25757  7.56951   11.01056  1.000 31.40820 ? 84  ASN A N   1 
ATOM   662  C CA  . ASN A 1 92  ? 10.48800  6.54461   9.99717   1.000 30.64806 ? 84  ASN A CA  1 
ATOM   663  C C   . ASN A 1 92  ? 11.48543  5.50579   10.49207  1.000 30.76953 ? 84  ASN A C   1 
ATOM   664  O O   . ASN A 1 92  ? 11.34421  4.30892   10.21710  1.000 27.39695 ? 84  ASN A O   1 
ATOM   665  C CB  . ASN A 1 92  ? 10.97129  7.20552   8.70520   1.000 30.22187 ? 84  ASN A CB  1 
ATOM   666  C CG  . ASN A 1 92  ? 9.85880   7.91490   7.96988   1.000 31.66121 ? 84  ASN A CG  1 
ATOM   667  O OD1 . ASN A 1 92  ? 8.70202   7.49620   8.02206   1.000 31.19955 ? 84  ASN A OD1 1 
ATOM   668  N ND2 . ASN A 1 92  ? 10.19255  9.01378   7.30295   1.000 32.25917 ? 84  ASN A ND2 1 
ATOM   669  N N   . GLU A 1 93  ? 12.48619  5.94395   11.25187  1.000 31.86592 ? 85  GLU A N   1 
ATOM   670  C CA  . GLU A 1 93  ? 13.46465  5.01754   11.81066  1.000 30.69287 ? 85  GLU A CA  1 
ATOM   671  C C   . GLU A 1 93  ? 12.81399  4.03985   12.78766  1.000 30.91865 ? 85  GLU A C   1 
ATOM   672  O O   . GLU A 1 93  ? 13.09407  2.83288   12.75399  1.000 31.18805 ? 85  GLU A O   1 
ATOM   673  C CB  . GLU A 1 93  ? 14.59622  5.81926   12.47022  1.000 34.89126 ? 85  GLU A CB  1 
ATOM   674  C CG  . GLU A 1 93  ? 15.19543  6.95897   11.56576  1.000 41.60576 ? 85  GLU A CG  1 
ATOM   675  C CD  . GLU A 1 93  ? 14.28467  8.19515   11.34893  1.000 41.59515 ? 85  GLU A CD  1 
ATOM   676  O OE1 . GLU A 1 93  ? 13.74288  8.73279   12.33682  1.000 45.54789 ? 85  GLU A OE1 1 
ATOM   677  O OE2 . GLU A 1 93  ? 14.10845  8.62928   10.18486  1.000 44.49780 ? 85  GLU A OE2 1 
ATOM   678  N N   . GLU A 1 94  ? 11.93300  4.54108   13.65625  1.000 27.48928 ? 86  GLU A N   1 
ATOM   679  C CA  . GLU A 1 94  ? 11.20809  3.68281   14.58822  1.000 27.27688 ? 86  GLU A CA  1 
ATOM   680  C C   . GLU A 1 94  ? 10.29191  2.71463   13.85177  1.000 28.04922 ? 86  GLU A C   1 
ATOM   681  O O   . GLU A 1 94  ? 10.17731  1.53858   14.22285  1.000 25.69552 ? 86  GLU A O   1 
ATOM   682  C CB  . GLU A 1 94  ? 10.40336  4.55920   15.54821  1.000 32.78088 ? 86  GLU A CB  1 
ATOM   683  C CG  . GLU A 1 94  ? 11.16413  4.97494   16.80176  1.000 35.07954 ? 86  GLU A CG  1 
ATOM   684  C CD  . GLU A 1 94  ? 10.71397  6.31045   17.37913  1.000 40.28876 ? 86  GLU A CD  1 
ATOM   685  O OE1 . GLU A 1 94  ? 9.67119   6.87007   16.94603  1.000 35.39776 ? 86  GLU A OE1 1 
ATOM   686  O OE2 . GLU A 1 94  ? 11.40642  6.79303   18.30184  1.000 42.73407 ? 86  GLU A OE2 1 
ATOM   687  N N   . ILE A 1 95  ? 9.61623   3.19703   12.81205  1.000 24.31928 ? 87  ILE A N   1 
ATOM   688  C CA  . ILE A 1 95  ? 8.71321   2.33584   12.05223  1.000 23.90750 ? 87  ILE A CA  1 
ATOM   689  C C   . ILE A 1 95  ? 9.49598   1.21637   11.37560  1.000 23.11322 ? 87  ILE A C   1 
ATOM   690  O O   . ILE A 1 95  ? 9.04121   0.06969   11.31693  1.000 24.49931 ? 87  ILE A O   1 
ATOM   691  C CB  . ILE A 1 95  ? 7.91681   3.18023   11.03979  1.000 23.76794 ? 87  ILE A CB  1 
ATOM   692  C CG1 . ILE A 1 95  ? 7.04415   4.19072   11.78176  1.000 24.31303 ? 87  ILE A CG1 1 
ATOM   693  C CG2 . ILE A 1 95  ? 7.03425   2.29073   10.14382  1.000 24.82089 ? 87  ILE A CG2 1 
ATOM   694  C CD1 . ILE A 1 95  ? 6.58980   5.31774   10.90889  1.000 24.28890 ? 87  ILE A CD1 1 
ATOM   695  N N   . LYS A 1 96  ? 10.68848  1.52809   10.86466  1.000 23.50588 ? 88  LYS A N   1 
ATOM   696  C CA  . LYS A 1 96  ? 11.52593  0.49360   10.26763  1.000 25.50049 ? 88  LYS A CA  1 
ATOM   697  C C   . LYS A 1 96  ? 11.82343  -0.61246  11.26965  1.000 26.10295 ? 88  LYS A C   1 
ATOM   698  O O   . LYS A 1 96  ? 11.73334  -1.80423  10.94132  1.000 24.48886 ? 88  LYS A O   1 
ATOM   699  C CB  . LYS A 1 96  ? 12.82547  1.10873   9.75601   1.000 27.34876 ? 88  LYS A CB  1 
ATOM   700  C CG  . LYS A 1 96  ? 13.60539  0.21740   8.79459   1.000 28.83446 ? 88  LYS A CG  1 
ATOM   701  C CD  . LYS A 1 96  ? 14.96733  0.82944   8.47773   1.000 30.68992 ? 88  LYS A CD  1 
ATOM   702  C CE  . LYS A 1 96  ? 15.82555  -0.11730  7.64522   1.000 35.78824 ? 88  LYS A CE  1 
ATOM   703  N NZ  . LYS A 1 96  ? 16.94007  0.59538   6.95599   1.000 35.43736 ? 88  LYS A NZ  1 
ATOM   704  N N   . GLU A 1 97  ? 12.15999  -0.22920  12.50226  1.000 25.70309 ? 89  GLU A N   1 
ATOM   705  C CA  . GLU A 1 97  ? 12.49827  -1.21343  13.52476  1.000 28.52912 ? 89  GLU A CA  1 
ATOM   706  C C   . GLU A 1 97  ? 11.27020  -2.02241  13.91899  1.000 26.05410 ? 89  GLU A C   1 
ATOM   707  O O   . GLU A 1 97  ? 11.36692  -3.22127  14.21069  1.000 26.50388 ? 89  GLU A O   1 
ATOM   708  C CB  . GLU A 1 97  ? 13.07222  -0.49077  14.73637  1.000 31.14566 ? 89  GLU A CB  1 
ATOM   709  C CG  . GLU A 1 97  ? 14.44648  0.08771   14.46589  1.000 36.73218 ? 89  GLU A CG  1 
ATOM   710  C CD  . GLU A 1 97  ? 14.97446  0.88038   15.64032  1.000 44.66376 ? 89  GLU A CD  1 
ATOM   711  O OE1 . GLU A 1 97  ? 14.27323  0.92576   16.67259  1.000 44.95306 ? 89  GLU A OE1 1 
ATOM   712  O OE2 . GLU A 1 97  ? 16.05254  1.50821   15.50645  1.000 48.18409 ? 89  GLU A OE2 1 
ATOM   713  N N   . PHE A 1 98  ? 10.10688  -1.37011  13.95388  1.000 24.65738 ? 90  PHE A N   1 
ATOM   714  C CA  . PHE A 1 98  ? 8.86566   -2.07633  14.23544  1.000 25.41027 ? 90  PHE A CA  1 
ATOM   715  C C   . PHE A 1 98  ? 8.60581   -3.13787  13.17514  1.000 24.70475 ? 90  PHE A C   1 
ATOM   716  O O   . PHE A 1 98  ? 8.31656   -4.29724  13.49839  1.000 24.03270 ? 90  PHE A O   1 
ATOM   717  C CB  . PHE A 1 98  ? 7.71202   -1.07008  14.31398  1.000 23.29531 ? 90  PHE A CB  1 
ATOM   718  C CG  . PHE A 1 98  ? 6.42535   -1.64220  14.85055  1.000 23.08295 ? 90  PHE A CG  1 
ATOM   719  C CD1 . PHE A 1 98  ? 6.20350   -1.71207  16.22115  1.000 24.66245 ? 90  PHE A CD1 1 
ATOM   720  C CD2 . PHE A 1 98  ? 5.42174   -2.07631  13.98310  1.000 25.73434 ? 90  PHE A CD2 1 
ATOM   721  C CE1 . PHE A 1 98  ? 5.00942   -2.22809  16.72153  1.000 23.87400 ? 90  PHE A CE1 1 
ATOM   722  C CE2 . PHE A 1 98  ? 4.23119   -2.58996  14.47230  1.000 23.26125 ? 90  PHE A CE2 1 
ATOM   723  C CZ  . PHE A 1 98  ? 4.02362   -2.66709  15.84082  1.000 25.64268 ? 90  PHE A CZ  1 
ATOM   724  N N   . PHE A 1 99  ? 8.71444   -2.75872  11.89512  1.000 23.97085 ? 91  PHE A N   1 
ATOM   725  C CA  . PHE A 1 99  ? 8.52413   -3.72502  10.81521  1.000 24.55254 ? 91  PHE A CA  1 
ATOM   726  C C   . PHE A 1 99  ? 9.53038   -4.86299  10.88246  1.000 25.22608 ? 91  PHE A C   1 
ATOM   727  O O   . PHE A 1 99  ? 9.20107   -6.01132  10.56341  1.000 23.45106 ? 91  PHE A O   1 
ATOM   728  C CB  . PHE A 1 99  ? 8.61178   -3.02977  9.46141   1.000 25.49656 ? 91  PHE A CB  1 
ATOM   729  C CG  . PHE A 1 99  ? 7.29861   -2.59773  8.94282   1.000 28.60793 ? 91  PHE A CG  1 
ATOM   730  C CD1 . PHE A 1 99  ? 6.74438   -1.37827  9.31395   1.000 28.40357 ? 91  PHE A CD1 1 
ATOM   731  C CD2 . PHE A 1 99  ? 6.59046   -3.43032  8.09292   1.000 28.93727 ? 91  PHE A CD2 1 
ATOM   732  C CE1 . PHE A 1 99  ? 5.51216   -1.00295  8.82899   1.000 28.51427 ? 91  PHE A CE1 1 
ATOM   733  C CE2 . PHE A 1 99  ? 5.36473   -3.06472  7.60422   1.000 28.07810 ? 91  PHE A CE2 1 
ATOM   734  C CZ  . PHE A 1 99  ? 4.82278   -1.84655  7.96138   1.000 27.64436 ? 91  PHE A CZ  1 
ATOM   735  N N   . ALA A 1 100 ? 10.77012  -4.55829  11.25758  1.000 25.77505 ? 92  ALA A N   1 
ATOM   736  C CA  . ALA A 1 100 ? 11.78316  -5.60436  11.33876  1.000 25.94102 ? 92  ALA A CA  1 
ATOM   737  C C   . ALA A 1 100 ? 11.39889  -6.67682  12.35402  1.000 27.71246 ? 92  ALA A C   1 
ATOM   738  O O   . ALA A 1 100 ? 11.74398  -7.85490  12.17712  1.000 26.61436 ? 92  ALA A O   1 
ATOM   739  C CB  . ALA A 1 100 ? 13.13961  -4.98164  11.67671  1.000 28.40694 ? 92  ALA A CB  1 
ATOM   740  N N   . GLY A 1 101 ? 10.66384  -6.29968  13.40689  1.000 24.72636 ? 93  GLY A N   1 
ATOM   741  C CA  . GLY A 1 101 ? 10.17645  -7.27088  14.37369  1.000 25.45731 ? 93  GLY A CA  1 
ATOM   742  C C   . GLY A 1 101 ? 9.22067   -8.28662  13.78742  1.000 24.67101 ? 93  GLY A C   1 
ATOM   743  O O   . GLY A 1 101 ? 9.02461   -9.35154  14.37425  1.000 23.67417 ? 93  GLY A O   1 
ATOM   744  N N   . TYR A 1 102 ? 8.61007   -7.98354  12.64156  1.000 22.42913 ? 94  TYR A N   1 
ATOM   745  C CA  . TYR A 1 102 ? 7.74378   -8.94709  11.97521  1.000 19.78417 ? 94  TYR A CA  1 
ATOM   746  C C   . TYR A 1 102 ? 8.47539   -9.75184  10.91048  1.000 22.00844 ? 94  TYR A C   1 
ATOM   747  O O   . TYR A 1 102 ? 7.84251   -10.57926 10.24435  1.000 23.67562 ? 94  TYR A O   1 
ATOM   748  C CB  . TYR A 1 102 ? 6.54541   -8.22295  11.33239  1.000 20.05674 ? 94  TYR A CB  1 
ATOM   749  C CG  . TYR A 1 102 ? 5.50146   -7.74226  12.30842  1.000 20.04973 ? 94  TYR A CG  1 
ATOM   750  C CD1 . TYR A 1 102 ? 4.40806   -8.52532  12.63247  1.000 20.71003 ? 94  TYR A CD1 1 
ATOM   751  C CD2 . TYR A 1 102 ? 5.60666   -6.48680  12.89703  1.000 23.71908 ? 94  TYR A CD2 1 
ATOM   752  C CE1 . TYR A 1 102 ? 3.43722   -8.07199  13.53156  1.000 22.37630 ? 94  TYR A CE1 1 
ATOM   753  C CE2 . TYR A 1 102 ? 4.66173   -6.03171  13.78953  1.000 24.09743 ? 94  TYR A CE2 1 
ATOM   754  C CZ  . TYR A 1 102 ? 3.57835   -6.81835  14.09956  1.000 21.50742 ? 94  TYR A CZ  1 
ATOM   755  O OH  . TYR A 1 102 ? 2.64454   -6.33159  14.98294  1.000 26.11113 ? 94  TYR A OH  1 
ATOM   756  N N   . ASN A 1 103 ? 9.78439   -9.53377  10.74064  1.000 22.37263 ? 95  ASN A N   1 
ATOM   757  C CA  . ASN A 1 103 ? 10.56314  -10.15621 9.67186   1.000 24.19314 ? 95  ASN A CA  1 
ATOM   758  C C   . ASN A 1 103 ? 10.02321  -9.74469  8.30048   1.000 26.22922 ? 95  ASN A C   1 
ATOM   759  O O   . ASN A 1 103 ? 10.01293  -10.52615 7.35017   1.000 27.94119 ? 95  ASN A O   1 
ATOM   760  C CB  . ASN A 1 103 ? 10.59764  -11.68068 9.80552   1.000 28.53469 ? 95  ASN A CB  1 
ATOM   761  C CG  . ASN A 1 103 ? 11.78192  -12.28634 9.09846   1.000 37.81058 ? 95  ASN A CG  1 
ATOM   762  O OD1 . ASN A 1 103 ? 12.79837  -11.61264 8.88621   1.000 40.94399 ? 95  ASN A OD1 1 
ATOM   763  N ND2 . ASN A 1 103 ? 11.65442  -13.55143 8.69361   1.000 40.15647 ? 95  ASN A ND2 1 
ATOM   764  N N   . PHE A 1 104 ? 9.56727   -8.50637  8.20006   1.000 26.16500 ? 96  PHE A N   1 
ATOM   765  C CA  . PHE A 1 104 ? 8.99804   -8.01304  6.94949   1.000 27.47073 ? 96  PHE A CA  1 
ATOM   766  C C   . PHE A 1 104 ? 10.09994  -7.86428  5.90510   1.000 29.59923 ? 96  PHE A C   1 
ATOM   767  O O   . PHE A 1 104 ? 11.11517  -7.20750  6.15539   1.000 28.78697 ? 96  PHE A O   1 
ATOM   768  C CB  . PHE A 1 104 ? 8.29151   -6.68682  7.22352   1.000 26.73273 ? 96  PHE A CB  1 
ATOM   769  C CG  . PHE A 1 104 ? 7.62088   -6.07701  6.03566   1.000 28.46479 ? 96  PHE A CG  1 
ATOM   770  C CD1 . PHE A 1 104 ? 6.46493   -6.64362  5.51378   1.000 28.66906 ? 96  PHE A CD1 1 
ATOM   771  C CD2 . PHE A 1 104 ? 8.09489   -4.88510  5.49398   1.000 28.62256 ? 96  PHE A CD2 1 
ATOM   772  C CE1 . PHE A 1 104 ? 5.81707   -6.06658  4.43158   1.000 30.48022 ? 96  PHE A CE1 1 
ATOM   773  C CE2 . PHE A 1 104 ? 7.45271   -4.29820  4.42011   1.000 28.56430 ? 96  PHE A CE2 1 
ATOM   774  C CZ  . PHE A 1 104 ? 6.31036   -4.88793  3.88339   1.000 30.01093 ? 96  PHE A CZ  1 
ATOM   775  N N   . LYS A 1 105 ? 9.92250   -8.51016  4.75270   1.000 27.30878 ? 97  LYS A N   1 
ATOM   776  C CA  . LYS A 1 105 ? 10.83766  -8.38609  3.62269   1.000 29.15067 ? 97  LYS A CA  1 
ATOM   777  C C   . LYS A 1 105 ? 10.23048  -7.60249  2.47278   1.000 29.52396 ? 97  LYS A C   1 
ATOM   778  O O   . LYS A 1 105 ? 10.85237  -7.50337  1.40798   1.000 28.02704 ? 97  LYS A O   1 
ATOM   779  C CB  . LYS A 1 105 ? 11.27149  -9.76055  3.11393   1.000 31.82471 ? 97  LYS A CB  1 
ATOM   780  C CG  . LYS A 1 105 ? 11.63606  -10.74868 4.19363   1.000 34.89597 ? 97  LYS A CG  1 
ATOM   781  C CD  . LYS A 1 105 ? 12.97341  -10.38850 4.79403   1.000 35.61710 ? 97  LYS A CD  1 
ATOM   782  C CE  . LYS A 1 105 ? 13.37636  -11.39134 5.86889   1.000 38.82815 ? 97  LYS A CE  1 
ATOM   783  N NZ  . LYS A 1 105 ? 13.09187  -12.79437 5.44253   1.000 42.22024 ? 97  LYS A NZ  1 
ATOM   784  N N   . GLY A 1 106 ? 9.02720   -7.06621  2.65062   1.000 28.37825 ? 98  GLY A N   1 
ATOM   785  C CA  . GLY A 1 106 ? 8.38695   -6.27427  1.61970   1.000 28.82187 ? 98  GLY A CA  1 
ATOM   786  C C   . GLY A 1 106 ? 8.99198   -4.89151  1.55349   1.000 27.33001 ? 98  GLY A C   1 
ATOM   787  O O   . GLY A 1 106 ? 10.03332  -4.59496  2.14422   1.000 26.94120 ? 98  GLY A O   1 
ATOM   788  N N   . ASP A 1 107 ? 8.31631   -4.01721  0.82927   1.000 22.98834 ? 99  ASP A N   1 
ATOM   789  C CA  . ASP A 1 107 ? 8.87375   -2.70429  0.56226   1.000 23.85252 ? 99  ASP A CA  1 
ATOM   790  C C   . ASP A 1 107 ? 8.19472   -1.66456  1.44620   1.000 23.89118 ? 99  ASP A C   1 
ATOM   791  O O   . ASP A 1 107 ? 6.98433   -1.44829  1.33762   1.000 22.67695 ? 99  ASP A O   1 
ATOM   792  C CB  . ASP A 1 107 ? 8.73804   -2.38433  -0.91970  1.000 24.93909 ? 99  ASP A CB  1 
ATOM   793  C CG  . ASP A 1 107 ? 9.56810   -3.32767  -1.77218  1.000 29.64191 ? 99  ASP A CG  1 
ATOM   794  O OD1 . ASP A 1 107 ? 10.65563  -3.74002  -1.30713  1.000 31.83906 ? 99  ASP A OD1 1 
ATOM   795  O OD2 . ASP A 1 107 ? 9.13211   -3.68240  -2.87928  1.000 29.59516 ? 99  ASP A OD2 1 
ATOM   796  N N   . LEU A 1 108 ? 8.97928   -1.03753  2.32167   1.000 21.96041 ? 100 LEU A N   1 
ATOM   797  C CA  . LEU A 1 108 ? 8.49029   -0.09373  3.31700   1.000 21.29592 ? 100 LEU A CA  1 
ATOM   798  C C   . LEU A 1 108 ? 8.82956   1.32345   2.87906   1.000 23.50267 ? 100 LEU A C   1 
ATOM   799  O O   . LEU A 1 108 ? 9.98491   1.61290   2.53810   1.000 24.55380 ? 100 LEU A O   1 
ATOM   800  C CB  . LEU A 1 108 ? 9.12120   -0.38162  4.68004   1.000 22.02867 ? 100 LEU A CB  1 
ATOM   801  C CG  . LEU A 1 108 ? 8.66253   0.47978   5.84932   1.000 23.15966 ? 100 LEU A CG  1 
ATOM   802  C CD1 . LEU A 1 108 ? 7.15222   0.37596   6.00229   1.000 22.10278 ? 100 LEU A CD1 1 
ATOM   803  C CD2 . LEU A 1 108 ? 9.36377   0.03193   7.14432   1.000 24.99505 ? 100 LEU A CD2 1 
ATOM   804  N N   . PHE A 1 109 ? 7.83454   2.20023   2.89890   1.000 22.98091 ? 101 PHE A N   1 
ATOM   805  C CA  . PHE A 1 109 ? 7.99794   3.56598   2.41798   1.000 22.39248 ? 101 PHE A CA  1 
ATOM   806  C C   . PHE A 1 109 ? 7.93843   4.54621   3.58368   1.000 22.81228 ? 101 PHE A C   1 
ATOM   807  O O   . PHE A 1 109 ? 7.53713   4.19386   4.69046   1.000 23.90586 ? 101 PHE A O   1 
ATOM   808  C CB  . PHE A 1 109 ? 6.93640   3.89070   1.36174   1.000 21.55738 ? 101 PHE A CB  1 
ATOM   809  C CG  . PHE A 1 109 ? 7.12966   3.12197   0.08344   1.000 22.45783 ? 101 PHE A CG  1 
ATOM   810  C CD1 . PHE A 1 109 ? 6.67148   1.81406   -0.03303  1.000 20.45331 ? 101 PHE A CD1 1 
ATOM   811  C CD2 . PHE A 1 109 ? 7.81020   3.69476   -0.98867  1.000 24.00049 ? 101 PHE A CD2 1 
ATOM   812  C CE1 . PHE A 1 109 ? 6.85875   1.08186   -1.20837  1.000 21.64458 ? 101 PHE A CE1 1 
ATOM   813  C CE2 . PHE A 1 109 ? 8.01711   2.97488   -2.16256  1.000 23.44328 ? 101 PHE A CE2 1 
ATOM   814  C CZ  . PHE A 1 109 ? 7.54034   1.66561   -2.27358  1.000 23.71901 ? 101 PHE A CZ  1 
ATOM   815  N N   . SER A 1 110 ? 8.38016   5.77805   3.33502   1.000 24.25282 ? 102 SER A N   1 
ATOM   816  C CA  . SER A 1 110 ? 8.29749   6.81861   4.35238   1.000 23.33741 ? 102 SER A CA  1 
ATOM   817  C C   . SER A 1 110 ? 6.83978   7.19070   4.61112   1.000 23.48223 ? 102 SER A C   1 
ATOM   818  O O   . SER A 1 110 ? 5.98406   7.03991   3.73907   1.000 22.26043 ? 102 SER A O   1 
ATOM   819  C CB  . SER A 1 110 ? 9.08400   8.05548   3.90791   1.000 27.33330 ? 102 SER A CB  1 
ATOM   820  O OG  . SER A 1 110 ? 10.45828  7.89249   4.21543   1.000 31.90926 ? 102 SER A OG  1 
ATOM   821  N N   . LYS A 1 111 ? 6.57403   7.70203   5.82204   1.000 23.12536 ? 103 LYS A N   1 
ATOM   822  C CA  . LYS A 1 111 ? 5.21134   8.02881   6.24204   1.000 23.85601 ? 103 LYS A CA  1 
ATOM   823  C C   . LYS A 1 111 ? 4.60032   9.10471   5.35008   1.000 25.02171 ? 103 LYS A C   1 
ATOM   824  O O   . LYS A 1 111 ? 5.25913   10.08628  4.99247   1.000 24.44251 ? 103 LYS A O   1 
ATOM   825  C CB  . LYS A 1 111 ? 5.21479   8.48535   7.70739   1.000 22.77928 ? 103 LYS A CB  1 
ATOM   826  C CG  . LYS A 1 111 ? 3.83766   8.64267   8.34078   1.000 25.01891 ? 103 LYS A CG  1 
ATOM   827  C CD  . LYS A 1 111 ? 3.85964   9.46587   9.65525   1.000 28.05988 ? 103 LYS A CD  1 
ATOM   828  C CE  . LYS A 1 111 ? 5.01063   9.09554   10.58640  1.000 30.00801 ? 103 LYS A CE  1 
ATOM   829  N NZ  . LYS A 1 111 ? 4.73386   9.42451   12.04197  1.000 26.39562 ? 103 LYS A NZ  1 
ATOM   830  N N   . ILE A 1 112 ? 3.33497   8.90183   4.96710   1.000 23.05416 ? 104 ILE A N   1 
ATOM   831  C CA  . ILE A 1 112 ? 2.61547   9.80488   4.07219   1.000 22.51666 ? 104 ILE A CA  1 
ATOM   832  C C   . ILE A 1 112 ? 1.24806   10.12066  4.66890   1.000 22.49109 ? 104 ILE A C   1 
ATOM   833  O O   . ILE A 1 112 ? 0.84767   9.57380   5.69419   1.000 22.13217 ? 104 ILE A O   1 
ATOM   834  C CB  . ILE A 1 112 ? 2.43313   9.21765   2.65350   1.000 21.31146 ? 104 ILE A CB  1 
ATOM   835  C CG1 . ILE A 1 112 ? 1.64425   7.88662   2.69886   1.000 22.43949 ? 104 ILE A CG1 1 
ATOM   836  C CG2 . ILE A 1 112 ? 3.75959   9.06537   1.94461   1.000 22.87374 ? 104 ILE A CG2 1 
ATOM   837  C CD1 . ILE A 1 112 ? 0.94550   7.52276   1.38910   1.000 21.98057 ? 104 ILE A CD1 1 
ATOM   838  N N   . CYS A 1 113 ? 0.54096   11.03808  4.00725   1.000 23.67011 ? 105 CYS A N   1 
ATOM   839  C CA  . CYS A 1 113 ? -0.90273  11.18960  4.12952   1.000 24.20130 ? 105 CYS A CA  1 
ATOM   840  C C   . CYS A 1 113 ? -1.56620  10.44692  2.97936   1.000 21.43542 ? 105 CYS A C   1 
ATOM   841  O O   . CYS A 1 113 ? -1.00981  10.35959  1.88506   1.000 22.76370 ? 105 CYS A O   1 
ATOM   842  C CB  . CYS A 1 113 ? -1.32289  12.66779  4.10425   1.000 26.01258 ? 105 CYS A CB  1 
ATOM   843  S SG  . CYS A 1 113 ? -0.91091  13.53544  5.63280   1.000 29.16731 ? 105 CYS A SG  1 
ATOM   844  N N   . VAL A 1 114 ? -2.74202  9.87316   3.24655   1.000 19.66374 ? 106 VAL A N   1 
ATOM   845  C CA  . VAL A 1 114 ? -3.51350  9.17402   2.22263   1.000 20.17223 ? 106 VAL A CA  1 
ATOM   846  C C   . VAL A 1 114 ? -4.83027  9.87373   1.89733   1.000 21.84075 ? 106 VAL A C   1 
ATOM   847  O O   . VAL A 1 114 ? -5.45595  9.53961   0.88037   1.000 19.64883 ? 106 VAL A O   1 
ATOM   848  C CB  . VAL A 1 114 ? -3.77188  7.70026   2.61078   1.000 21.89627 ? 106 VAL A CB  1 
ATOM   849  C CG1 . VAL A 1 114 ? -2.43275  6.95395   2.80468   1.000 20.23723 ? 106 VAL A CG1 1 
ATOM   850  C CG2 . VAL A 1 114 ? -4.64293  7.58630   3.88850   1.000 19.76005 ? 106 VAL A CG2 1 
ATOM   851  N N   . ASN A 1 115 ? -5.27995  10.79946  2.73703   1.000 21.73222 ? 107 ASN A N   1 
ATOM   852  C CA  . ASN A 1 115 ? -6.46438  11.60360  2.48946   1.000 23.99797 ? 107 ASN A CA  1 
ATOM   853  C C   . ASN A 1 115 ? -6.09830  13.08031  2.52984   1.000 25.04230 ? 107 ASN A C   1 
ATOM   854  O O   . ASN A 1 115 ? -5.09614  13.48266  3.12721   1.000 25.16206 ? 107 ASN A O   1 
ATOM   855  C CB  . ASN A 1 115 ? -7.55522  11.34844  3.53862   1.000 23.61798 ? 107 ASN A CB  1 
ATOM   856  C CG  . ASN A 1 115 ? -8.22546  9.99614   3.40566   1.000 21.67706 ? 107 ASN A CG  1 
ATOM   857  O OD1 . ASN A 1 115 ? -8.35982  9.44268   2.31880   1.000 21.88597 ? 107 ASN A OD1 1 
ATOM   858  N ND2 . ASN A 1 115 ? -8.71918  9.48864   4.52755   1.000 24.51897 ? 107 ASN A ND2 1 
ATOM   859  N N   . GLY A 1 116 ? -6.94067  13.89233  1.90566   1.000 23.66073 ? 108 GLY A N   1 
ATOM   860  C CA  . GLY A 1 116 ? -6.75193  15.32644  1.96354   1.000 27.72629 ? 108 GLY A CA  1 
ATOM   861  C C   . GLY A 1 116 ? -5.85454  15.83117  0.86354   1.000 28.88334 ? 108 GLY A C   1 
ATOM   862  O O   . GLY A 1 116 ? -5.30520  15.07912  0.05225   1.000 27.05148 ? 108 GLY A O   1 
ATOM   863  N N   . ASP A 1 117 ? -5.70015  17.16057  0.84733   1.000 32.68350 ? 109 ASP A N   1 
ATOM   864  C CA  . ASP A 1 117 ? -4.96787  17.82050  -0.23088  1.000 30.83006 ? 109 ASP A CA  1 
ATOM   865  C C   . ASP A 1 117 ? -3.49435  17.43537  -0.24389  1.000 33.19302 ? 109 ASP A C   1 
ATOM   866  O O   . ASP A 1 117 ? -2.85320  17.47793  -1.30013  1.000 34.57495 ? 109 ASP A O   1 
ATOM   867  C CB  . ASP A 1 117 ? -5.11090  19.33818  -0.08816  1.000 34.38372 ? 109 ASP A CB  1 
ATOM   868  C CG  . ASP A 1 117 ? -6.51403  19.82385  -0.39194  1.000 39.26095 ? 109 ASP A CG  1 
ATOM   869  O OD1 . ASP A 1 117 ? -7.40456  18.98322  -0.65020  1.000 38.47217 ? 109 ASP A OD1 1 
ATOM   870  O OD2 . ASP A 1 117 ? -6.72787  21.05385  -0.36061  1.000 46.65131 ? 109 ASP A OD2 1 
ATOM   871  N N   . ASP A 1 118 ? -2.94422  17.05382  0.91252   1.000 31.07061 ? 110 ASP A N   1 
ATOM   872  C CA  . ASP A 1 118 ? -1.54040  16.68615  1.06297   1.000 31.13712 ? 110 ASP A CA  1 
ATOM   873  C C   . ASP A 1 118 ? -1.28725  15.18689  0.87627   1.000 29.87994 ? 110 ASP A C   1 
ATOM   874  O O   . ASP A 1 118 ? -0.15681  14.73441  1.08547   1.000 27.37025 ? 110 ASP A O   1 
ATOM   875  C CB  . ASP A 1 118 ? -1.03806  17.12148  2.44814   1.000 34.33435 ? 110 ASP A CB  1 
ATOM   876  C CG  . ASP A 1 118 ? -0.80234  18.62281  2.54761   1.000 41.37665 ? 110 ASP A CG  1 
ATOM   877  O OD1 . ASP A 1 118 ? -0.93043  19.32514  1.52051   1.000 41.41411 ? 110 ASP A OD1 1 
ATOM   878  O OD2 . ASP A 1 118 ? -0.50111  19.10246  3.66237   1.000 44.22761 ? 110 ASP A OD2 1 
ATOM   879  N N   . ALA A 1 119 ? -2.30357  14.41181  0.49576   1.000 26.31639 ? 111 ALA A N   1 
ATOM   880  C CA  . ALA A 1 119 ? -2.11085  12.98850  0.25716   1.000 24.57146 ? 111 ALA A CA  1 
ATOM   881  C C   . ALA A 1 119 ? -1.06898  12.75989  -0.82856  1.000 26.67319 ? 111 ALA A C   1 
ATOM   882  O O   . ALA A 1 119 ? -0.93091  13.54926  -1.77474  1.000 24.88661 ? 111 ALA A O   1 
ATOM   883  C CB  . ALA A 1 119 ? -3.42932  12.33450  -0.14825  1.000 24.13605 ? 111 ALA A CB  1 
ATOM   884  N N   . HIS A 1 120 ? -0.32790  11.66664  -0.69199  1.000 22.95770 ? 112 HIS A N   1 
ATOM   885  C CA  . HIS A 1 120 ? 0.61954   11.30102  -1.73247  1.000 22.75749 ? 112 HIS A CA  1 
ATOM   886  C C   . HIS A 1 120 ? -0.11755  11.09008  -3.05576  1.000 23.09780 ? 112 HIS A C   1 
ATOM   887  O O   . HIS A 1 120 ? -1.21271  10.50408  -3.07541  1.000 20.34745 ? 112 HIS A O   1 
ATOM   888  C CB  . HIS A 1 120 ? 1.39251   10.03453  -1.33805  1.000 23.88428 ? 112 HIS A CB  1 
ATOM   889  C CG  . HIS A 1 120 ? 2.52931   9.72645   -2.25842  1.000 23.73154 ? 112 HIS A CG  1 
ATOM   890  N ND1 . HIS A 1 120 ? 2.34254   9.14393   -3.49201  1.000 23.11167 ? 112 HIS A ND1 1 
ATOM   891  C CD2 . HIS A 1 120 ? 3.86100   9.93154   -2.13466  1.000 26.60525 ? 112 HIS A CD2 1 
ATOM   892  C CE1 . HIS A 1 120 ? 3.51087   9.00727   -4.09354  1.000 25.16787 ? 112 HIS A CE1 1 
ATOM   893  N NE2 . HIS A 1 120 ? 4.45030   9.46880   -3.28594  1.000 26.76170 ? 112 HIS A NE2 1 
ATOM   894  N N   . PRO A 1 121 ? 0.43667   11.56811  -4.18129  1.000 23.57749 ? 113 PRO A N   1 
ATOM   895  C CA  . PRO A 1 121 ? -0.29845  11.48402  -5.45812  1.000 22.93358 ? 113 PRO A CA  1 
ATOM   896  C C   . PRO A 1 121 ? -0.69442  10.07505  -5.84303  1.000 22.60829 ? 113 PRO A C   1 
ATOM   897  O O   . PRO A 1 121 ? -1.74011  9.89041   -6.47443  1.000 20.88912 ? 113 PRO A O   1 
ATOM   898  C CB  . PRO A 1 121 ? 0.67498   12.07711  -6.48974  1.000 27.13829 ? 113 PRO A CB  1 
ATOM   899  C CG  . PRO A 1 121 ? 1.83382   12.58131  -5.74787  1.000 30.65788 ? 113 PRO A CG  1 
ATOM   900  C CD  . PRO A 1 121 ? 1.74015   12.24266  -4.30311  1.000 25.78458 ? 113 PRO A CD  1 
ATOM   901  N N   . LEU A 1 122 ? 0.10105   9.06425   -5.48481  1.000 21.60585 ? 114 LEU A N   1 
ATOM   902  C CA  . LEU A 1 122 ? -0.29935  7.70003   -5.79939  1.000 20.42860 ? 114 LEU A CA  1 
ATOM   903  C C   . LEU A 1 122 ? -1.62727  7.36305   -5.14449  1.000 18.42641 ? 114 LEU A C   1 
ATOM   904  O O   . LEU A 1 122 ? -2.48087  6.72551   -5.76067  1.000 19.13801 ? 114 LEU A O   1 
ATOM   905  C CB  . LEU A 1 122 ? 0.78229   6.70661   -5.35298  1.000 18.58579 ? 114 LEU A CB  1 
ATOM   906  C CG  . LEU A 1 122 ? 0.38556   5.23763   -5.47902  1.000 20.84744 ? 114 LEU A CG  1 
ATOM   907  C CD1 . LEU A 1 122 ? 0.15266   4.82912   -6.93770  1.000 21.78275 ? 114 LEU A CD1 1 
ATOM   908  C CD2 . LEU A 1 122 ? 1.45151   4.38348   -4.82434  1.000 21.32688 ? 114 LEU A CD2 1 
ATOM   909  N N   . TRP A 1 123 ? -1.81053  7.78517   -3.88969  1.000 19.68623 ? 115 TRP A N   1 
ATOM   910  C CA  . TRP A 1 123 ? -3.03463  7.46592   -3.16577  1.000 19.22456 ? 115 TRP A CA  1 
ATOM   911  C C   . TRP A 1 123 ? -4.21743  8.26757   -3.69148  1.000 18.96091 ? 115 TRP A C   1 
ATOM   912  O O   . TRP A 1 123 ? -5.32595  7.73222   -3.80750  1.000 19.08592 ? 115 TRP A O   1 
ATOM   913  C CB  . TRP A 1 123 ? -2.80189  7.68858   -1.67806  1.000 18.30133 ? 115 TRP A CB  1 
ATOM   914  C CG  . TRP A 1 123 ? -2.04443  6.51177   -1.11640  1.000 20.40228 ? 115 TRP A CG  1 
ATOM   915  C CD1 . TRP A 1 123 ? -0.70563  6.25596   -1.23281  1.000 21.13900 ? 115 TRP A CD1 1 
ATOM   916  C CD2 . TRP A 1 123 ? -2.61269  5.40559   -0.43338  1.000 18.20162 ? 115 TRP A CD2 1 
ATOM   917  N NE1 . TRP A 1 123 ? -0.39781  5.05468   -0.61779  1.000 19.98021 ? 115 TRP A NE1 1 
ATOM   918  C CE2 . TRP A 1 123 ? -1.55910  4.50962   -0.12687  1.000 18.27121 ? 115 TRP A CE2 1 
ATOM   919  C CE3 . TRP A 1 123 ? -3.91635  5.08131   -0.03678  1.000 18.31183 ? 115 TRP A CE3 1 
ATOM   920  C CZ2 . TRP A 1 123 ? -1.77428  3.32138   0.56367   1.000 20.57507 ? 115 TRP A CZ2 1 
ATOM   921  C CZ3 . TRP A 1 123 ? -4.12852  3.89168   0.63898   1.000 20.24941 ? 115 TRP A CZ3 1 
ATOM   922  C CH2 . TRP A 1 123 ? -3.06750  3.03398   0.94273   1.000 17.73390 ? 115 TRP A CH2 1 
ATOM   923  N N   . LYS A 1 124 ? -3.99352  9.52638   -4.07826  1.000 18.96854 ? 116 LYS A N   1 
ATOM   924  C CA  . LYS A 1 124 ? -5.05172  10.26481  -4.76031  1.000 21.19001 ? 116 LYS A CA  1 
ATOM   925  C C   . LYS A 1 124 ? -5.51273  9.52283   -6.00938  1.000 19.92474 ? 116 LYS A C   1 
ATOM   926  O O   . LYS A 1 124 ? -6.71477  9.39303   -6.25566  1.000 20.15464 ? 116 LYS A O   1 
ATOM   927  C CB  . LYS A 1 124 ? -4.56638  11.67042  -5.11470  1.000 21.04650 ? 116 LYS A CB  1 
ATOM   928  C CG  . LYS A 1 124 ? -4.23469  12.54063  -3.91574  1.000 22.16117 ? 116 LYS A CG  1 
ATOM   929  C CD  . LYS A 1 124 ? -3.90956  13.96516  -4.37901  1.000 23.92510 ? 116 LYS A CD  1 
ATOM   930  C CE  . LYS A 1 124 ? -3.64781  14.91594  -3.22261  1.000 27.16182 ? 116 LYS A CE  1 
ATOM   931  N NZ  . LYS A 1 124 ? -3.26659  16.26966  -3.77569  1.000 29.61660 ? 116 LYS A NZ  1 
ATOM   932  N N   . TRP A 1 125 ? -4.56508  8.98735   -6.78689  1.000 19.99510 ? 117 TRP A N   1 
ATOM   933  C CA  . TRP A 1 125 ? -4.89537  8.28683   -8.02586  1.000 21.53662 ? 117 TRP A CA  1 
ATOM   934  C C   . TRP A 1 125 ? -5.57858  6.94034   -7.76908  1.000 20.15782 ? 117 TRP A C   1 
ATOM   935  O O   . TRP A 1 125 ? -6.56899  6.60792   -8.41969  1.000 18.66373 ? 117 TRP A O   1 
ATOM   936  C CB  . TRP A 1 125 ? -3.61921  8.11038   -8.85489  1.000 21.40242 ? 117 TRP A CB  1 
ATOM   937  C CG  . TRP A 1 125 ? -3.79110  7.31264   -10.10865 1.000 22.68825 ? 117 TRP A CG  1 
ATOM   938  C CD1 . TRP A 1 125 ? -4.18869  7.77922   -11.33695 1.000 22.73261 ? 117 TRP A CD1 1 
ATOM   939  C CD2 . TRP A 1 125 ? -3.56780  5.91005   -10.26299 1.000 22.25314 ? 117 TRP A CD2 1 
ATOM   940  N NE1 . TRP A 1 125 ? -4.22604  6.74201   -12.24207 1.000 23.80700 ? 117 TRP A NE1 1 
ATOM   941  C CE2 . TRP A 1 125 ? -3.83826  5.58593   -11.60830 1.000 23.19334 ? 117 TRP A CE2 1 
ATOM   942  C CE3 . TRP A 1 125 ? -3.15824  4.88927   -9.39104  1.000 20.53754 ? 117 TRP A CE3 1 
ATOM   943  C CZ2 . TRP A 1 125 ? -3.73133  4.27592   -12.10031 1.000 23.82189 ? 117 TRP A CZ2 1 
ATOM   944  C CZ3 . TRP A 1 125 ? -3.04686  3.58767   -9.88593  1.000 23.33251 ? 117 TRP A CZ3 1 
ATOM   945  C CH2 . TRP A 1 125 ? -3.33831  3.29453   -11.22531 1.000 24.12253 ? 117 TRP A CH2 1 
ATOM   946  N N   . MET A 1 126 ? -5.05411  6.12806   -6.83914  1.000 18.52125 ? 118 MET A N   1 
ATOM   947  C CA  . MET A 1 126 ? -5.69675  4.84628   -6.54626  1.000 17.11411 ? 118 MET A CA  1 
ATOM   948  C C   . MET A 1 126 ? -7.17465  5.01989   -6.18129  1.000 17.99424 ? 118 MET A C   1 
ATOM   949  O O   . MET A 1 126 ? -8.03244  4.25452   -6.63946  1.000 18.68176 ? 118 MET A O   1 
ATOM   950  C CB  . MET A 1 126 ? -4.92312  4.16847   -5.40743  1.000 16.95628 ? 118 MET A CB  1 
ATOM   951  C CG  . MET A 1 126 ? -3.50702  3.74236   -5.79262  1.000 16.14909 ? 118 MET A CG  1 
ATOM   952  S SD  . MET A 1 126 ? -2.91529  2.40773   -4.70991  1.000 18.81750 ? 118 MET A SD  1 
ATOM   953  C CE  . MET A 1 126 ? -2.69426  3.41193   -3.25997  1.000 19.10468 ? 118 MET A CE  1 
ATOM   954  N N   . LYS A 1 127 ? -7.49287  6.04710   -5.39500  1.000 18.57670 ? 119 LYS A N   1 
ATOM   955  C CA  . LYS A 1 127 ? -8.84414  6.20579   -4.85875  1.000 20.19654 ? 119 LYS A CA  1 
ATOM   956  C C   . LYS A 1 127 ? -9.88872  6.54069   -5.92247  1.000 22.22923 ? 119 LYS A C   1 
ATOM   957  O O   . LYS A 1 127 ? -11.08626 6.34045   -5.67302  1.000 22.82682 ? 119 LYS A O   1 
ATOM   958  C CB  . LYS A 1 127 ? -8.85768  7.29482   -3.78572  1.000 20.16446 ? 119 LYS A CB  1 
ATOM   959  C CG  . LYS A 1 127 ? -8.30155  6.80269   -2.43500  1.000 18.79964 ? 119 LYS A CG  1 
ATOM   960  C CD  . LYS A 1 127 ? -8.29832  7.89683   -1.32588  1.000 20.01017 ? 119 LYS A CD  1 
ATOM   961  C CE  . LYS A 1 127 ? -7.76167  9.25769   -1.73120  1.000 22.39996 ? 119 LYS A CE  1 
ATOM   962  N NZ  . LYS A 1 127 ? -7.82449  10.23406  -0.57000  1.000 20.53386 ? 119 LYS A NZ  1 
ATOM   963  N N   . ILE A 1 128 ? -9.47500  7.03832   -7.09101  1.000 22.33763 ? 120 ILE A N   1 
ATOM   964  C CA  . ILE A 1 128 ? -10.41204 7.38839   -8.16705  1.000 21.93676 ? 120 ILE A CA  1 
ATOM   965  C C   . ILE A 1 128 ? -10.43397 6.35528   -9.28795  1.000 22.69243 ? 120 ILE A C   1 
ATOM   966  O O   . ILE A 1 128 ? -11.15043 6.54387   -10.29170 1.000 22.14979 ? 120 ILE A O   1 
ATOM   967  C CB  . ILE A 1 128 ? -10.09672 8.78290   -8.74626  1.000 21.52012 ? 120 ILE A CB  1 
ATOM   968  C CG1 . ILE A 1 128 ? -8.71846  8.76161   -9.41861  1.000 22.37007 ? 120 ILE A CG1 1 
ATOM   969  C CG2 . ILE A 1 128 ? -10.21754 9.83651   -7.67212  1.000 24.48606 ? 120 ILE A CG2 1 
ATOM   970  C CD1 . ILE A 1 128 ? -8.47235  9.84005   -10.44217 1.000 26.16998 ? 120 ILE A CD1 1 
ATOM   971  N N   . GLN A 1 129 ? -9.66139  5.28085   -9.16682  1.000 21.58148 ? 121 GLN A N   1 
ATOM   972  C CA  . GLN A 1 129 ? -9.68331  4.24662   -10.18527 1.000 22.06744 ? 121 GLN A CA  1 
ATOM   973  C C   . GLN A 1 129 ? -11.02649 3.51537   -10.15614 1.000 23.65550 ? 121 GLN A C   1 
ATOM   974  O O   . GLN A 1 129 ? -11.67806 3.44824   -9.10705  1.000 25.03612 ? 121 GLN A O   1 
ATOM   975  C CB  . GLN A 1 129 ? -8.52493  3.26544   -9.97954  1.000 20.77728 ? 121 GLN A CB  1 
ATOM   976  C CG  . GLN A 1 129 ? -7.15215  3.91767   -10.12411 1.000 19.85311 ? 121 GLN A CG  1 
ATOM   977  C CD  . GLN A 1 129 ? -7.07659  4.78865   -11.37718 1.000 24.33332 ? 121 GLN A CD  1 
ATOM   978  O OE1 . GLN A 1 129 ? -6.93139  6.01188   -11.28926 1.000 25.43206 ? 121 GLN A OE1 1 
ATOM   979  N NE2 . GLN A 1 129 ? -7.17932  4.16361   -12.53704 1.000 21.84759 ? 121 GLN A NE2 1 
ATOM   980  N N   . PRO A 1 130 ? -11.47500 2.98168   -11.30769 1.000 24.71356 ? 122 PRO A N   1 
ATOM   981  C CA  . PRO A 1 130 ? -12.78134 2.30021   -11.34792 1.000 24.22275 ? 122 PRO A CA  1 
ATOM   982  C C   . PRO A 1 130 ? -12.92367 1.16230   -10.35147 1.000 28.54479 ? 122 PRO A C   1 
ATOM   983  O O   . PRO A 1 130 ? -14.00972 0.98536   -9.78624  1.000 27.58936 ? 122 PRO A O   1 
ATOM   984  C CB  . PRO A 1 130 ? -12.86381 1.79056   -12.79721 1.000 27.05346 ? 122 PRO A CB  1 
ATOM   985  C CG  . PRO A 1 130 ? -12.04052 2.71616   -13.55253 1.000 26.44949 ? 122 PRO A CG  1 
ATOM   986  C CD  . PRO A 1 130 ? -10.89632 3.12094   -12.65381 1.000 24.21859 ? 122 PRO A CD  1 
ATOM   987  N N   . LYS A 1 131 ? -11.87505 0.36959   -10.13324 1.000 25.11039 ? 123 LYS A N   1 
ATOM   988  C CA  . LYS A 1 131 ? -11.92087 -0.71205  -9.15889  1.000 26.05721 ? 123 LYS A CA  1 
ATOM   989  C C   . LYS A 1 131 ? -11.35257 -0.29446  -7.80785  1.000 25.53169 ? 123 LYS A C   1 
ATOM   990  O O   . LYS A 1 131 ? -11.16105 -1.14944  -6.93814  1.000 26.03888 ? 123 LYS A O   1 
ATOM   991  C CB  . LYS A 1 131 ? -11.17333 -1.93508  -9.69304  1.000 26.58373 ? 123 LYS A CB  1 
ATOM   992  C CG  . LYS A 1 131 ? -11.82680 -2.63234  -10.88160 1.000 30.16931 ? 123 LYS A CG  1 
ATOM   993  C CD  . LYS A 1 131 ? -13.26815 -3.01191  -10.60673 1.000 34.60407 ? 123 LYS A CD  1 
ATOM   994  C CE  . LYS A 1 131 ? -13.78864 -3.98237  -11.67735 1.000 40.75058 ? 123 LYS A CE  1 
ATOM   995  N NZ  . LYS A 1 131 ? -15.26497 -3.89508  -11.88138 1.000 45.20331 ? 123 LYS A NZ  1 
ATOM   996  N N   . GLY A 1 132 ? -11.07650 0.99524   -7.61491  1.000 24.33163 ? 124 GLY A N   1 
ATOM   997  C CA  . GLY A 1 132 ? -10.52644 1.49273   -6.36641  1.000 26.32635 ? 124 GLY A CA  1 
ATOM   998  C C   . GLY A 1 132 ? -11.51991 2.31742   -5.56974  1.000 27.78901 ? 124 GLY A C   1 
ATOM   999  O O   . GLY A 1 132 ? -11.14543 3.05540   -4.64923  1.000 24.76133 ? 124 GLY A O   1 
ATOM   1000 N N   . LYS A 1 133 ? -12.79672 2.21716   -5.90911  1.000 30.39570 ? 125 LYS A N   1 
ATOM   1001 C CA  . LYS A 1 133 ? -13.75027 3.07764   -5.23260  1.000 32.41462 ? 125 LYS A CA  1 
ATOM   1002 C C   . LYS A 1 133 ? -14.25372 2.40926   -3.95358  1.000 30.14626 ? 125 LYS A C   1 
ATOM   1003 O O   . LYS A 1 133 ? -14.26749 1.18025   -3.82111  1.000 32.70352 ? 125 LYS A O   1 
ATOM   1004 C CB  . LYS A 1 133 ? -14.87137 3.49009   -6.19319  1.000 34.39927 ? 125 LYS A CB  1 
ATOM   1005 C CG  . LYS A 1 133 ? -14.30936 4.53721   -7.18717  1.000 33.75362 ? 125 LYS A CG  1 
ATOM   1006 C CD  . LYS A 1 133 ? -15.33261 5.19462   -8.12271  1.000 33.73186 ? 125 LYS A CD  1 
ATOM   1007 C CE  . LYS A 1 133 ? -14.63653 6.27908   -8.93921  1.000 32.81009 ? 125 LYS A CE  1 
ATOM   1008 N NZ  . LYS A 1 133 ? -15.52908 6.94442   -9.90865  1.000 39.60704 ? 125 LYS A NZ  1 
ATOM   1009 N N   . GLY A 1 134 ? -14.58331 3.24534   -2.97061  1.000 32.75921 ? 126 GLY A N   1 
ATOM   1010 C CA  . GLY A 1 134 ? -14.89032 2.78199   -1.63659  1.000 32.90478 ? 126 GLY A CA  1 
ATOM   1011 C C   . GLY A 1 134 ? -16.38622 2.64170   -1.39084  1.000 37.80856 ? 126 GLY A C   1 
ATOM   1012 O O   . GLY A 1 134 ? -17.21735 2.86651   -2.26640  1.000 35.49269 ? 126 GLY A O   1 
ATOM   1013 N N   . ILE A 1 135 ? -16.70904 2.23493   -0.16286  1.000 38.00309 ? 127 ILE A N   1 
ATOM   1014 C CA  . ILE A 1 135 ? -18.08347 2.22261   0.33170   1.000 39.44974 ? 127 ILE A CA  1 
ATOM   1015 C C   . ILE A 1 135 ? -18.36726 3.60568   0.91069   1.000 40.85734 ? 127 ILE A C   1 
ATOM   1016 O O   . ILE A 1 135 ? -17.63014 4.08339   1.78287   1.000 38.95046 ? 127 ILE A O   1 
ATOM   1017 C CB  . ILE A 1 135 ? -18.28782 1.12872   1.39409   1.000 41.62298 ? 127 ILE A CB  1 
ATOM   1018 C CG1 . ILE A 1 135 ? -17.65612 -0.19661  0.94807   1.000 39.86735 ? 127 ILE A CG1 1 
ATOM   1019 C CG2 . ILE A 1 135 ? -19.77373 0.95367   1.71965   1.000 40.97322 ? 127 ILE A CG2 1 
ATOM   1020 C CD1 . ILE A 1 135 ? -18.58166 -1.09280  0.15672   1.000 40.72552 ? 127 ILE A CD1 1 
ATOM   1021 N N   . LEU A 1 136 ? -19.41573 4.26234   0.41116   1.000 40.14994 ? 128 LEU A N   1 
ATOM   1022 C CA  . LEU A 1 136 ? -19.84983 5.55443   0.94689   1.000 40.09694 ? 128 LEU A CA  1 
ATOM   1023 C C   . LEU A 1 136 ? -18.75756 6.61178   0.78904   1.000 38.41201 ? 128 LEU A C   1 
ATOM   1024 O O   . LEU A 1 136 ? -18.36519 7.28025   1.75011   1.000 41.63590 ? 128 LEU A O   1 
ATOM   1025 C CB  . LEU A 1 136 ? -20.27119 5.41213   2.41433   1.000 43.34407 ? 128 LEU A CB  1 
ATOM   1026 C CG  . LEU A 1 136 ? -21.71000 4.96984   2.69144   1.000 43.66233 ? 128 LEU A CG  1 
ATOM   1027 C CD1 . LEU A 1 136 ? -21.90562 4.61445   4.17198   1.000 41.55301 ? 128 LEU A CD1 1 
ATOM   1028 C CD2 . LEU A 1 136 ? -22.66583 6.08139   2.27468   1.000 44.56001 ? 128 LEU A CD2 1 
ATOM   1029 N N   . GLY A 1 137 ? -18.26637 6.75849   -0.43922  1.000 37.62616 ? 129 GLY A N   1 
ATOM   1030 C CA  . GLY A 1 137 ? -17.18437 7.67000   -0.75275  1.000 36.24990 ? 129 GLY A CA  1 
ATOM   1031 C C   . GLY A 1 137 ? -15.85434 6.94302   -0.89901  1.000 32.26708 ? 129 GLY A C   1 
ATOM   1032 O O   . GLY A 1 137 ? -15.68746 5.79760   -0.47784  1.000 33.49234 ? 129 GLY A O   1 
ATOM   1033 N N   . ASN A 1 138 ? -14.88248 7.62999   -1.51041  1.000 28.78473 ? 130 ASN A N   1 
ATOM   1034 C CA  . ASN A 1 138 ? -13.60796 6.99356   -1.85394  1.000 26.51606 ? 130 ASN A CA  1 
ATOM   1035 C C   . ASN A 1 138 ? -12.49441 7.23289   -0.84594  1.000 25.33865 ? 130 ASN A C   1 
ATOM   1036 O O   . ASN A 1 138 ? -11.42723 6.62240   -0.98780  1.000 22.47865 ? 130 ASN A O   1 
ATOM   1037 C CB  . ASN A 1 138 ? -13.11487 7.48117   -3.21888  1.000 27.99322 ? 130 ASN A CB  1 
ATOM   1038 C CG  . ASN A 1 138 ? -13.99927 7.02736   -4.34795  1.000 28.75223 ? 130 ASN A CG  1 
ATOM   1039 O OD1 . ASN A 1 138 ? -14.68697 6.00718   -4.25201  1.000 33.45827 ? 130 ASN A OD1 1 
ATOM   1040 N ND2 . ASN A 1 138 ? -13.99244 7.78774   -5.43320  1.000 33.24959 ? 130 ASN A ND2 1 
ATOM   1041 N N   . ALA A 1 139 ? -12.68961 8.10649   0.14303   1.000 22.81646 ? 131 ALA A N   1 
ATOM   1042 C CA  . ALA A 1 139 ? -11.64199 8.35029   1.12716   1.000 23.14352 ? 131 ALA A CA  1 
ATOM   1043 C C   . ALA A 1 139 ? -11.22827 7.04925   1.81448   1.000 18.54763 ? 131 ALA A C   1 
ATOM   1044 O O   . ALA A 1 139 ? -12.02347 6.11824   1.96624   1.000 21.25614 ? 131 ALA A O   1 
ATOM   1045 C CB  . ALA A 1 139 ? -12.11246 9.35175   2.18247   1.000 26.21511 ? 131 ALA A CB  1 
ATOM   1046 N N   . ILE A 1 140 ? -9.95693  6.98620   2.21169   1.000 20.62693 ? 132 ILE A N   1 
ATOM   1047 C CA  . ILE A 1 140 ? -9.49046  5.88376   3.05059   1.000 17.07515 ? 132 ILE A CA  1 
ATOM   1048 C C   . ILE A 1 140 ? -10.17519 5.98440   4.40779   1.000 20.03898 ? 132 ILE A C   1 
ATOM   1049 O O   . ILE A 1 140 ? -10.18258 7.05346   5.03141   1.000 20.97602 ? 132 ILE A O   1 
ATOM   1050 C CB  . ILE A 1 140 ? -7.96000  5.92411   3.20799   1.000 17.46968 ? 132 ILE A CB  1 
ATOM   1051 C CG1 . ILE A 1 140 ? -7.26038  6.00853   1.84077   1.000 16.58530 ? 132 ILE A CG1 1 
ATOM   1052 C CG2 . ILE A 1 140 ? -7.47248  4.71607   4.03026   1.000 17.11615 ? 132 ILE A CG2 1 
ATOM   1053 C CD1 . ILE A 1 140 ? -7.72056  4.97784   0.85745   1.000 18.30566 ? 132 ILE A CD1 1 
ATOM   1054 N N   . LYS A 1 141 ? -10.73872 4.87005   4.87981   1.000 19.92428 ? 133 LYS A N   1 
ATOM   1055 C CA  . LYS A 1 141 ? -11.58464 4.89822   6.06968   1.000 20.12119 ? 133 LYS A CA  1 
ATOM   1056 C C   . LYS A 1 141 ? -10.81219 4.65016   7.35813   1.000 21.81615 ? 133 LYS A C   1 
ATOM   1057 O O   . LYS A 1 141 ? -11.18453 5.18650   8.41209   1.000 20.67538 ? 133 LYS A O   1 
ATOM   1058 C CB  . LYS A 1 141 ? -12.70651 3.86316   5.94491   1.000 21.13500 ? 133 LYS A CB  1 
ATOM   1059 C CG  . LYS A 1 141 ? -13.60336 4.01620   4.72573   1.000 25.63007 ? 133 LYS A CG  1 
ATOM   1060 C CD  . LYS A 1 141 ? -14.23708 5.39189   4.68062   1.000 27.74237 ? 133 LYS A CD  1 
ATOM   1061 C CE  . LYS A 1 141 ? -15.15164 5.56371   3.46213   1.000 32.06559 ? 133 LYS A CE  1 
ATOM   1062 N NZ  . LYS A 1 141 ? -14.65730 4.91144   2.19486   1.000 31.22920 ? 133 LYS A NZ  1 
ATOM   1063 N N   . TRP A 1 142 ? -9.75566  3.84430   7.31442   1.000 18.53608 ? 134 TRP A N   1 
ATOM   1064 C CA  . TRP A 1 142 ? -8.93363  3.58403   8.49205   1.000 19.84021 ? 134 TRP A CA  1 
ATOM   1065 C C   . TRP A 1 142 ? -7.60223  3.01400   8.01142   1.000 19.97926 ? 134 TRP A C   1 
ATOM   1066 O O   . TRP A 1 142 ? -7.38149  2.81444   6.81111   1.000 18.00155 ? 134 TRP A O   1 
ATOM   1067 C CB  . TRP A 1 142 ? -9.62585  2.63157   9.48923   1.000 19.05559 ? 134 TRP A CB  1 
ATOM   1068 C CG  . TRP A 1 142 ? -9.13111  2.82233   10.90237  1.000 19.54739 ? 134 TRP A CG  1 
ATOM   1069 C CD1 . TRP A 1 142 ? -8.35062  1.96384   11.63608  1.000 20.53332 ? 134 TRP A CD1 1 
ATOM   1070 C CD2 . TRP A 1 142 ? -9.34600  3.97604   11.73106  1.000 21.09542 ? 134 TRP A CD2 1 
ATOM   1071 N NE1 . TRP A 1 142 ? -8.08310  2.51555   12.87710  1.000 21.54228 ? 134 TRP A NE1 1 
ATOM   1072 C CE2 . TRP A 1 142 ? -8.68329  3.74879   12.95275  1.000 21.37974 ? 134 TRP A CE2 1 
ATOM   1073 C CE3 . TRP A 1 142 ? -10.04332 5.17462   11.55407  1.000 20.45499 ? 134 TRP A CE3 1 
ATOM   1074 C CZ2 . TRP A 1 142 ? -8.69526  4.68122   13.99547  1.000 21.86868 ? 134 TRP A CZ2 1 
ATOM   1075 C CZ3 . TRP A 1 142 ? -10.05119 6.10187   12.58924  1.000 20.95834 ? 134 TRP A CZ3 1 
ATOM   1076 C CH2 . TRP A 1 142 ? -9.38203  5.84559   13.79377  1.000 22.88991 ? 134 TRP A CH2 1 
ATOM   1077 N N   . ASN A 1 143 ? -6.72101  2.74536   8.96636   1.000 19.58786 ? 135 ASN A N   1 
ATOM   1078 C CA  . ASN A 1 143 ? -5.50153  2.00658   8.67396   1.000 18.31903 ? 135 ASN A CA  1 
ATOM   1079 C C   . ASN A 1 143 ? -5.84036  0.66508   8.02819   1.000 17.60745 ? 135 ASN A C   1 
ATOM   1080 O O   . ASN A 1 143 ? -6.90408  0.08472   8.27421   1.000 19.36344 ? 135 ASN A O   1 
ATOM   1081 C CB  . ASN A 1 143 ? -4.69767  1.77111   9.96009   1.000 19.77571 ? 135 ASN A CB  1 
ATOM   1082 C CG  . ASN A 1 143 ? -4.51252  3.04289   10.76116  1.000 20.92417 ? 135 ASN A CG  1 
ATOM   1083 O OD1 . ASN A 1 143 ? -3.85257  3.96610   10.30570  1.000 20.79491 ? 135 ASN A OD1 1 
ATOM   1084 N ND2 . ASN A 1 143 ? -4.98934  3.04314   12.01869  1.000 22.84412 ? 135 ASN A ND2 1 
ATOM   1085 N N   . PHE A 1 144 ? -4.92690  0.19496   7.16800   1.000 17.37716 ? 136 PHE A N   1 
ATOM   1086 C CA  . PHE A 1 144 ? -4.97148  -1.14031  6.54045   1.000 16.20088 ? 136 PHE A CA  1 
ATOM   1087 C C   . PHE A 1 144 ? -6.07459  -1.28769  5.48737   1.000 17.83054 ? 136 PHE A C   1 
ATOM   1088 O O   . PHE A 1 144 ? -6.68962  -2.34618  5.33564   1.000 17.07194 ? 136 PHE A O   1 
ATOM   1089 C CB  . PHE A 1 144 ? -5.04074  -2.24194  7.60105   1.000 18.13724 ? 136 PHE A CB  1 
ATOM   1090 C CG  . PHE A 1 144 ? -3.83936  -2.24931  8.48693   1.000 19.90890 ? 136 PHE A CG  1 
ATOM   1091 C CD1 . PHE A 1 144 ? -2.63533  -2.74080  8.01075   1.000 20.20847 ? 136 PHE A CD1 1 
ATOM   1092 C CD2 . PHE A 1 144 ? -3.88772  -1.69934  9.77106   1.000 19.58293 ? 136 PHE A CD2 1 
ATOM   1093 C CE1 . PHE A 1 144 ? -1.49355  -2.73446  8.81276   1.000 21.10892 ? 136 PHE A CE1 1 
ATOM   1094 C CE2 . PHE A 1 144 ? -2.75308  -1.68760  10.58407  1.000 18.77165 ? 136 PHE A CE2 1 
ATOM   1095 C CZ  . PHE A 1 144 ? -1.54996  -2.19391  10.09368  1.000 19.42851 ? 136 PHE A CZ  1 
ATOM   1096 N N   . THR A 1 145 ? -6.29021  -0.24100  4.70261   1.000 16.17568 ? 137 THR A N   1 
ATOM   1097 C CA  . THR A 1 145 ? -6.92951  -0.44481  3.41235   1.000 16.51287 ? 137 THR A CA  1 
ATOM   1098 C C   . THR A 1 145 ? -5.90258  -1.05551  2.46590   1.000 16.46168 ? 137 THR A C   1 
ATOM   1099 O O   . THR A 1 145 ? -4.70717  -0.77874  2.57889   1.000 17.04708 ? 137 THR A O   1 
ATOM   1100 C CB  . THR A 1 145 ? -7.45973  0.89002   2.91115   1.000 18.11824 ? 137 THR A CB  1 
ATOM   1101 O OG1 . THR A 1 145 ? -8.32509  1.42031   3.93158   1.000 18.02534 ? 137 THR A OG1 1 
ATOM   1102 C CG2 . THR A 1 145 ? -8.21650  0.75265   1.59566   1.000 17.88767 ? 137 THR A CG2 1 
ATOM   1103 N N   . LYS A 1 146 ? -6.35997  -1.93825  1.57901   1.000 16.46955 ? 138 LYS A N   1 
ATOM   1104 C CA  . LYS A 1 146 ? -5.47957  -2.61707  0.62057   1.000 17.51586 ? 138 LYS A CA  1 
ATOM   1105 C C   . LYS A 1 146 ? -5.97630  -2.39276  -0.80285  1.000 17.92702 ? 138 LYS A C   1 
ATOM   1106 O O   . LYS A 1 146 ? -7.16639  -2.57345  -1.08697  1.000 19.88676 ? 138 LYS A O   1 
ATOM   1107 C CB  . LYS A 1 146 ? -5.37628  -4.12593  0.89163   1.000 17.61457 ? 138 LYS A CB  1 
ATOM   1108 C CG  . LYS A 1 146 ? -4.89562  -4.51218  2.28435   1.000 16.71062 ? 138 LYS A CG  1 
ATOM   1109 C CD  . LYS A 1 146 ? -6.09339  -4.79234  3.17812   1.000 20.92830 ? 138 LYS A CD  1 
ATOM   1110 C CE  . LYS A 1 146 ? -5.63957  -5.18016  4.54311   1.000 19.37664 ? 138 LYS A CE  1 
ATOM   1111 N NZ  . LYS A 1 146 ? -6.77970  -5.13475  5.51209   1.000 17.19968 ? 138 LYS A NZ  1 
ATOM   1112 N N   . PHE A 1 147 ? -5.06564  -2.01638  -1.70066  1.000 16.88132 ? 139 PHE A N   1 
ATOM   1113 C CA  . PHE A 1 147 ? -5.33537  -1.97928  -3.13471  1.000 17.84459 ? 139 PHE A CA  1 
ATOM   1114 C C   . PHE A 1 147 ? -4.51840  -3.07371  -3.80106  1.000 18.64900 ? 139 PHE A C   1 
ATOM   1115 O O   . PHE A 1 147 ? -3.30898  -3.16042  -3.57344  1.000 18.93838 ? 139 PHE A O   1 
ATOM   1116 C CB  . PHE A 1 147 ? -4.97840  -0.62344  -3.75376  1.000 18.97461 ? 139 PHE A CB  1 
ATOM   1117 C CG  . PHE A 1 147 ? -5.86214  0.49937   -3.29004  1.000 18.35411 ? 139 PHE A CG  1 
ATOM   1118 C CD1 . PHE A 1 147 ? -5.56870  1.17701   -2.10902  1.000 18.63033 ? 139 PHE A CD1 1 
ATOM   1119 C CD2 . PHE A 1 147 ? -6.97724  0.86874   -4.03720  1.000 20.21800 ? 139 PHE A CD2 1 
ATOM   1120 C CE1 . PHE A 1 147 ? -6.39165  2.20953   -1.66794  1.000 19.76368 ? 139 PHE A CE1 1 
ATOM   1121 C CE2 . PHE A 1 147 ? -7.79524  1.89806   -3.61814  1.000 20.22593 ? 139 PHE A CE2 1 
ATOM   1122 C CZ  . PHE A 1 147 ? -7.49993  2.57560   -2.43454  1.000 17.65031 ? 139 PHE A CZ  1 
ATOM   1123 N N   . LEU A 1 148 ? -5.18266  -3.91983  -4.57938  1.000 16.95127 ? 140 LEU A N   1 
ATOM   1124 C CA  . LEU A 1 148 ? -4.49905  -4.91477  -5.40472  1.000 17.18830 ? 140 LEU A CA  1 
ATOM   1125 C C   . LEU A 1 148 ? -4.21445  -4.29949  -6.76886  1.000 19.44975 ? 140 LEU A C   1 
ATOM   1126 O O   . LEU A 1 148 ? -5.12436  -3.76668  -7.41406  1.000 18.36739 ? 140 LEU A O   1 
ATOM   1127 C CB  . LEU A 1 148 ? -5.34428  -6.18115  -5.54801  1.000 17.64108 ? 140 LEU A CB  1 
ATOM   1128 C CG  . LEU A 1 148 ? -4.70547  -7.35155  -6.32347  1.000 17.34077 ? 140 LEU A CG  1 
ATOM   1129 C CD1 . LEU A 1 148 ? -3.44158  -7.82441  -5.63661  1.000 19.81430 ? 140 LEU A CD1 1 
ATOM   1130 C CD2 . LEU A 1 148 ? -5.69570  -8.52224  -6.47509  1.000 20.10892 ? 140 LEU A CD2 1 
ATOM   1131 N N   . ILE A 1 149 ? -2.94769  -4.36895  -7.18650  1.000 20.03778 ? 141 ILE A N   1 
ATOM   1132 C CA  . ILE A 1 149 ? -2.42103  -3.74334  -8.39661  1.000 18.80995 ? 141 ILE A CA  1 
ATOM   1133 C C   . ILE A 1 149 ? -1.92517  -4.86329  -9.30668  1.000 20.77335 ? 141 ILE A C   1 
ATOM   1134 O O   . ILE A 1 149 ? -1.16109  -5.72532  -8.85797  1.000 20.81193 ? 141 ILE A O   1 
ATOM   1135 C CB  . ILE A 1 149 ? -1.25698  -2.78899  -8.06433  1.000 20.77048 ? 141 ILE A CB  1 
ATOM   1136 C CG1 . ILE A 1 149 ? -1.62573  -1.79265  -6.95556  1.000 21.40616 ? 141 ILE A CG1 1 
ATOM   1137 C CG2 . ILE A 1 149 ? -0.76922  -2.06616  -9.30649  1.000 21.85216 ? 141 ILE A CG2 1 
ATOM   1138 C CD1 . ILE A 1 149 ? -2.74270  -0.84776  -7.32495  1.000 21.20599 ? 141 ILE A CD1 1 
ATOM   1139 N N   . ASP A 1 150 ? -2.34842  -4.86083  -10.57052 1.000 22.27347 ? 142 ASP A N   1 
ATOM   1140 C CA  . ASP A 1 150 ? -1.92259  -5.94590  -11.44856 1.000 22.93726 ? 142 ASP A CA  1 
ATOM   1141 C C   . ASP A 1 150 ? -0.55127  -5.63700  -12.05257 1.000 23.92324 ? 142 ASP A C   1 
ATOM   1142 O O   . ASP A 1 150 ? 0.07331   -4.61305  -11.76378 1.000 22.63663 ? 142 ASP A O   1 
ATOM   1143 C CB  . ASP A 1 150 ? -2.97638  -6.23513  -12.52653 1.000 23.47510 ? 142 ASP A CB  1 
ATOM   1144 C CG  . ASP A 1 150 ? -3.10847  -5.12862  -13.58700 1.000 24.99992 ? 142 ASP A CG  1 
ATOM   1145 O OD1 . ASP A 1 150 ? -2.26132  -4.21523  -13.68552 1.000 24.61640 ? 142 ASP A OD1 1 
ATOM   1146 O OD2 . ASP A 1 150 ? -4.09396  -5.18309  -14.36104 1.000 27.51797 ? 142 ASP A OD2 1 
ATOM   1147 N N   . LYS A 1 151 ? -0.08774  -6.54471  -12.92163 1.000 24.21405 ? 143 LYS A N   1 
ATOM   1148 C CA  . LYS A 1 151 ? 1.25463   -6.43981  -13.48007 1.000 26.18050 ? 143 LYS A CA  1 
ATOM   1149 C C   . LYS A 1 151 ? 1.44546   -5.18883  -14.32851 1.000 26.35622 ? 143 LYS A C   1 
ATOM   1150 O O   . LYS A 1 151 ? 2.59299   -4.77047  -14.54290 1.000 27.67681 ? 143 LYS A O   1 
ATOM   1151 C CB  . LYS A 1 151 ? 1.55435   -7.69406  -14.30069 1.000 25.19080 ? 143 LYS A CB  1 
ATOM   1152 C CG  . LYS A 1 151 ? 0.78648   -7.77410  -15.60209 1.000 27.07945 ? 143 LYS A CG  1 
ATOM   1153 C CD  . LYS A 1 151 ? 1.34055   -8.87165  -16.48688 1.000 29.82107 ? 143 LYS A CD  1 
ATOM   1154 C CE  . LYS A 1 151 ? 0.21606   -9.52067  -17.25976 1.000 34.79176 ? 143 LYS A CE  1 
ATOM   1155 N NZ  . LYS A 1 151 ? 0.55198   -9.64433  -18.69916 1.000 35.74086 ? 143 LYS A NZ  1 
ATOM   1156 N N   . ASN A 1 152 ? 0.35702   -4.58392  -14.81820 1.000 25.71260 ? 144 ASN A N   1 
ATOM   1157 C CA  . ASN A 1 152 ? 0.42941   -3.35047  -15.59420 1.000 25.45506 ? 144 ASN A CA  1 
ATOM   1158 C C   . ASN A 1 152 ? 0.27307   -2.09190  -14.75486 1.000 26.87782 ? 144 ASN A C   1 
ATOM   1159 O O   . ASN A 1 152 ? 0.24406   -0.98880  -15.31945 1.000 26.88569 ? 144 ASN A O   1 
ATOM   1160 C CB  . ASN A 1 152 ? -0.63569  -3.34365  -16.69448 1.000 27.15799 ? 144 ASN A CB  1 
ATOM   1161 C CG  . ASN A 1 152 ? -0.45123  -4.47038  -17.68398 1.000 30.26406 ? 144 ASN A CG  1 
ATOM   1162 O OD1 . ASN A 1 152 ? -1.37184  -5.24409  -17.94776 1.000 31.09196 ? 144 ASN A OD1 1 
ATOM   1163 N ND2 . ASN A 1 152 ? 0.76029   -4.59677  -18.20224 1.000 31.24721 ? 144 ASN A ND2 1 
ATOM   1164 N N   . GLY A 1 153 ? 0.18787   -2.21762  -13.43383 1.000 24.46832 ? 145 GLY A N   1 
ATOM   1165 C CA  . GLY A 1 153 ? 0.03948   -1.05482  -12.58596 1.000 24.92103 ? 145 GLY A CA  1 
ATOM   1166 C C   . GLY A 1 153 ? -1.37533  -0.55647  -12.41005 1.000 22.57069 ? 145 GLY A C   1 
ATOM   1167 O O   . GLY A 1 153 ? -1.56069  0.52784   -11.84811 1.000 22.89664 ? 145 GLY A O   1 
ATOM   1168 N N   . CYS A 1 154 ? -2.37560  -1.31602  -12.84160 1.000 23.79893 ? 146 CYS A N   1 
ATOM   1169 C CA  . CYS A 1 154 ? -3.77138  -0.91995  -12.69237 1.000 23.11723 ? 146 CYS A CA  1 
ATOM   1170 C C   . CYS A 1 154 ? -4.35974  -1.45111  -11.39238 1.000 20.96647 ? 146 CYS A C   1 
ATOM   1171 O O   . CYS A 1 154 ? -4.04747  -2.56491  -10.96451 1.000 21.40136 ? 146 CYS A O   1 
ATOM   1172 C CB  . CYS A 1 154 ? -4.60744  -1.42818  -13.86460 1.000 26.42671 ? 146 CYS A CB  1 
ATOM   1173 S SG  . CYS A 1 154 ? -3.92987  -0.99409  -15.49138 1.000 31.50683 ? 146 CYS A SG  1 
ATOM   1174 N N   . VAL A 1 155 ? -5.22851  -0.64812  -10.77425 1.000 21.18588 ? 147 VAL A N   1 
ATOM   1175 C CA  . VAL A 1 155 ? -5.98700  -1.09746  -9.60667  1.000 20.17363 ? 147 VAL A CA  1 
ATOM   1176 C C   . VAL A 1 155 ? -7.03296  -2.10519  -10.06203 1.000 21.78594 ? 147 VAL A C   1 
ATOM   1177 O O   . VAL A 1 155 ? -7.85381  -1.81209  -10.93974 1.000 22.20300 ? 147 VAL A O   1 
ATOM   1178 C CB  . VAL A 1 155 ? -6.65421  0.09063   -8.90062  1.000 19.57803 ? 147 VAL A CB  1 
ATOM   1179 C CG1 . VAL A 1 155 ? -7.54495  -0.40102  -7.76554  1.000 22.18317 ? 147 VAL A CG1 1 
ATOM   1180 C CG2 . VAL A 1 155 ? -5.62253  1.07710   -8.39912  1.000 19.36048 ? 147 VAL A CG2 1 
ATOM   1181 N N   . VAL A 1 156 ? -7.02448  -3.29434  -9.46717  1.000 19.50724 ? 148 VAL A N   1 
ATOM   1182 C CA  . VAL A 1 156 ? -8.01036  -4.30364  -9.81777  1.000 20.56465 ? 148 VAL A CA  1 
ATOM   1183 C C   . VAL A 1 156 ? -8.97223  -4.61863  -8.67878  1.000 23.56271 ? 148 VAL A C   1 
ATOM   1184 O O   . VAL A 1 156 ? -10.04000 -5.19270  -8.94009  1.000 23.46728 ? 148 VAL A O   1 
ATOM   1185 C CB  . VAL A 1 156 ? -7.34586  -5.59945  -10.33309 1.000 24.89544 ? 148 VAL A CB  1 
ATOM   1186 C CG1 . VAL A 1 156 ? -6.65465  -5.34443  -11.67677 1.000 24.49895 ? 148 VAL A CG1 1 
ATOM   1187 C CG2 . VAL A 1 156 ? -6.36721  -6.15473  -9.30976  1.000 21.65316 ? 148 VAL A CG2 1 
ATOM   1188 N N   . LYS A 1 157 ? -8.64577  -4.26339  -7.43688  1.000 21.04249 ? 149 LYS A N   1 
ATOM   1189 C CA  . LYS A 1 157 ? -9.56502  -4.48650  -6.32914  1.000 21.00826 ? 149 LYS A CA  1 
ATOM   1190 C C   . LYS A 1 157 ? -9.10686  -3.63699  -5.14952  1.000 21.40876 ? 149 LYS A C   1 
ATOM   1191 O O   . LYS A 1 157 ? -7.93240  -3.26691  -5.04907  1.000 18.94746 ? 149 LYS A O   1 
ATOM   1192 C CB  . LYS A 1 157 ? -9.63825  -5.97265  -5.93667  1.000 21.21196 ? 149 LYS A CB  1 
ATOM   1193 C CG  . LYS A 1 157 ? -10.86777 -6.35593  -5.10214  1.000 24.45695 ? 149 LYS A CG  1 
ATOM   1194 C CD  . LYS A 1 157 ? -11.22323 -7.81645  -5.31303  1.000 26.00200 ? 149 LYS A CD  1 
ATOM   1195 C CE  . LYS A 1 157 ? -12.32009 -8.25365  -4.37622  1.000 28.88444 ? 149 LYS A CE  1 
ATOM   1196 N NZ  . LYS A 1 157 ? -12.64695 -9.67808  -4.58013  1.000 29.54354 ? 149 LYS A NZ  1 
ATOM   1197 N N   . ARG A 1 158 ? -10.06770 -3.29882  -4.29064  1.000 21.49969 ? 150 ARG A N   1 
ATOM   1198 C CA  . ARG A 1 158 ? -9.84490  -2.56024  -3.05429  1.000 19.31721 ? 150 ARG A CA  1 
ATOM   1199 C C   . ARG A 1 158 ? -10.47481 -3.35715  -1.92640  1.000 20.51681 ? 150 ARG A C   1 
ATOM   1200 O O   . ARG A 1 158 ? -11.59653 -3.84509  -2.07134  1.000 21.59822 ? 150 ARG A O   1 
ATOM   1201 C CB  . ARG A 1 158 ? -10.46679 -1.16384  -3.13622  1.000 19.63310 ? 150 ARG A CB  1 
ATOM   1202 C CG  . ARG A 1 158 ? -10.46976 -0.38482  -1.82828  1.000 21.29887 ? 150 ARG A CG  1 
ATOM   1203 C CD  . ARG A 1 158 ? -10.94221 1.04740   -2.08532  1.000 21.08487 ? 150 ARG A CD  1 
ATOM   1204 N NE  . ARG A 1 158 ? -11.09199 1.80135   -0.84560  1.000 21.79803 ? 150 ARG A NE  1 
ATOM   1205 C CZ  . ARG A 1 158 ? -11.18952 3.12370   -0.76717  1.000 22.01172 ? 150 ARG A CZ  1 
ATOM   1206 N NH1 . ARG A 1 158 ? -11.18433 3.89134   -1.85251  1.000 20.79160 ? 150 ARG A NH1 1 
ATOM   1207 N NH2 . ARG A 1 158 ? -11.27990 3.69486   0.43270   1.000 20.67597 ? 150 ARG A NH2 1 
ATOM   1208 N N   . TYR A 1 159 ? -9.74956  -3.50266  -0.81791  1.000 19.92341 ? 151 TYR A N   1 
ATOM   1209 C CA  . TYR A 1 159 ? -10.21670 -4.21938  0.36138   1.000 19.50237 ? 151 TYR A CA  1 
ATOM   1210 C C   . TYR A 1 159 ? -10.15916 -3.28424  1.55910   1.000 19.75280 ? 151 TYR A C   1 
ATOM   1211 O O   . TYR A 1 159 ? -9.15799  -2.58888  1.76741   1.000 18.42180 ? 151 TYR A O   1 
ATOM   1212 C CB  . TYR A 1 159 ? -9.34677  -5.45419  0.65798   1.000 18.80225 ? 151 TYR A CB  1 
ATOM   1213 C CG  . TYR A 1 159 ? -9.13526  -6.39408  -0.51760  1.000 19.86284 ? 151 TYR A CG  1 
ATOM   1214 C CD1 . TYR A 1 159 ? -8.18240  -6.10946  -1.49736  1.000 18.73082 ? 151 TYR A CD1 1 
ATOM   1215 C CD2 . TYR A 1 159 ? -9.87024  -7.56435  -0.63704  1.000 20.04680 ? 151 TYR A CD2 1 
ATOM   1216 C CE1 . TYR A 1 159 ? -7.97542  -6.99407  -2.56687  1.000 20.78911 ? 151 TYR A CE1 1 
ATOM   1217 C CE2 . TYR A 1 159 ? -9.66884  -8.44309  -1.69646  1.000 23.60505 ? 151 TYR A CE2 1 
ATOM   1218 C CZ  . TYR A 1 159 ? -8.72309  -8.13683  -2.66327  1.000 22.77587 ? 151 TYR A CZ  1 
ATOM   1219 O OH  . TYR A 1 159 ? -8.51729  -9.00728  -3.72521  1.000 24.17571 ? 151 TYR A OH  1 
ATOM   1220 N N   . GLY A 1 160 ? -11.19516 -3.31483  2.38984   1.000 21.43090 ? 152 GLY A N   1 
ATOM   1221 C CA  . GLY A 1 160 ? -11.27793 -2.38735  3.50289   1.000 20.80256 ? 152 GLY A CA  1 
ATOM   1222 C C   . GLY A 1 160 ? -10.45798 -2.80567  4.70797   1.000 19.73439 ? 152 GLY A C   1 
ATOM   1223 O O   . GLY A 1 160 ? -9.87814  -3.91273  4.78489   1.000 19.34099 ? 152 GLY A O   1 
ATOM   1224 N N   . PRO A 1 161 ? -10.39346 -1.90029  5.69295   1.000 18.16442 ? 153 PRO A N   1 
ATOM   1225 C CA  . PRO A 1 161 ? -9.62787  -2.18215  6.91759   1.000 18.74468 ? 153 PRO A CA  1 
ATOM   1226 C C   . PRO A 1 161 ? -9.99135  -3.48098  7.60143   1.000 19.86627 ? 153 PRO A C   1 
ATOM   1227 O O   . PRO A 1 161 ? -9.12517  -4.08469  8.23992   1.000 20.74546 ? 153 PRO A O   1 
ATOM   1228 C CB  . PRO A 1 161 ? -9.96147  -0.97586  7.81075   1.000 18.20068 ? 153 PRO A CB  1 
ATOM   1229 C CG  . PRO A 1 161 ? -10.18164 0.13717   6.81551   1.000 18.25058 ? 153 PRO A CG  1 
ATOM   1230 C CD  . PRO A 1 161 ? -10.92154 -0.52162  5.67170   1.000 19.86312 ? 153 PRO A CD  1 
ATOM   1231 N N   . MET A 1 162 ? -11.23797 -3.93016  7.50519   1.000 19.81041 ? 154 MET A N   1 
ATOM   1232 C CA  . MET A 1 162 ? -11.65962 -5.13028  8.21115   1.000 21.91831 ? 154 MET A CA  1 
ATOM   1233 C C   . MET A 1 162 ? -11.43233 -6.40143  7.41173   1.000 22.59329 ? 154 MET A C   1 
ATOM   1234 O O   . MET A 1 162 ? -11.71243 -7.48913  7.92330   1.000 25.14312 ? 154 MET A O   1 
ATOM   1235 C CB  . MET A 1 162 ? -13.13866 -5.04601  8.58381   1.000 21.10071 ? 154 MET A CB  1 
ATOM   1236 C CG  . MET A 1 162 ? -13.43783 -4.12251  9.76836   1.000 24.97067 ? 154 MET A CG  1 
ATOM   1237 S SD  . MET A 1 162 ? -12.53278 -4.55469  11.26203  1.000 26.13539 ? 154 MET A SD  1 
ATOM   1238 C CE  . MET A 1 162 ? -13.25465 -6.15429  11.63962  1.000 27.84204 ? 154 MET A CE  1 
ATOM   1239 N N   . GLU A 1 163 ? -10.95060 -6.29611  6.17274   1.000 20.00450 ? 155 GLU A N   1 
ATOM   1240 C CA  . GLU A 1 163 ? -10.72295 -7.46433  5.33075   1.000 21.53816 ? 155 GLU A CA  1 
ATOM   1241 C C   . GLU A 1 163 ? -9.27603  -7.91325  5.54403   1.000 21.95916 ? 155 GLU A C   1 
ATOM   1242 O O   . GLU A 1 163 ? -8.34419  -7.21436  5.13092   1.000 20.59139 ? 155 GLU A O   1 
ATOM   1243 C CB  . GLU A 1 163 ? -11.00214 -7.11127  3.87434   1.000 22.88312 ? 155 GLU A CB  1 
ATOM   1244 C CG  . GLU A 1 163 ? -12.46760 -6.74272  3.63601   1.000 24.12337 ? 155 GLU A CG  1 
ATOM   1245 C CD  . GLU A 1 163 ? -12.83800 -6.63184  2.16608   1.000 27.58484 ? 155 GLU A CD  1 
ATOM   1246 O OE1 . GLU A 1 163 ? -13.12362 -5.49996  1.70385   1.000 28.84658 ? 155 GLU A OE1 1 
ATOM   1247 O OE2 . GLU A 1 163 ? -12.88866 -7.68287  1.48873   1.000 33.66211 ? 155 GLU A OE2 1 
ATOM   1248 N N   . GLU A 1 164 ? -9.09290  -9.06776  6.20452   1.000 20.83224 ? 156 GLU A N   1 
ATOM   1249 C CA  . GLU A 1 164 ? -7.76907  -9.56153  6.53736   1.000 21.87598 ? 156 GLU A CA  1 
ATOM   1250 C C   . GLU A 1 164 ? -7.01241  -9.88701  5.24769   1.000 20.27382 ? 156 GLU A C   1 
ATOM   1251 O O   . GLU A 1 164 ? -7.62121  -10.29116 4.25460   1.000 21.41554 ? 156 GLU A O   1 
ATOM   1252 C CB  . GLU A 1 164 ? -7.88285  -10.82235 7.40385   1.000 23.11668 ? 156 GLU A CB  1 
ATOM   1253 C CG  . GLU A 1 164 ? -8.40075  -10.53192 8.78999   1.000 27.41898 ? 156 GLU A CG  1 
ATOM   1254 C CD  . GLU A 1 164 ? -8.47631  -11.77057 9.64445   1.000 32.17948 ? 156 GLU A CD  1 
ATOM   1255 O OE1 . GLU A 1 164 ? -8.76963  -11.61585 10.85731  1.000 38.18387 ? 156 GLU A OE1 1 
ATOM   1256 O OE2 . GLU A 1 164 ? -8.21432  -12.87707 9.11350   1.000 32.37538 ? 156 GLU A OE2 1 
ATOM   1257 N N   . PRO A 1 165 ? -5.68811  -9.70321  5.22895   1.000 20.27913 ? 157 PRO A N   1 
ATOM   1258 C CA  . PRO A 1 165 ? -4.94552  -9.96770  3.98436   1.000 20.66213 ? 157 PRO A CA  1 
ATOM   1259 C C   . PRO A 1 165 ? -5.19187  -11.35255 3.39999   1.000 21.88068 ? 157 PRO A C   1 
ATOM   1260 O O   . PRO A 1 165 ? -5.19375  -11.49122 2.17097   1.000 20.87268 ? 157 PRO A O   1 
ATOM   1261 C CB  . PRO A 1 165 ? -3.48438  -9.74921  4.39766   1.000 18.45326 ? 157 PRO A CB  1 
ATOM   1262 C CG  . PRO A 1 165 ? -3.57069  -8.72982  5.50538   1.000 20.54278 ? 157 PRO A CG  1 
ATOM   1263 C CD  . PRO A 1 165 ? -4.84394  -9.06857  6.25588   1.000 19.33324 ? 157 PRO A CD  1 
ATOM   1264 N N   . LEU A 1 166 ? -5.46514  -12.36936 4.22367   1.000 22.35021 ? 158 LEU A N   1 
ATOM   1265 C CA  . LEU A 1 166 ? -5.72429  -13.70130 3.67764   1.000 24.43423 ? 158 LEU A CA  1 
ATOM   1266 C C   . LEU A 1 166 ? -6.97292  -13.74188 2.79544   1.000 23.74582 ? 158 LEU A C   1 
ATOM   1267 O O   . LEU A 1 166 ? -7.07567  -14.62408 1.93712   1.000 25.04395 ? 158 LEU A O   1 
ATOM   1268 C CB  . LEU A 1 166 ? -5.82241  -14.72719 4.81943   1.000 25.10868 ? 158 LEU A CB  1 
ATOM   1269 C CG  . LEU A 1 166 ? -4.48590  -15.08811 5.48411   1.000 26.44203 ? 158 LEU A CG  1 
ATOM   1270 C CD1 . LEU A 1 166 ? -4.63421  -16.22094 6.49230   1.000 27.64698 ? 158 LEU A CD1 1 
ATOM   1271 C CD2 . LEU A 1 166 ? -3.42757  -15.45443 4.45500   1.000 27.34512 ? 158 LEU A CD2 1 
ATOM   1272 N N   . VAL A 1 167 ? -7.90732  -12.79378 2.95059   1.000 23.49784 ? 159 VAL A N   1 
ATOM   1273 C CA  . VAL A 1 167 ? -9.04524  -12.69280 2.02840   1.000 24.17059 ? 159 VAL A CA  1 
ATOM   1274 C C   . VAL A 1 167 ? -8.58064  -12.42514 0.60070   1.000 23.31259 ? 159 VAL A C   1 
ATOM   1275 O O   . VAL A 1 167 ? -9.24086  -12.83221 -0.36851  1.000 25.00862 ? 159 VAL A O   1 
ATOM   1276 C CB  . VAL A 1 167 ? -10.01955 -11.59713 2.52485   1.000 25.09173 ? 159 VAL A CB  1 
ATOM   1277 C CG1 . VAL A 1 167 ? -11.10661 -11.31011 1.51465   1.000 31.49886 ? 159 VAL A CG1 1 
ATOM   1278 C CG2 . VAL A 1 167 ? -10.61916 -12.02296 3.85028   1.000 26.14796 ? 159 VAL A CG2 1 
ATOM   1279 N N   . ILE A 1 168 ? -7.44716  -11.73532 0.44757   1.000 22.33026 ? 160 ILE A N   1 
ATOM   1280 C CA  . ILE A 1 168 ? -6.90925  -11.38827 -0.86472  1.000 22.08663 ? 160 ILE A CA  1 
ATOM   1281 C C   . ILE A 1 168 ? -6.36213  -12.62228 -1.56339  1.000 22.55284 ? 160 ILE A C   1 
ATOM   1282 O O   . ILE A 1 168 ? -6.31624  -12.67279 -2.80194  1.000 22.88291 ? 160 ILE A O   1 
ATOM   1283 C CB  . ILE A 1 168 ? -5.82718  -10.30418 -0.70117  1.000 20.57381 ? 160 ILE A CB  1 
ATOM   1284 C CG1 . ILE A 1 168 ? -6.38994  -9.10587  0.07307   1.000 19.84746 ? 160 ILE A CG1 1 
ATOM   1285 C CG2 . ILE A 1 168 ? -5.25453  -9.86003  -2.04404  1.000 20.26184 ? 160 ILE A CG2 1 
ATOM   1286 C CD1 . ILE A 1 168 ? -5.34081  -8.06252  0.42803   1.000 20.55866 ? 160 ILE A CD1 1 
ATOM   1287 N N   . GLU A 1 169 ? -5.97248  -13.64124 -0.79210  1.000 22.41401 ? 161 GLU A N   1 
ATOM   1288 C CA  . GLU A 1 169 ? -5.23176  -14.76860 -1.35651  1.000 23.49495 ? 161 GLU A CA  1 
ATOM   1289 C C   . GLU A 1 169 ? -6.00207  -15.44322 -2.49030  1.000 24.88298 ? 161 GLU A C   1 
ATOM   1290 O O   . GLU A 1 169 ? -5.42067  -15.77486 -3.52825  1.000 25.81951 ? 161 GLU A O   1 
ATOM   1291 C CB  . GLU A 1 169 ? -4.89327  -15.77975 -0.25914  1.000 25.67301 ? 161 GLU A CB  1 
ATOM   1292 C CG  . GLU A 1 169 ? -4.17730  -17.02332 -0.79014  1.000 25.76185 ? 161 GLU A CG  1 
ATOM   1293 C CD  . GLU A 1 169 ? -3.46428  -17.81431 0.28636   1.000 27.92105 ? 161 GLU A CD  1 
ATOM   1294 O OE1 . GLU A 1 169 ? -3.80075  -17.65303 1.47826   1.000 29.68829 ? 161 GLU A OE1 1 
ATOM   1295 O OE2 . GLU A 1 169 ? -2.59707  -18.63908 -0.07112  1.000 29.76174 ? 161 GLU A OE2 1 
ATOM   1296 N N   . LYS A 1 170 ? -7.31427  -15.62896 -2.32922  1.000 24.82262 ? 162 LYS A N   1 
ATOM   1297 C CA  . LYS A 1 170 ? -8.09419  -16.29524 -3.36669  1.000 28.38250 ? 162 LYS A CA  1 
ATOM   1298 C C   . LYS A 1 170 ? -8.14404  -15.51114 -4.67336  1.000 27.83690 ? 162 LYS A C   1 
ATOM   1299 O O   . LYS A 1 170 ? -8.40727  -16.10877 -5.72344  1.000 28.24012 ? 162 LYS A O   1 
ATOM   1300 C CB  . LYS A 1 170 ? -9.51278  -16.55686 -2.86654  1.000 30.12885 ? 162 LYS A CB  1 
ATOM   1301 C CG  . LYS A 1 170 ? -10.43372 -15.35419 -2.96486  1.000 30.85601 ? 162 LYS A CG  1 
ATOM   1302 C CD  . LYS A 1 170 ? -11.85706 -15.74060 -2.57536  1.000 34.17862 ? 162 LYS A CD  1 
ATOM   1303 C CE  . LYS A 1 170 ? -11.88523 -16.31245 -1.17309  1.000 34.63097 ? 162 LYS A CE  1 
ATOM   1304 N NZ  . LYS A 1 170 ? -11.51809 -15.28619 -0.15125  1.000 35.47396 ? 162 LYS A NZ  1 
ATOM   1305 N N   . ASP A 1 171 ? -7.89453  -14.20211 -4.63565  1.000 24.79463 ? 163 ASP A N   1 
ATOM   1306 C CA  . ASP A 1 171 ? -7.91431  -13.35897 -5.82175  1.000 26.01747 ? 163 ASP A CA  1 
ATOM   1307 C C   . ASP A 1 171 ? -6.56038  -13.27123 -6.51693  1.000 25.94326 ? 163 ASP A C   1 
ATOM   1308 O O   . ASP A 1 171 ? -6.48161  -12.73317 -7.62626  1.000 24.83658 ? 163 ASP A O   1 
ATOM   1309 C CB  . ASP A 1 171 ? -8.37001  -11.93318 -5.46127  1.000 26.30493 ? 163 ASP A CB  1 
ATOM   1310 C CG  . ASP A 1 171 ? -9.78591  -11.87867 -4.91357  1.000 29.58719 ? 163 ASP A CG  1 
ATOM   1311 O OD1 . ASP A 1 171 ? -10.61235 -12.74407 -5.29419  1.000 28.69426 ? 163 ASP A OD1 1 
ATOM   1312 O OD2 . ASP A 1 171 ? -10.07299 -10.94634 -4.11803  1.000 28.23238 ? 163 ASP A OD2 1 
ATOM   1313 N N   . LEU A 1 172 ? -5.49489  -13.75664 -5.88534  1.000 22.67305 ? 164 LEU A N   1 
ATOM   1314 C CA  . LEU A 1 172 ? -4.15178  -13.56119 -6.42571  1.000 23.35614 ? 164 LEU A CA  1 
ATOM   1315 C C   . LEU A 1 172 ? -3.85543  -14.41954 -7.65651  1.000 25.89572 ? 164 LEU A C   1 
ATOM   1316 O O   . LEU A 1 172 ? -3.24700  -13.90391 -8.60358  1.000 24.17246 ? 164 LEU A O   1 
ATOM   1317 C CB  . LEU A 1 172 ? -3.09117  -13.84129 -5.35408  1.000 24.25894 ? 164 LEU A CB  1 
ATOM   1318 C CG  . LEU A 1 172 ? -3.03312  -12.86111 -4.18842  1.000 21.56475 ? 164 LEU A CG  1 
ATOM   1319 C CD1 . LEU A 1 172 ? -1.93005  -13.27916 -3.19250  1.000 20.15423 ? 164 LEU A CD1 1 
ATOM   1320 C CD2 . LEU A 1 172 ? -2.80535  -11.44296 -4.69569  1.000 21.70648 ? 164 LEU A CD2 1 
ATOM   1321 N N   . PRO A 1 173 ? -4.21051  -15.71978 -7.67970  1.000 25.86025 ? 165 PRO A N   1 
ATOM   1322 C CA  . PRO A 1 173 ? -3.76773  -16.56484 -8.80461  1.000 26.54396 ? 165 PRO A CA  1 
ATOM   1323 C C   . PRO A 1 173 ? -4.11785  -16.00996 -10.16131 1.000 27.68521 ? 165 PRO A C   1 
ATOM   1324 O O   . PRO A 1 173 ? -3.33171  -16.15090 -11.10775 1.000 28.49613 ? 165 PRO A O   1 
ATOM   1325 C CB  . PRO A 1 173 ? -4.48327  -17.89496 -8.54395  1.000 26.22400 ? 165 PRO A CB  1 
ATOM   1326 C CG  . PRO A 1 173 ? -4.61331  -17.95931 -7.07443  1.000 27.26381 ? 165 PRO A CG  1 
ATOM   1327 C CD  . PRO A 1 173 ? -4.92466  -16.52847 -6.66986  1.000 27.28995 ? 165 PRO A CD  1 
ATOM   1328 N N   . HIS A 1 174 ? -5.27324  -15.35108 -10.28514 1.000 27.42526 ? 166 HIS A N   1 
ATOM   1329 C CA  . HIS A 1 174 ? -5.69152  -14.82219 -11.57288 1.000 28.69992 ? 166 HIS A CA  1 
ATOM   1330 C C   . HIS A 1 174 ? -4.68402  -13.82698 -12.13825 1.000 30.46256 ? 166 HIS A C   1 
ATOM   1331 O O   . HIS A 1 174 ? -4.57270  -13.68258 -13.36170 1.000 32.34437 ? 166 HIS A O   1 
ATOM   1332 C CB  . HIS A 1 174 ? -7.06947  -14.18058 -11.42692 1.000 30.52547 ? 166 HIS A CB  1 
ATOM   1333 C CG  . HIS A 1 174 ? -7.58190  -13.56738 -12.68697 1.000 32.75803 ? 166 HIS A CG  1 
ATOM   1334 N ND1 . HIS A 1 174 ? -8.03078  -14.32252 -13.75057 1.000 35.71209 ? 166 HIS A ND1 1 
ATOM   1335 C CD2 . HIS A 1 174 ? -7.71493  -12.27332 -13.05774 1.000 34.78323 ? 166 HIS A CD2 1 
ATOM   1336 C CE1 . HIS A 1 174 ? -8.41822  -13.51663 -14.72307 1.000 36.64414 ? 166 HIS A CE1 1 
ATOM   1337 N NE2 . HIS A 1 174 ? -8.23854  -12.26793 -14.32717 1.000 37.06497 ? 166 HIS A NE2 1 
ATOM   1338 N N   . TYR A 1 175 ? -3.92503  -13.15828 -11.27839 1.000 25.11350 ? 167 TYR A N   1 
ATOM   1339 C CA  . TYR A 1 175 ? -2.99805  -12.11931 -11.70143 1.000 25.30991 ? 167 TYR A CA  1 
ATOM   1340 C C   . TYR A 1 175 ? -1.54880  -12.59440 -11.77963 1.000 25.72573 ? 167 TYR A C   1 
ATOM   1341 O O   . TYR A 1 175 ? -0.68106  -11.81941 -12.19712 1.000 24.91324 ? 167 TYR A O   1 
ATOM   1342 C CB  . TYR A 1 175 ? -3.11761  -10.91661 -10.76133 1.000 24.90305 ? 167 TYR A CB  1 
ATOM   1343 C CG  . TYR A 1 175 ? -4.51653  -10.33680 -10.82166 1.000 25.67558 ? 167 TYR A CG  1 
ATOM   1344 C CD1 . TYR A 1 175 ? -4.92679  -9.58370  -11.91637 1.000 27.95700 ? 167 TYR A CD1 1 
ATOM   1345 C CD2 . TYR A 1 175 ? -5.44315  -10.60888 -9.82036  1.000 26.68745 ? 167 TYR A CD2 1 
ATOM   1346 C CE1 . TYR A 1 175 ? -6.21645  -9.08426  -11.99174 1.000 28.44473 ? 167 TYR A CE1 1 
ATOM   1347 C CE2 . TYR A 1 175 ? -6.73116  -10.11439 -9.88744  1.000 28.17059 ? 167 TYR A CE2 1 
ATOM   1348 C CZ  . TYR A 1 175 ? -7.11002  -9.35488  -10.97674 1.000 28.69991 ? 167 TYR A CZ  1 
ATOM   1349 O OH  . TYR A 1 175 ? -8.39194  -8.86293  -11.05469 1.000 33.44462 ? 167 TYR A OH  1 
ATOM   1350 N N   . PHE A 1 176 ? -1.27242  -13.83684 -11.39527 1.000 25.60469 ? 168 PHE A N   1 
ATOM   1351 C CA  . PHE A 1 176 ? 0.07100   -14.41243 -11.48871 1.000 25.00766 ? 168 PHE A CA  1 
ATOM   1352 C C   . PHE A 1 176 ? 0.30515   -15.03578 -12.86135 1.000 28.34317 ? 168 PHE A C   1 
ATOM   1353 O O   . PHE A 1 176 ? -0.64243  -15.47281 -13.53078 1.000 29.35204 ? 168 PHE A O   1 
ATOM   1354 C CB  . PHE A 1 176 ? 0.28063   -15.49191 -10.42728 1.000 23.91918 ? 168 PHE A CB  1 
ATOM   1355 C CG  . PHE A 1 176 ? 0.38550   -14.97780 -9.02691  1.000 24.03783 ? 168 PHE A CG  1 
ATOM   1356 C CD1 . PHE A 1 176 ? 0.91582   -13.72283 -8.75257  1.000 24.36063 ? 168 PHE A CD1 1 
ATOM   1357 C CD2 . PHE A 1 176 ? -0.03072  -15.77632 -7.97365  1.000 24.86557 ? 168 PHE A CD2 1 
ATOM   1358 C CE1 . PHE A 1 176 ? 1.02521   -13.27599 -7.44298  1.000 24.92838 ? 168 PHE A CE1 1 
ATOM   1359 C CE2 . PHE A 1 176 ? 0.07315   -15.34413 -6.66218  1.000 24.18932 ? 168 PHE A CE2 1 
ATOM   1360 C CZ  . PHE A 1 176 ? 0.59365   -14.08505 -6.39761  1.000 21.93927 ? 168 PHE A CZ  1 
ATOM   1361 O OXT . PHE A 1 176 ? 1.45491   -15.14338 -13.30970 1.000 29.59950 ? 168 PHE A OXT 1 
HETATM 1362 O O   . HOH B 2 .   ? 11.88573  -14.33305 -3.49943  1.000 40.06737 ? 201 HOH A O   1 
HETATM 1363 O O   . HOH B 2 .   ? 3.54865   0.41616   -17.21238 1.000 36.65335 ? 202 HOH A O   1 
HETATM 1364 O O   . HOH B 2 .   ? 4.12337   0.38857   11.33517  1.000 26.37953 ? 203 HOH A O   1 
HETATM 1365 O O   . HOH B 2 .   ? 15.20622  11.78959  1.51301   1.000 40.95816 ? 204 HOH A O   1 
HETATM 1366 O O   . HOH B 2 .   ? 12.47095  -5.89362  7.75368   1.000 38.62659 ? 205 HOH A O   1 
HETATM 1367 O O   . HOH B 2 .   ? -4.07624  -4.20724  -16.67580 1.000 39.13607 ? 206 HOH A O   1 
HETATM 1368 O O   . HOH B 2 .   ? 1.35778   -12.89990 15.88965  1.000 39.47826 ? 207 HOH A O   1 
HETATM 1369 O O   . HOH B 2 .   ? -5.47471  -7.28493  -14.78810 1.000 37.80468 ? 208 HOH A O   1 
HETATM 1370 O O   . HOH B 2 .   ? -14.65252 2.39946   1.73805   1.000 34.64928 ? 209 HOH A O   1 
HETATM 1371 O O   . HOH B 2 .   ? -11.01846 -6.14604  -11.12635 1.000 34.95887 ? 210 HOH A O   1 
HETATM 1372 O O   . HOH B 2 .   ? -6.38706  5.03685   -14.86286 1.000 34.39574 ? 211 HOH A O   1 
HETATM 1373 O O   . HOH B 2 .   ? 0.47685   9.87146   -18.20811 1.000 39.77442 ? 212 HOH A O   1 
HETATM 1374 O O   . HOH B 2 .   ? 13.08635  11.01457  9.90312   1.000 46.54164 ? 213 HOH A O   1 
HETATM 1375 O O   . HOH B 2 .   ? 7.75630   6.16570   -12.74569 1.000 38.26374 ? 214 HOH A O   1 
HETATM 1376 O O   . HOH B 2 .   ? 4.76017   4.75166   14.90062  1.000 27.98276 ? 215 HOH A O   1 
HETATM 1377 O O   . HOH B 2 .   ? -0.75256  8.35427   19.34165  1.000 32.69659 ? 216 HOH A O   1 
HETATM 1378 O O   . HOH B 2 .   ? 7.66104   -9.79900  4.14866   1.000 30.99447 ? 217 HOH A O   1 
HETATM 1379 O O   . HOH B 2 .   ? -2.87758  6.19659   11.58941  1.000 22.99192 ? 218 HOH A O   1 
HETATM 1380 O O   . HOH B 2 .   ? 9.53909   -12.94694 6.29251   1.000 33.47633 ? 219 HOH A O   1 
HETATM 1381 O O   . HOH B 2 .   ? -8.62724  -15.93647 0.18342   1.000 26.19329 ? 220 HOH A O   1 
HETATM 1382 O O   . HOH B 2 .   ? -6.57861  18.70132  2.86352   1.000 38.86631 ? 221 HOH A O   1 
HETATM 1383 O O   . HOH B 2 .   ? -8.62218  -18.74087 -6.21068  1.000 42.34354 ? 222 HOH A O   1 
HETATM 1384 O O   . HOH B 2 .   ? 0.46704   10.58470  8.28122   1.000 27.56290 ? 223 HOH A O   1 
HETATM 1385 O O   . HOH B 2 .   ? 5.70087   7.77347   -18.42173 1.000 48.84685 ? 224 HOH A O   1 
HETATM 1386 O O   . HOH B 2 .   ? -8.37915  10.97500  -4.84227  1.000 22.12247 ? 225 HOH A O   1 
HETATM 1387 O O   . HOH B 2 .   ? 10.30311  -15.78421 -9.72978  1.000 24.04052 ? 226 HOH A O   1 
HETATM 1388 O O   . HOH B 2 .   ? 4.04983   -11.53842 -14.17678 1.000 29.31937 ? 227 HOH A O   1 
HETATM 1389 O O   . HOH B 2 .   ? 0.54534   15.68503  -2.52162  1.000 37.76828 ? 228 HOH A O   1 
HETATM 1390 O O   . HOH B 2 .   ? 11.79716  -4.71528  4.19333   1.000 38.86602 ? 229 HOH A O   1 
HETATM 1391 O O   . HOH B 2 .   ? -5.93713  5.84654   18.66612  1.000 30.72911 ? 230 HOH A O   1 
HETATM 1392 O O   . HOH B 2 .   ? 13.95425  8.21002   15.68159  1.000 42.44785 ? 231 HOH A O   1 
HETATM 1393 O O   . HOH B 2 .   ? 13.50454  -4.43637  15.37368  1.000 31.10192 ? 232 HOH A O   1 
HETATM 1394 O O   . HOH B 2 .   ? -12.75760 -2.94779  -5.65621  1.000 26.27888 ? 233 HOH A O   1 
HETATM 1395 O O   . HOH B 2 .   ? 1.03531   -11.98380 -14.30944 1.000 32.16550 ? 234 HOH A O   1 
HETATM 1396 O O   . HOH B 2 .   ? -12.35715 7.59130   8.93989   1.000 34.82359 ? 235 HOH A O   1 
HETATM 1397 O O   . HOH B 2 .   ? 10.95527  -0.29223  -3.45422  1.000 37.09448 ? 236 HOH A O   1 
HETATM 1398 O O   . HOH B 2 .   ? -4.76627  10.74774  13.48336  1.000 33.72604 ? 237 HOH A O   1 
HETATM 1399 O O   . HOH B 2 .   ? 3.92617   -13.90819 9.53466   1.000 33.26660 ? 238 HOH A O   1 
HETATM 1400 O O   . HOH B 2 .   ? -10.77325 2.51876   3.33153   1.000 20.75835 ? 239 HOH A O   1 
HETATM 1401 O O   . HOH B 2 .   ? -3.82158  15.88432  3.53715   1.000 32.09706 ? 240 HOH A O   1 
HETATM 1402 O O   . HOH B 2 .   ? 10.11128  -4.96578  -13.23611 1.000 34.73961 ? 241 HOH A O   1 
HETATM 1403 O O   . HOH B 2 .   ? -2.52595  3.88255   7.89682   1.000 20.23654 ? 242 HOH A O   1 
HETATM 1404 O O   . HOH B 2 .   ? 6.29910   -18.18532 -4.44884  1.000 28.41880 ? 243 HOH A O   1 
HETATM 1405 O O   . HOH B 2 .   ? 4.72256   14.83340  -15.23276 1.000 48.29140 ? 244 HOH A O   1 
HETATM 1406 O O   . HOH B 2 .   ? -12.00911 8.79476   6.17911   1.000 27.13033 ? 245 HOH A O   1 
HETATM 1407 O O   . HOH B 2 .   ? -7.95856  -6.54116  8.79735   1.000 23.40231 ? 246 HOH A O   1 
HETATM 1408 O O   . HOH B 2 .   ? -9.51935  0.24161   -11.81993 1.000 25.04514 ? 247 HOH A O   1 
HETATM 1409 O O   . HOH B 2 .   ? 1.44599   4.35137   -17.93468 1.000 39.28211 ? 248 HOH A O   1 
HETATM 1410 O O   . HOH B 2 .   ? 1.64577   12.74065  1.87836   1.000 26.11617 ? 249 HOH A O   1 
HETATM 1411 O O   . HOH B 2 .   ? -13.30593 -12.95019 -4.54714  1.000 41.41483 ? 250 HOH A O   1 
HETATM 1412 O O   . HOH B 2 .   ? -8.22204  10.12901  -14.32160 1.000 32.77137 ? 251 HOH A O   1 
HETATM 1413 O O   . HOH B 2 .   ? -4.57599  -7.77793  14.84972  1.000 24.38119 ? 252 HOH A O   1 
HETATM 1414 O O   . HOH B 2 .   ? -17.45858 5.57778   -4.53013  1.000 37.04451 ? 253 HOH A O   1 
HETATM 1415 O O   . HOH B 2 .   ? 1.19870   17.16729  -17.23243 1.000 48.60172 ? 254 HOH A O   1 
HETATM 1416 O O   . HOH B 2 .   ? 7.80221   -5.62655  15.93940  1.000 25.08305 ? 255 HOH A O   1 
HETATM 1417 O O   . HOH B 2 .   ? -4.47397  14.94701  8.19081   1.000 37.28798 ? 256 HOH A O   1 
HETATM 1418 O O   . HOH B 2 .   ? 10.14765  -12.55413 -8.02826  1.000 31.98113 ? 257 HOH A O   1 
HETATM 1419 O O   . HOH B 2 .   ? 11.51165  10.50347  4.52916   1.000 41.72991 ? 258 HOH A O   1 
HETATM 1420 O O   . HOH B 2 .   ? -12.75899 -5.42222  -8.16973  1.000 34.40898 ? 259 HOH A O   1 
HETATM 1421 O O   . HOH B 2 .   ? -3.91109  -14.93810 11.02981  1.000 32.68992 ? 260 HOH A O   1 
HETATM 1422 O O   . HOH B 2 .   ? -16.05336 2.81173   -10.53159 1.000 40.52032 ? 261 HOH A O   1 
HETATM 1423 O O   . HOH B 2 .   ? 4.64263   3.13110   17.26065  1.000 38.10002 ? 262 HOH A O   1 
HETATM 1424 O O   . HOH B 2 .   ? 6.65917   7.52172   0.99814   1.000 23.61933 ? 263 HOH A O   1 
HETATM 1425 O O   . HOH B 2 .   ? 14.17435  -3.66485  -6.26196  1.000 47.31763 ? 264 HOH A O   1 
HETATM 1426 O O   . HOH B 2 .   ? -1.74985  -14.38728 11.65771  1.000 37.38562 ? 265 HOH A O   1 
HETATM 1427 O O   . HOH B 2 .   ? -2.64528  -5.37118  16.66291  1.000 26.33993 ? 266 HOH A O   1 
HETATM 1428 O O   . HOH B 2 .   ? -13.03739 6.11876   -12.41429 1.000 33.37672 ? 267 HOH A O   1 
HETATM 1429 O O   . HOH B 2 .   ? 5.36919   -11.70304 11.19331  1.000 26.26239 ? 268 HOH A O   1 
HETATM 1430 O O   . HOH B 2 .   ? -6.75133  12.82689  -1.21278  1.000 26.56798 ? 269 HOH A O   1 
HETATM 1431 O O   . HOH B 2 .   ? -11.43509 -14.79990 -7.13704  1.000 40.44138 ? 270 HOH A O   1 
HETATM 1432 O O   . HOH B 2 .   ? 14.12333  0.89797   -1.82359  1.000 42.79026 ? 271 HOH A O   1 
HETATM 1433 O O   . HOH B 2 .   ? 0.69527   -7.22378  19.00442  1.000 33.87571 ? 272 HOH A O   1 
HETATM 1434 O O   . HOH B 2 .   ? -9.00830  -7.58094  -13.57344 1.000 41.02257 ? 273 HOH A O   1 
HETATM 1435 O O   . HOH B 2 .   ? -4.85606  1.67364   19.59361  1.000 34.52387 ? 274 HOH A O   1 
HETATM 1436 O O   . HOH B 2 .   ? -6.27384  1.40836   -12.62689 1.000 23.77062 ? 275 HOH A O   1 
HETATM 1437 O O   . HOH B 2 .   ? -1.29836  -9.17473  -13.22764 1.000 25.94737 ? 276 HOH A O   1 
HETATM 1438 O O   . HOH B 2 .   ? -6.36622  12.99325  10.68636  1.000 35.81312 ? 277 HOH A O   1 
HETATM 1439 O O   . HOH B 2 .   ? 2.66159   -3.47745  -10.92338 1.000 26.20190 ? 278 HOH A O   1 
HETATM 1440 O O   . HOH B 2 .   ? 10.89628  10.37964  10.56846  1.000 39.25130 ? 279 HOH A O   1 
HETATM 1441 O O   . HOH B 2 .   ? -8.67598  10.86805  9.25261   1.000 36.08947 ? 280 HOH A O   1 
HETATM 1442 O O   . HOH B 2 .   ? -1.13205  -16.14348 7.89030   1.000 32.20079 ? 281 HOH A O   1 
HETATM 1443 O O   . HOH B 2 .   ? -8.42748  -2.58251  -13.70605 1.000 34.20033 ? 282 HOH A O   1 
HETATM 1444 O O   . HOH B 2 .   ? -15.33390 10.17827  -2.88129  1.000 35.37604 ? 283 HOH A O   1 
HETATM 1445 O O   . HOH B 2 .   ? -5.50782  17.29699  -5.37387  1.000 34.67730 ? 284 HOH A O   1 
HETATM 1446 O O   . HOH B 2 .   ? 18.43319  8.16390   1.85623   0.50  42.25107 ? 285 HOH A O   1 
HETATM 1447 O O   . HOH B 2 .   ? -12.19181 -2.74295  14.84069  1.000 33.65341 ? 286 HOH A O   1 
HETATM 1448 O O   . HOH B 2 .   ? 7.67404   -6.32226  -1.83457  1.000 29.15015 ? 287 HOH A O   1 
HETATM 1449 O O   . HOH B 2 .   ? 13.70010  3.14685   -8.44546  1.000 38.83875 ? 288 HOH A O   1 
HETATM 1450 O O   . HOH B 2 .   ? 7.16526   9.84288   -0.69077  1.000 37.50420 ? 289 HOH A O   1 
HETATM 1451 O O   . HOH B 2 .   ? -9.09838  -12.64155 -8.98010  1.000 32.99475 ? 290 HOH A O   1 
HETATM 1452 O O   . HOH B 2 .   ? 16.71332  9.71799   -3.47975  1.000 39.67996 ? 291 HOH A O   1 
HETATM 1453 O O   . HOH B 2 .   ? -2.61853  12.93265  12.57355  1.000 36.87231 ? 292 HOH A O   1 
HETATM 1454 O O   . HOH B 2 .   ? -13.03967 13.56815  -7.40681  1.000 29.39745 ? 293 HOH A O   1 
HETATM 1455 O O   . HOH B 2 .   ? 12.12869  -7.98267  -7.27933  1.000 46.04745 ? 294 HOH A O   1 
HETATM 1456 O O   . HOH B 2 .   ? 1.43459   12.99358  11.81427  1.000 34.98544 ? 295 HOH A O   1 
HETATM 1457 O O   . HOH B 2 .   ? 12.68562  -3.06873  8.41203   1.000 33.74447 ? 296 HOH A O   1 
HETATM 1458 O O   . HOH B 2 .   ? -7.72845  -15.83606 -8.62030  1.000 31.56022 ? 297 HOH A O   1 
HETATM 1459 O O   . HOH B 2 .   ? 1.01089   11.81016  16.54248  1.000 32.36404 ? 298 HOH A O   1 
HETATM 1460 O O   . HOH B 2 .   ? 11.94650  -1.47050  2.40832   1.000 35.92956 ? 299 HOH A O   1 
HETATM 1461 O O   . HOH B 2 .   ? -9.40805  12.56333  0.83528   1.000 27.91833 ? 300 HOH A O   1 
HETATM 1462 O O   . HOH B 2 .   ? -5.75137  9.14668   -19.28148 1.000 45.61245 ? 301 HOH A O   1 
HETATM 1463 O O   . HOH B 2 .   ? -10.74597 10.74233  -1.07963  1.000 27.34145 ? 302 HOH A O   1 
HETATM 1464 O O   . HOH B 2 .   ? -11.46727 -10.73087 7.01179   1.000 27.13557 ? 303 HOH A O   1 
HETATM 1465 O O   . HOH B 2 .   ? -8.68082  11.30999  6.92505   1.000 28.67856 ? 304 HOH A O   1 
HETATM 1466 O O   . HOH B 2 .   ? 15.96092  2.98102   11.83691  1.000 40.57851 ? 305 HOH A O   1 
HETATM 1467 O O   . HOH B 2 .   ? 10.64253  -5.04505  -5.10682  1.000 41.35418 ? 306 HOH A O   1 
HETATM 1468 O O   . HOH B 2 .   ? -6.55797  -17.63146 2.73566   1.000 38.37038 ? 307 HOH A O   1 
HETATM 1469 O O   . HOH B 2 .   ? -14.07648 -9.89848  3.18265   1.000 38.92806 ? 308 HOH A O   1 
HETATM 1470 O O   . HOH B 2 .   ? -15.08693 9.89742   0.63236   1.000 35.65953 ? 309 HOH A O   1 
HETATM 1471 O O   . HOH B 2 .   ? 7.82492   -17.39643 -2.72699  1.000 32.23880 ? 310 HOH A O   1 
HETATM 1472 O O   . HOH B 2 .   ? 4.86834   10.55109  -8.02592  1.000 32.30457 ? 311 HOH A O   1 
HETATM 1473 O O   . HOH B 2 .   ? -2.44752  4.63270   19.88943  1.000 39.56170 ? 312 HOH A O   1 
HETATM 1474 O O   . HOH B 2 .   ? 10.29959  -7.00043  -1.55023  1.000 36.54534 ? 313 HOH A O   1 
HETATM 1475 O O   . HOH B 2 .   ? 7.98446   10.95334  6.05620   1.000 33.99829 ? 314 HOH A O   1 
HETATM 1476 O O   . HOH B 2 .   ? -0.64392  -11.08880 -21.10709 1.000 38.19278 ? 315 HOH A O   1 
HETATM 1477 O O   . HOH B 2 .   ? -7.40027  7.80070   -13.72102 1.000 34.29978 ? 316 HOH A O   1 
HETATM 1478 O O   . HOH B 2 .   ? -3.88957  16.04955  -11.35002 1.000 30.77841 ? 317 HOH A O   1 
HETATM 1479 O O   . HOH B 2 .   ? 8.02020   -12.48309 4.10374   1.000 28.45789 ? 318 HOH A O   1 
HETATM 1480 O O   . HOH B 2 .   ? 10.18751  0.84228   17.20316  1.000 38.14346 ? 319 HOH A O   1 
HETATM 1481 O O   . HOH B 2 .   ? -18.36145 3.49185   4.71833   1.000 40.14808 ? 320 HOH A O   1 
HETATM 1482 O O   . HOH B 2 .   ? -2.01178  -12.74965 13.91977  1.000 37.83709 ? 321 HOH A O   1 
HETATM 1483 O O   . HOH B 2 .   ? -7.48454  -17.36678 -14.13075 1.000 36.54875 ? 322 HOH A O   1 
HETATM 1484 O O   . HOH B 2 .   ? -9.10589  -16.87932 -12.17214 1.000 45.37274 ? 323 HOH A O   1 
HETATM 1485 O O   . HOH B 2 .   ? -13.60506 -10.23054 -1.50112  1.000 43.75206 ? 324 HOH A O   1 
HETATM 1486 O O   . HOH B 2 .   ? 2.22919   -9.54881  -21.58135 1.000 40.58291 ? 325 HOH A O   1 
HETATM 1487 O O   . HOH B 2 .   ? 11.02116  -5.33099  -8.23812  1.000 40.29693 ? 326 HOH A O   1 
HETATM 1488 O O   . HOH B 2 .   ? -7.60959  14.34132  5.73962   1.000 38.53255 ? 327 HOH A O   1 
HETATM 1489 O O   . HOH B 2 .   ? -9.30039  -7.78730  10.35594  1.000 33.25222 ? 328 HOH A O   1 
HETATM 1490 O O   . HOH B 2 .   ? 19.17643  6.09996   2.09303   1.000 43.10491 ? 329 HOH A O   1 
HETATM 1491 O O   . HOH B 2 .   ? 13.83161  -5.53473  4.69834   1.000 42.83258 ? 330 HOH A O   1 
HETATM 1492 O O   . HOH B 2 .   ? 5.02620   13.45167  -4.01850  1.000 40.34458 ? 331 HOH A O   1 
HETATM 1493 O O   . HOH B 2 .   ? 5.83536   4.63415   -16.63505 1.000 39.82599 ? 332 HOH A O   1 
HETATM 1494 O O   . HOH B 2 .   ? -13.71931 -1.80720  -0.11345  1.000 36.59659 ? 333 HOH A O   1 
HETATM 1495 O O   . HOH B 2 .   ? -11.00042 -13.64988 7.08034   1.000 42.00660 ? 334 HOH A O   1 
HETATM 1496 O O   . HOH B 2 .   ? -11.54964 11.22278  5.77949   1.000 34.40219 ? 335 HOH A O   1 
HETATM 1497 O O   . HOH B 2 .   ? -3.94697  -1.49602  19.65651  1.000 40.09463 ? 336 HOH A O   1 
HETATM 1498 O O   . HOH B 2 .   ? 3.31714   12.67396  6.64222   1.000 39.54739 ? 337 HOH A O   1 
HETATM 1499 O O   . HOH B 2 .   ? -15.05254 -8.13362  6.54141   1.000 43.43169 ? 338 HOH A O   1 
HETATM 1500 O O   . HOH B 2 .   ? 4.28281   -9.76471  -18.58659 1.000 40.36664 ? 339 HOH A O   1 
HETATM 1501 O O   . HOH B 2 .   ? 10.44322  -2.03772  17.65653  1.000 40.27466 ? 340 HOH A O   1 
HETATM 1502 O O   . HOH B 2 .   ? -7.95965  -18.04353 -10.14728 1.000 37.31626 ? 341 HOH A O   1 
HETATM 1503 O O   . HOH B 2 .   ? -9.85248  14.93743  4.19755   1.000 38.11220 ? 342 HOH A O   1 
HETATM 1504 O O   . HOH B 2 .   ? 3.04849   13.93631  4.45192   1.000 40.79640 ? 343 HOH A O   1 
HETATM 1505 O O   . HOH B 2 .   ? 9.71946   -13.11002 1.69535   1.000 37.81848 ? 344 HOH A O   1 
HETATM 1506 O O   . HOH B 2 .   ? 3.24126   14.28060  -1.85436  1.000 40.40546 ? 345 HOH A O   1 
HETATM 1507 O O   . HOH B 2 .   ? 15.60974  -2.05345  11.53057  1.000 33.43672 ? 346 HOH A O   1 
HETATM 1508 O O   . HOH B 2 .   ? -13.64369 -10.02440 5.56196   1.000 35.72625 ? 347 HOH A O   1 
HETATM 1509 O O   . HOH B 2 .   ? -4.58139  19.04363  -8.71533  1.000 44.32343 ? 348 HOH A O   1 
HETATM 1510 O O   . HOH B 2 .   ? -11.07040 12.52275  3.35910   1.000 31.26323 ? 349 HOH A O   1 
HETATM 1511 O O   . HOH B 2 .   ? 19.07190  4.49003   0.19401   1.000 48.25550 ? 350 HOH A O   1 
HETATM 1512 O O   . HOH B 2 .   ? -11.18891 10.28448  -3.80675  1.000 32.17948 ? 351 HOH A O   1 
HETATM 1513 O O   . HOH B 2 .   ? 3.72160   12.43160  0.17626   1.000 33.63921 ? 352 HOH A O   1 
HETATM 1514 O O   . HOH B 2 .   ? 5.55853   -11.46980 -16.28141 1.000 37.58429 ? 353 HOH A O   1 
HETATM 1515 O O   . HOH B 2 .   ? 16.93998  -0.04380  11.62599  1.000 38.76861 ? 354 HOH A O   1 
HETATM 1516 O O   . HOH B 2 .   ? -2.84190  13.91582  10.36856  1.000 42.89113 ? 355 HOH A O   1 
HETATM 1517 O O   . HOH B 2 .   ? 15.35694  -3.21414  9.08568   1.000 37.79719 ? 356 HOH A O   1 
HETATM 1518 O O   . HOH B 2 .   ? -10.09849 -4.39724  -13.55896 1.000 43.39422 ? 357 HOH A O   1 
HETATM 1519 O O   . HOH B 2 .   ? -0.43181  12.88138  9.52687   1.000 38.82838 ? 358 HOH A O   1 
HETATM 1520 O O   . HOH B 2 .   ? 15.76194  -3.55411  13.84288  1.000 35.83445 ? 359 HOH A O   1 
HETATM 1521 O O   . HOH B 2 .   ? -10.29244 -0.39583  -14.35353 1.000 34.00158 ? 360 HOH A O   1 
HETATM 1522 O O   . HOH B 2 .   ? -10.07043 -14.63956 -9.57185  1.000 39.67652 ? 361 HOH A O   1 
HETATM 1523 O O   . HOH B 2 .   ? -14.94692 8.58985   4.88599   1.000 39.33175 ? 362 HOH A O   1 
HETATM 1524 O O   . HOH B 2 .   ? 0.58136   11.15044  19.03288  1.000 39.86720 ? 363 HOH A O   1 
HETATM 1525 O O   . HOH B 2 .   ? -7.99884  13.51418  -3.87343  1.000 33.79669 ? 364 HOH A O   1 
HETATM 1526 O O   . HOH B 2 .   ? 2.15923   -15.00043 14.97397  1.000 43.27159 ? 365 HOH A O   1 
HETATM 1527 O O   . HOH B 2 .   ? 3.36746   -15.11165 12.44614  1.000 42.70580 ? 366 HOH A O   1 
HETATM 1528 O O   . HOH B 2 .   ? 3.51346   11.10312  19.97089  1.000 45.91148 ? 367 HOH A O   1 
HETATM 1529 O O   . HOH B 2 .   ? 12.60421  -2.09354  5.80458   1.000 38.04206 ? 368 HOH A O   1 
HETATM 1530 O O   . HOH B 2 .   ? -15.85823 4.11508   -14.18700 1.000 41.10311 ? 369 HOH A O   1 
HETATM 1531 O O   . HOH B 2 .   ? 16.20391  -6.02641  9.78069   1.000 41.47863 ? 370 HOH A O   1 
HETATM 1532 O O   . HOH B 2 .   ? -13.50273 12.96752  2.34681   1.000 40.69311 ? 371 HOH A O   1 
# 
